data_3APA
# 
_entry.id   3APA 
# 
_audit_conform.dict_name       mmcif_pdbx.dic 
_audit_conform.dict_version    5.380 
_audit_conform.dict_location   http://mmcif.pdb.org/dictionaries/ascii/mmcif_pdbx.dic 
# 
loop_
_database_2.database_id 
_database_2.database_code 
_database_2.pdbx_database_accession 
_database_2.pdbx_DOI 
PDB   3APA         pdb_00003apa 10.2210/pdb3apa/pdb 
RCSB  RCSB029529   ?            ?                   
WWPDB D_1000029529 ?            ?                   
# 
_pdbx_database_related.db_name        PDB 
_pdbx_database_related.db_id          3AQG 
_pdbx_database_related.details        . 
_pdbx_database_related.content_type   unspecified 
# 
_pdbx_database_status.status_code                     REL 
_pdbx_database_status.entry_id                        3APA 
_pdbx_database_status.recvd_initial_deposition_date   2010-10-13 
_pdbx_database_status.deposit_site                    PDBJ 
_pdbx_database_status.process_site                    PDBJ 
_pdbx_database_status.status_code_sf                  REL 
_pdbx_database_status.status_code_mr                  ? 
_pdbx_database_status.SG_entry                        ? 
_pdbx_database_status.status_code_cs                  ? 
_pdbx_database_status.pdb_format_compatible           Y 
_pdbx_database_status.status_code_nmr_data            ? 
_pdbx_database_status.methods_development_category    ? 
# 
loop_
_audit_author.name 
_audit_author.pdbx_ordinal 
'Kanagawa, M.'      1 
'Satoh, T.'         2 
'Nakano, Y.'        3 
'Kojima-Aikawa, K.' 4 
'Yamaguchi, Y.'     5 
# 
_citation.id                        primary 
_citation.title                     
'Crystal structures of human secretory proteins ZG16p and ZG16b reveal a Jacalin-related beta-prism fold' 
_citation.journal_abbrev            Biochem.Biophys.Res.Commun. 
_citation.journal_volume            ? 
_citation.page_first                ? 
_citation.page_last                 ? 
_citation.year                      2010 
_citation.journal_id_ASTM           BBRCA9 
_citation.country                   US 
_citation.journal_id_ISSN           1090-2104 
_citation.journal_id_CSD            0146 
_citation.book_publisher            ? 
_citation.pdbx_database_id_PubMed   21110947 
_citation.pdbx_database_id_DOI      10.1016/j.bbrc.2010.11.093 
# 
loop_
_citation_author.citation_id 
_citation_author.name 
_citation_author.ordinal 
_citation_author.identifier_ORCID 
primary 'Kanagawa, M.'      1 ? 
primary 'Satoh, T.'         2 ? 
primary 'Ikeda, A.'         3 ? 
primary 'Nakano, Y.'        4 ? 
primary 'Yagi, H.'          5 ? 
primary 'Kato, K.'          6 ? 
primary 'Kojima-Aikawa, K.' 7 ? 
primary 'Yamaguchi, Y.'     8 ? 
# 
_cell.entry_id           3APA 
_cell.length_a           58.880 
_cell.length_b           73.217 
_cell.length_c           30.096 
_cell.angle_alpha        90.0 
_cell.angle_beta         90.0 
_cell.angle_gamma        90.0 
_cell.Z_PDB              4 
_cell.pdbx_unique_axis   ? 
_cell.length_a_esd       ? 
_cell.length_b_esd       ? 
_cell.length_c_esd       ? 
_cell.angle_alpha_esd    ? 
_cell.angle_beta_esd     ? 
_cell.angle_gamma_esd    ? 
# 
_symmetry.entry_id                         3APA 
_symmetry.space_group_name_H-M             'P 21 21 2' 
_symmetry.pdbx_full_space_group_name_H-M   ? 
_symmetry.cell_setting                     ? 
_symmetry.Int_Tables_number                18 
_symmetry.space_group_name_Hall            ? 
# 
loop_
_entity.id 
_entity.type 
_entity.src_method 
_entity.pdbx_description 
_entity.formula_weight 
_entity.pdbx_number_of_molecules 
_entity.pdbx_ec 
_entity.pdbx_mutation 
_entity.pdbx_fragment 
_entity.details 
1 polymer     man 'Zymogen granule membrane protein 16' 15501.401 1   ? ? 'UNP residues 21-159' ? 
2 non-polymer syn GLYCEROL                              92.094    1   ? ? ?                     ? 
3 non-polymer syn 'CHLORIDE ION'                        35.453    1   ? ? ?                     ? 
4 water       nat water                                 18.015    124 ? ? ?                     ? 
# 
_entity_name_com.entity_id   1 
_entity_name_com.name        'Zymogen granule protein 16, Secretory lectin ZG16' 
# 
_entity_poly.entity_id                      1 
_entity_poly.type                           'polypeptide(L)' 
_entity_poly.nstd_linkage                   no 
_entity_poly.nstd_monomer                   no 
_entity_poly.pdbx_seq_one_letter_code       
;GSARSSSYSGEYGSGGGKRFSHSGNQLDGPITALRVRVNTYYIVGLQVRYGKVWSDYVGGRNGDLEEIFLHPGESVIQVS
GKYKWYLKKLVFVTDKGRYLSFGKDSGTSFNAVPLHPNTVLRFISGRSGSLIDAIGLHWDV
;
_entity_poly.pdbx_seq_one_letter_code_can   
;GSARSSSYSGEYGSGGGKRFSHSGNQLDGPITALRVRVNTYYIVGLQVRYGKVWSDYVGGRNGDLEEIFLHPGESVIQVS
GKYKWYLKKLVFVTDKGRYLSFGKDSGTSFNAVPLHPNTVLRFISGRSGSLIDAIGLHWDV
;
_entity_poly.pdbx_strand_id                 A 
_entity_poly.pdbx_target_identifier         ? 
# 
loop_
_entity_poly_seq.entity_id 
_entity_poly_seq.num 
_entity_poly_seq.mon_id 
_entity_poly_seq.hetero 
1 1   GLY n 
1 2   SER n 
1 3   ALA n 
1 4   ARG n 
1 5   SER n 
1 6   SER n 
1 7   SER n 
1 8   TYR n 
1 9   SER n 
1 10  GLY n 
1 11  GLU n 
1 12  TYR n 
1 13  GLY n 
1 14  SER n 
1 15  GLY n 
1 16  GLY n 
1 17  GLY n 
1 18  LYS n 
1 19  ARG n 
1 20  PHE n 
1 21  SER n 
1 22  HIS n 
1 23  SER n 
1 24  GLY n 
1 25  ASN n 
1 26  GLN n 
1 27  LEU n 
1 28  ASP n 
1 29  GLY n 
1 30  PRO n 
1 31  ILE n 
1 32  THR n 
1 33  ALA n 
1 34  LEU n 
1 35  ARG n 
1 36  VAL n 
1 37  ARG n 
1 38  VAL n 
1 39  ASN n 
1 40  THR n 
1 41  TYR n 
1 42  TYR n 
1 43  ILE n 
1 44  VAL n 
1 45  GLY n 
1 46  LEU n 
1 47  GLN n 
1 48  VAL n 
1 49  ARG n 
1 50  TYR n 
1 51  GLY n 
1 52  LYS n 
1 53  VAL n 
1 54  TRP n 
1 55  SER n 
1 56  ASP n 
1 57  TYR n 
1 58  VAL n 
1 59  GLY n 
1 60  GLY n 
1 61  ARG n 
1 62  ASN n 
1 63  GLY n 
1 64  ASP n 
1 65  LEU n 
1 66  GLU n 
1 67  GLU n 
1 68  ILE n 
1 69  PHE n 
1 70  LEU n 
1 71  HIS n 
1 72  PRO n 
1 73  GLY n 
1 74  GLU n 
1 75  SER n 
1 76  VAL n 
1 77  ILE n 
1 78  GLN n 
1 79  VAL n 
1 80  SER n 
1 81  GLY n 
1 82  LYS n 
1 83  TYR n 
1 84  LYS n 
1 85  TRP n 
1 86  TYR n 
1 87  LEU n 
1 88  LYS n 
1 89  LYS n 
1 90  LEU n 
1 91  VAL n 
1 92  PHE n 
1 93  VAL n 
1 94  THR n 
1 95  ASP n 
1 96  LYS n 
1 97  GLY n 
1 98  ARG n 
1 99  TYR n 
1 100 LEU n 
1 101 SER n 
1 102 PHE n 
1 103 GLY n 
1 104 LYS n 
1 105 ASP n 
1 106 SER n 
1 107 GLY n 
1 108 THR n 
1 109 SER n 
1 110 PHE n 
1 111 ASN n 
1 112 ALA n 
1 113 VAL n 
1 114 PRO n 
1 115 LEU n 
1 116 HIS n 
1 117 PRO n 
1 118 ASN n 
1 119 THR n 
1 120 VAL n 
1 121 LEU n 
1 122 ARG n 
1 123 PHE n 
1 124 ILE n 
1 125 SER n 
1 126 GLY n 
1 127 ARG n 
1 128 SER n 
1 129 GLY n 
1 130 SER n 
1 131 LEU n 
1 132 ILE n 
1 133 ASP n 
1 134 ALA n 
1 135 ILE n 
1 136 GLY n 
1 137 LEU n 
1 138 HIS n 
1 139 TRP n 
1 140 ASP n 
1 141 VAL n 
# 
_entity_src_gen.entity_id                          1 
_entity_src_gen.pdbx_src_id                        1 
_entity_src_gen.pdbx_alt_source_flag               sample 
_entity_src_gen.pdbx_seq_type                      ? 
_entity_src_gen.pdbx_beg_seq_num                   ? 
_entity_src_gen.pdbx_end_seq_num                   ? 
_entity_src_gen.gene_src_common_name               human 
_entity_src_gen.gene_src_genus                     ? 
_entity_src_gen.pdbx_gene_src_gene                 ZG16 
_entity_src_gen.gene_src_species                   ? 
_entity_src_gen.gene_src_strain                    ? 
_entity_src_gen.gene_src_tissue                    ? 
_entity_src_gen.gene_src_tissue_fraction           ? 
_entity_src_gen.gene_src_details                   ? 
_entity_src_gen.pdbx_gene_src_fragment             ? 
_entity_src_gen.pdbx_gene_src_scientific_name      'Homo sapiens' 
_entity_src_gen.pdbx_gene_src_ncbi_taxonomy_id     9606 
_entity_src_gen.pdbx_gene_src_variant              ? 
_entity_src_gen.pdbx_gene_src_cell_line            ? 
_entity_src_gen.pdbx_gene_src_atcc                 ? 
_entity_src_gen.pdbx_gene_src_organ                ? 
_entity_src_gen.pdbx_gene_src_organelle            ? 
_entity_src_gen.pdbx_gene_src_cell                 ? 
_entity_src_gen.pdbx_gene_src_cellular_location    ? 
_entity_src_gen.host_org_common_name               ? 
_entity_src_gen.pdbx_host_org_scientific_name      'Escherichia coli' 
_entity_src_gen.pdbx_host_org_ncbi_taxonomy_id     562 
_entity_src_gen.host_org_genus                     ? 
_entity_src_gen.pdbx_host_org_gene                 ? 
_entity_src_gen.pdbx_host_org_organ                ? 
_entity_src_gen.host_org_species                   ? 
_entity_src_gen.pdbx_host_org_tissue               ? 
_entity_src_gen.pdbx_host_org_tissue_fraction      ? 
_entity_src_gen.pdbx_host_org_strain               'BL21(DE3)' 
_entity_src_gen.pdbx_host_org_variant              ? 
_entity_src_gen.pdbx_host_org_cell_line            ? 
_entity_src_gen.pdbx_host_org_atcc                 ? 
_entity_src_gen.pdbx_host_org_culture_collection   ? 
_entity_src_gen.pdbx_host_org_cell                 ? 
_entity_src_gen.pdbx_host_org_organelle            ? 
_entity_src_gen.pdbx_host_org_cellular_location    ? 
_entity_src_gen.pdbx_host_org_vector_type          plasmid 
_entity_src_gen.pdbx_host_org_vector               ? 
_entity_src_gen.host_org_details                   ? 
_entity_src_gen.expression_system_id               ? 
_entity_src_gen.plasmid_name                       'pCold-I(MBP fusion)' 
_entity_src_gen.plasmid_details                    ? 
_entity_src_gen.pdbx_description                   ? 
# 
_struct_ref.id                         1 
_struct_ref.db_name                    UNP 
_struct_ref.db_code                    ZG16_HUMAN 
_struct_ref.pdbx_db_accession          O60844 
_struct_ref.entity_id                  1 
_struct_ref.pdbx_seq_one_letter_code   
;ARSSSYSGEYGSGGGKRFSHSGNQLDGPITALRVRVNTYYIVGLQVRYGKVWSDYVGGRNGDLEEIFLHPGESVIQVSGK
YKWYLKKLVFVTDKGRYLSFGKDSGTSFNAVPLHPNTVLRFISGRSGSLIDAIGLHWDV
;
_struct_ref.pdbx_align_begin           21 
_struct_ref.pdbx_db_isoform            ? 
# 
_struct_ref_seq.align_id                      1 
_struct_ref_seq.ref_id                        1 
_struct_ref_seq.pdbx_PDB_id_code              3APA 
_struct_ref_seq.pdbx_strand_id                A 
_struct_ref_seq.seq_align_beg                 3 
_struct_ref_seq.pdbx_seq_align_beg_ins_code   ? 
_struct_ref_seq.seq_align_end                 141 
_struct_ref_seq.pdbx_seq_align_end_ins_code   ? 
_struct_ref_seq.pdbx_db_accession             O60844 
_struct_ref_seq.db_align_beg                  21 
_struct_ref_seq.pdbx_db_align_beg_ins_code    ? 
_struct_ref_seq.db_align_end                  159 
_struct_ref_seq.pdbx_db_align_end_ins_code    ? 
_struct_ref_seq.pdbx_auth_seq_align_beg       21 
_struct_ref_seq.pdbx_auth_seq_align_end       159 
# 
loop_
_struct_ref_seq_dif.align_id 
_struct_ref_seq_dif.pdbx_pdb_id_code 
_struct_ref_seq_dif.mon_id 
_struct_ref_seq_dif.pdbx_pdb_strand_id 
_struct_ref_seq_dif.seq_num 
_struct_ref_seq_dif.pdbx_pdb_ins_code 
_struct_ref_seq_dif.pdbx_seq_db_name 
_struct_ref_seq_dif.pdbx_seq_db_accession_code 
_struct_ref_seq_dif.db_mon_id 
_struct_ref_seq_dif.pdbx_seq_db_seq_num 
_struct_ref_seq_dif.details 
_struct_ref_seq_dif.pdbx_auth_seq_num 
_struct_ref_seq_dif.pdbx_ordinal 
1 3APA GLY A 1 ? UNP O60844 ? ? 'expression tag' 19 1 
1 3APA SER A 2 ? UNP O60844 ? ? 'expression tag' 20 2 
# 
loop_
_chem_comp.id 
_chem_comp.type 
_chem_comp.mon_nstd_flag 
_chem_comp.name 
_chem_comp.pdbx_synonyms 
_chem_comp.formula 
_chem_comp.formula_weight 
ALA 'L-peptide linking' y ALANINE         ?                               'C3 H7 N O2'     89.093  
ARG 'L-peptide linking' y ARGININE        ?                               'C6 H15 N4 O2 1' 175.209 
ASN 'L-peptide linking' y ASPARAGINE      ?                               'C4 H8 N2 O3'    132.118 
ASP 'L-peptide linking' y 'ASPARTIC ACID' ?                               'C4 H7 N O4'     133.103 
CL  non-polymer         . 'CHLORIDE ION'  ?                               'Cl -1'          35.453  
GLN 'L-peptide linking' y GLUTAMINE       ?                               'C5 H10 N2 O3'   146.144 
GLU 'L-peptide linking' y 'GLUTAMIC ACID' ?                               'C5 H9 N O4'     147.129 
GLY 'peptide linking'   y GLYCINE         ?                               'C2 H5 N O2'     75.067  
GOL non-polymer         . GLYCEROL        'GLYCERIN; PROPANE-1,2,3-TRIOL' 'C3 H8 O3'       92.094  
HIS 'L-peptide linking' y HISTIDINE       ?                               'C6 H10 N3 O2 1' 156.162 
HOH non-polymer         . WATER           ?                               'H2 O'           18.015  
ILE 'L-peptide linking' y ISOLEUCINE      ?                               'C6 H13 N O2'    131.173 
LEU 'L-peptide linking' y LEUCINE         ?                               'C6 H13 N O2'    131.173 
LYS 'L-peptide linking' y LYSINE          ?                               'C6 H15 N2 O2 1' 147.195 
PHE 'L-peptide linking' y PHENYLALANINE   ?                               'C9 H11 N O2'    165.189 
PRO 'L-peptide linking' y PROLINE         ?                               'C5 H9 N O2'     115.130 
SER 'L-peptide linking' y SERINE          ?                               'C3 H7 N O3'     105.093 
THR 'L-peptide linking' y THREONINE       ?                               'C4 H9 N O3'     119.119 
TRP 'L-peptide linking' y TRYPTOPHAN      ?                               'C11 H12 N2 O2'  204.225 
TYR 'L-peptide linking' y TYROSINE        ?                               'C9 H11 N O3'    181.189 
VAL 'L-peptide linking' y VALINE          ?                               'C5 H11 N O2'    117.146 
# 
_exptl.entry_id          3APA 
_exptl.method            'X-RAY DIFFRACTION' 
_exptl.crystals_number   1 
# 
_exptl_crystal.id                    1 
_exptl_crystal.density_meas          ? 
_exptl_crystal.density_Matthews      2.09 
_exptl_crystal.density_percent_sol   41.23 
_exptl_crystal.description           ? 
_exptl_crystal.F_000                 ? 
_exptl_crystal.preparation           ? 
# 
_exptl_crystal_grow.crystal_id      1 
_exptl_crystal_grow.method          'VAPOR DIFFUSION, SITTING DROP' 
_exptl_crystal_grow.temp            293 
_exptl_crystal_grow.temp_details    ? 
_exptl_crystal_grow.pH              6.5 
_exptl_crystal_grow.pdbx_details    
;0.09M MES (pH 6.5), 0.09M sodium phosphate, 0.09M potassium phosphate, 1.8M sodium chloride, VAPOR DIFFUSION, SITTING DROP, temperature 293K
;
_exptl_crystal_grow.pdbx_pH_range   . 
# 
_diffrn.id                     1 
_diffrn.ambient_temp           100 
_diffrn.ambient_temp_details   ? 
_diffrn.crystal_id             1 
# 
_diffrn_detector.diffrn_id              1 
_diffrn_detector.detector               CCD 
_diffrn_detector.type                   'ADSC QUANTUM 210' 
_diffrn_detector.pdbx_collection_date   2009-06-09 
_diffrn_detector.details                ? 
# 
_diffrn_radiation.diffrn_id                        1 
_diffrn_radiation.wavelength_id                    1 
_diffrn_radiation.pdbx_monochromatic_or_laue_m_l   M 
_diffrn_radiation.monochromator                    'Si(111)' 
_diffrn_radiation.pdbx_diffrn_protocol             'SINGLE WAVELENGTH' 
_diffrn_radiation.pdbx_scattering_type             x-ray 
# 
_diffrn_radiation_wavelength.id           1 
_diffrn_radiation_wavelength.wavelength   1.0000 
_diffrn_radiation_wavelength.wt           1.0 
# 
_diffrn_source.diffrn_id                   1 
_diffrn_source.source                      SYNCHROTRON 
_diffrn_source.type                        'PHOTON FACTORY BEAMLINE AR-NW12A' 
_diffrn_source.pdbx_synchrotron_site       'Photon Factory' 
_diffrn_source.pdbx_synchrotron_beamline   AR-NW12A 
_diffrn_source.pdbx_wavelength             ? 
_diffrn_source.pdbx_wavelength_list        1.0000 
# 
_reflns.entry_id                     3APA 
_reflns.observed_criterion_sigma_I   ? 
_reflns.observed_criterion_sigma_F   ? 
_reflns.d_resolution_low             50 
_reflns.d_resolution_high            1.65 
_reflns.number_obs                   16473 
_reflns.number_all                   ? 
_reflns.percent_possible_obs         99.3 
_reflns.pdbx_Rmerge_I_obs            0.078 
_reflns.pdbx_Rsym_value              ? 
_reflns.pdbx_netI_over_sigmaI        30.3 
_reflns.B_iso_Wilson_estimate        ? 
_reflns.pdbx_redundancy              14.0 
_reflns.R_free_details               ? 
_reflns.limit_h_max                  ? 
_reflns.limit_h_min                  ? 
_reflns.limit_k_max                  ? 
_reflns.limit_k_min                  ? 
_reflns.limit_l_max                  ? 
_reflns.limit_l_min                  ? 
_reflns.observed_criterion_F_max     ? 
_reflns.observed_criterion_F_min     ? 
_reflns.pdbx_chi_squared             ? 
_reflns.pdbx_scaling_rejects         ? 
_reflns.pdbx_diffrn_id               1 
_reflns.pdbx_ordinal                 1 
# 
_reflns_shell.d_res_high                  1.65 
_reflns_shell.d_res_low                   1.68 
_reflns_shell.percent_possible_all        99.9 
_reflns_shell.Rmerge_I_obs                0.500 
_reflns_shell.pdbx_Rsym_value             ? 
_reflns_shell.meanI_over_sigI_obs         6.2 
_reflns_shell.pdbx_redundancy             13.8 
_reflns_shell.percent_possible_obs        ? 
_reflns_shell.number_unique_all           819 
_reflns_shell.number_measured_all         ? 
_reflns_shell.number_measured_obs         ? 
_reflns_shell.number_unique_obs           ? 
_reflns_shell.pdbx_chi_squared            ? 
_reflns_shell.pdbx_rejects                ? 
_reflns_shell.pdbx_netI_over_sigmaI_obs   ? 
_reflns_shell.number_possible             ? 
_reflns_shell.Rmerge_F_all                ? 
_reflns_shell.Rmerge_F_obs                ? 
_reflns_shell.Rmerge_I_all                ? 
_reflns_shell.meanI_over_sigI_all         ? 
_reflns_shell.pdbx_Rrim_I_all             ? 
_reflns_shell.pdbx_Rpim_I_all             ? 
_reflns_shell.pdbx_diffrn_id              ? 
_reflns_shell.pdbx_ordinal                1 
# 
_refine.entry_id                                 3APA 
_refine.ls_number_reflns_obs                     15353 
_refine.ls_number_reflns_all                     15353 
_refine.pdbx_ls_sigma_I                          ? 
_refine.pdbx_ls_sigma_F                          ? 
_refine.pdbx_data_cutoff_high_absF               ? 
_refine.pdbx_data_cutoff_low_absF                ? 
_refine.pdbx_data_cutoff_high_rms_absF           ? 
_refine.ls_d_res_low                             20.00 
_refine.ls_d_res_high                            1.65 
_refine.ls_percent_reflns_obs                    99.27 
_refine.ls_R_factor_obs                          0.20496 
_refine.ls_R_factor_all                          ? 
_refine.ls_R_factor_R_work                       0.20379 
_refine.ls_R_factor_R_free                       0.22703 
_refine.ls_R_factor_R_free_error                 ? 
_refine.ls_R_factor_R_free_error_details         ? 
_refine.ls_percent_reflns_R_free                 5.1 
_refine.ls_number_reflns_R_free                  817 
_refine.ls_number_parameters                     ? 
_refine.ls_number_restraints                     ? 
_refine.occupancy_min                            ? 
_refine.occupancy_max                            ? 
_refine.correlation_coeff_Fo_to_Fc               0.949 
_refine.correlation_coeff_Fo_to_Fc_free          0.937 
_refine.B_iso_mean                               18.748 
_refine.aniso_B[1][1]                            -0.73 
_refine.aniso_B[2][2]                            -0.54 
_refine.aniso_B[3][3]                            1.27 
_refine.aniso_B[1][2]                            0.00 
_refine.aniso_B[1][3]                            0.00 
_refine.aniso_B[2][3]                            0.00 
_refine.solvent_model_details                    MASK 
_refine.solvent_model_param_ksol                 ? 
_refine.solvent_model_param_bsol                 ? 
_refine.pdbx_solvent_vdw_probe_radii             1.40 
_refine.pdbx_solvent_ion_probe_radii             0.80 
_refine.pdbx_solvent_shrinkage_radii             0.80 
_refine.pdbx_ls_cross_valid_method               THROUGHOUT 
_refine.details                                  'HYDROGENS HAVE BEEN ADDED IN THE RIDING POSITIONS U VALUES: REFINED INDIVIDUALLY' 
_refine.pdbx_starting_model                      'PDB ENTRY 1C3K' 
_refine.pdbx_method_to_determine_struct          'MOLECULAR REPLACEMENT' 
_refine.pdbx_isotropic_thermal_model             ? 
_refine.pdbx_stereochemistry_target_values       'MAXIMUM LIKELIHOOD' 
_refine.pdbx_stereochem_target_val_spec_case     ? 
_refine.pdbx_R_Free_selection_details            RANDOM 
_refine.pdbx_overall_ESU_R_Free                  0.107 
_refine.overall_SU_ML                            0.068 
_refine.overall_SU_B                             1.998 
_refine.overall_SU_R_Cruickshank_DPI             ? 
_refine.ls_redundancy_reflns_obs                 ? 
_refine.B_iso_min                                ? 
_refine.B_iso_max                                ? 
_refine.overall_SU_R_free                        ? 
_refine.ls_wR_factor_R_free                      ? 
_refine.ls_wR_factor_R_work                      ? 
_refine.overall_FOM_free_R_set                   ? 
_refine.overall_FOM_work_R_set                   ? 
_refine.pdbx_refine_id                           'X-RAY DIFFRACTION' 
_refine.pdbx_overall_phase_error                 ? 
_refine.pdbx_overall_ESU_R                       ? 
_refine.pdbx_diffrn_id                           1 
_refine.pdbx_TLS_residual_ADP_flag               ? 
_refine.pdbx_overall_SU_R_free_Cruickshank_DPI   ? 
_refine.pdbx_overall_SU_R_Blow_DPI               ? 
_refine.pdbx_overall_SU_R_free_Blow_DPI          ? 
# 
_refine_hist.pdbx_refine_id                   'X-RAY DIFFRACTION' 
_refine_hist.cycle_id                         LAST 
_refine_hist.pdbx_number_atoms_protein        1084 
_refine_hist.pdbx_number_atoms_nucleic_acid   0 
_refine_hist.pdbx_number_atoms_ligand         7 
_refine_hist.number_atoms_solvent             124 
_refine_hist.number_atoms_total               1215 
_refine_hist.d_res_high                       1.65 
_refine_hist.d_res_low                        20.00 
# 
loop_
_refine_ls_restr.type 
_refine_ls_restr.dev_ideal 
_refine_ls_restr.dev_ideal_target 
_refine_ls_restr.weight 
_refine_ls_restr.number 
_refine_ls_restr.pdbx_refine_id 
_refine_ls_restr.pdbx_restraint_function 
r_bond_refined_d             0.015  0.021  ? 1117 'X-RAY DIFFRACTION' ? 
r_bond_other_d               ?      ?      ? ?    'X-RAY DIFFRACTION' ? 
r_angle_refined_deg          1.473  1.946  ? 1507 'X-RAY DIFFRACTION' ? 
r_angle_other_deg            ?      ?      ? ?    'X-RAY DIFFRACTION' ? 
r_dihedral_angle_1_deg       6.714  5.000  ? 137  'X-RAY DIFFRACTION' ? 
r_dihedral_angle_2_deg       32.265 22.000 ? 50   'X-RAY DIFFRACTION' ? 
r_dihedral_angle_3_deg       13.389 15.000 ? 179  'X-RAY DIFFRACTION' ? 
r_dihedral_angle_4_deg       24.902 15.000 ? 9    'X-RAY DIFFRACTION' ? 
r_chiral_restr               0.104  0.200  ? 155  'X-RAY DIFFRACTION' ? 
r_gen_planes_refined         0.007  0.021  ? 857  'X-RAY DIFFRACTION' ? 
r_gen_planes_other           ?      ?      ? ?    'X-RAY DIFFRACTION' ? 
r_nbd_refined                ?      ?      ? ?    'X-RAY DIFFRACTION' ? 
r_nbd_other                  ?      ?      ? ?    'X-RAY DIFFRACTION' ? 
r_nbtor_refined              ?      ?      ? ?    'X-RAY DIFFRACTION' ? 
r_nbtor_other                ?      ?      ? ?    'X-RAY DIFFRACTION' ? 
r_xyhbond_nbd_refined        ?      ?      ? ?    'X-RAY DIFFRACTION' ? 
r_xyhbond_nbd_other          ?      ?      ? ?    'X-RAY DIFFRACTION' ? 
r_metal_ion_refined          ?      ?      ? ?    'X-RAY DIFFRACTION' ? 
r_metal_ion_other            ?      ?      ? ?    'X-RAY DIFFRACTION' ? 
r_symmetry_vdw_refined       ?      ?      ? ?    'X-RAY DIFFRACTION' ? 
r_symmetry_vdw_other         ?      ?      ? ?    'X-RAY DIFFRACTION' ? 
r_symmetry_hbond_refined     ?      ?      ? ?    'X-RAY DIFFRACTION' ? 
r_symmetry_hbond_other       ?      ?      ? ?    'X-RAY DIFFRACTION' ? 
r_symmetry_metal_ion_refined ?      ?      ? ?    'X-RAY DIFFRACTION' ? 
r_symmetry_metal_ion_other   ?      ?      ? ?    'X-RAY DIFFRACTION' ? 
r_mcbond_it                  1.023  1.500  ? 674  'X-RAY DIFFRACTION' ? 
r_mcbond_other               ?      ?      ? ?    'X-RAY DIFFRACTION' ? 
r_mcangle_it                 1.780  2.000  ? 1077 'X-RAY DIFFRACTION' ? 
r_scbond_it                  2.579  3.000  ? 443  'X-RAY DIFFRACTION' ? 
r_scangle_it                 4.104  4.500  ? 430  'X-RAY DIFFRACTION' ? 
r_rigid_bond_restr           ?      ?      ? ?    'X-RAY DIFFRACTION' ? 
r_sphericity_free            ?      ?      ? ?    'X-RAY DIFFRACTION' ? 
r_sphericity_bonded          ?      ?      ? ?    'X-RAY DIFFRACTION' ? 
# 
_refine_ls_shell.pdbx_refine_id                   'X-RAY DIFFRACTION' 
_refine_ls_shell.pdbx_total_number_of_bins_used   20 
_refine_ls_shell.d_res_high                       1.650 
_refine_ls_shell.d_res_low                        1.693 
_refine_ls_shell.number_reflns_R_work             1113 
_refine_ls_shell.R_factor_R_work                  0.256 
_refine_ls_shell.percent_reflns_obs               99.83 
_refine_ls_shell.R_factor_R_free                  0.302 
_refine_ls_shell.R_factor_R_free_error            ? 
_refine_ls_shell.percent_reflns_R_free            ? 
_refine_ls_shell.number_reflns_R_free             69 
_refine_ls_shell.number_reflns_all                ? 
_refine_ls_shell.R_factor_all                     ? 
_refine_ls_shell.number_reflns_obs                ? 
_refine_ls_shell.redundancy_reflns_obs            ? 
# 
_struct.entry_id                  3APA 
_struct.title                     'Crystal structure of human pancreatic secretory protein ZG16p' 
_struct.pdbx_model_details        ? 
_struct.pdbx_CASP_flag            ? 
_struct.pdbx_model_type_details   ? 
# 
_struct_keywords.entry_id        3APA 
_struct_keywords.pdbx_keywords   'SUGAR BINDING PROTEIN' 
_struct_keywords.text            'beta-prism fold, SUGAR BINDING PROTEIN' 
# 
loop_
_struct_asym.id 
_struct_asym.pdbx_blank_PDB_chainid_flag 
_struct_asym.pdbx_modified 
_struct_asym.entity_id 
_struct_asym.details 
A N N 1 ? 
B N N 2 ? 
C N N 3 ? 
D N N 4 ? 
# 
_struct_biol.id        1 
_struct_biol.details   ? 
# 
_struct_conf.conf_type_id            HELX_P 
_struct_conf.id                      HELX_P1 
_struct_conf.pdbx_PDB_helix_id       1 
_struct_conf.beg_label_comp_id       SER 
_struct_conf.beg_label_asym_id       A 
_struct_conf.beg_label_seq_id        23 
_struct_conf.pdbx_beg_PDB_ins_code   ? 
_struct_conf.end_label_comp_id       GLY 
_struct_conf.end_label_asym_id       A 
_struct_conf.end_label_seq_id        29 
_struct_conf.pdbx_end_PDB_ins_code   ? 
_struct_conf.beg_auth_comp_id        SER 
_struct_conf.beg_auth_asym_id        A 
_struct_conf.beg_auth_seq_id         41 
_struct_conf.end_auth_comp_id        GLY 
_struct_conf.end_auth_asym_id        A 
_struct_conf.end_auth_seq_id         47 
_struct_conf.pdbx_PDB_helix_class    5 
_struct_conf.details                 ? 
_struct_conf.pdbx_PDB_helix_length   7 
# 
_struct_conf_type.id          HELX_P 
_struct_conf_type.criteria    ? 
_struct_conf_type.reference   ? 
# 
_struct_mon_prot_cis.pdbx_id                1 
_struct_mon_prot_cis.label_comp_id          GLY 
_struct_mon_prot_cis.label_seq_id           10 
_struct_mon_prot_cis.label_asym_id          A 
_struct_mon_prot_cis.label_alt_id           . 
_struct_mon_prot_cis.pdbx_PDB_ins_code      ? 
_struct_mon_prot_cis.auth_comp_id           GLY 
_struct_mon_prot_cis.auth_seq_id            28 
_struct_mon_prot_cis.auth_asym_id           A 
_struct_mon_prot_cis.pdbx_label_comp_id_2   GLU 
_struct_mon_prot_cis.pdbx_label_seq_id_2    11 
_struct_mon_prot_cis.pdbx_label_asym_id_2   A 
_struct_mon_prot_cis.pdbx_PDB_ins_code_2    ? 
_struct_mon_prot_cis.pdbx_auth_comp_id_2    GLU 
_struct_mon_prot_cis.pdbx_auth_seq_id_2     29 
_struct_mon_prot_cis.pdbx_auth_asym_id_2    A 
_struct_mon_prot_cis.pdbx_PDB_model_num     1 
_struct_mon_prot_cis.pdbx_omega_angle       -8.31 
# 
loop_
_struct_sheet.id 
_struct_sheet.type 
_struct_sheet.number_strands 
_struct_sheet.details 
A ? 4 ? 
B ? 3 ? 
C ? 4 ? 
D ? 4 ? 
# 
loop_
_struct_sheet_order.sheet_id 
_struct_sheet_order.range_id_1 
_struct_sheet_order.range_id_2 
_struct_sheet_order.offset 
_struct_sheet_order.sense 
A 1 2 ? anti-parallel 
A 2 3 ? anti-parallel 
A 3 4 ? anti-parallel 
B 1 2 ? anti-parallel 
B 2 3 ? anti-parallel 
C 1 2 ? anti-parallel 
C 2 3 ? anti-parallel 
C 3 4 ? anti-parallel 
D 1 2 ? anti-parallel 
D 2 3 ? anti-parallel 
D 3 4 ? anti-parallel 
# 
loop_
_struct_sheet_range.sheet_id 
_struct_sheet_range.id 
_struct_sheet_range.beg_label_comp_id 
_struct_sheet_range.beg_label_asym_id 
_struct_sheet_range.beg_label_seq_id 
_struct_sheet_range.pdbx_beg_PDB_ins_code 
_struct_sheet_range.end_label_comp_id 
_struct_sheet_range.end_label_asym_id 
_struct_sheet_range.end_label_seq_id 
_struct_sheet_range.pdbx_end_PDB_ins_code 
_struct_sheet_range.beg_auth_comp_id 
_struct_sheet_range.beg_auth_asym_id 
_struct_sheet_range.beg_auth_seq_id 
_struct_sheet_range.end_auth_comp_id 
_struct_sheet_range.end_auth_asym_id 
_struct_sheet_range.end_auth_seq_id 
A 1 SER A 7   ? GLY A 13  ? SER A 25  GLY A 31  
A 2 ILE A 132 ? ASP A 140 ? ILE A 150 ASP A 158 
A 3 VAL A 120 ? SER A 128 ? VAL A 138 SER A 146 
A 4 LYS A 18  ? SER A 21  ? LYS A 36  SER A 39  
B 1 VAL A 53  ? TRP A 54  ? VAL A 71  TRP A 72  
B 2 ILE A 43  ? TYR A 50  ? ILE A 61  TYR A 68  
B 3 VAL A 58  ? GLY A 59  ? VAL A 76  GLY A 77  
C 1 VAL A 53  ? TRP A 54  ? VAL A 71  TRP A 72  
C 2 ILE A 43  ? TYR A 50  ? ILE A 61  TYR A 68  
C 3 ILE A 31  ? VAL A 38  ? ILE A 49  VAL A 56  
C 4 ASP A 64  ? PHE A 69  ? ASP A 82  PHE A 87  
D 1 TYR A 99  ? GLY A 103 ? TYR A 117 GLY A 121 
D 2 LEU A 87  ? THR A 94  ? LEU A 105 THR A 112 
D 3 VAL A 76  ? TYR A 83  ? VAL A 94  TYR A 101 
D 4 THR A 108 ? ALA A 112 ? THR A 126 ALA A 130 
# 
loop_
_pdbx_struct_sheet_hbond.sheet_id 
_pdbx_struct_sheet_hbond.range_id_1 
_pdbx_struct_sheet_hbond.range_id_2 
_pdbx_struct_sheet_hbond.range_1_label_atom_id 
_pdbx_struct_sheet_hbond.range_1_label_comp_id 
_pdbx_struct_sheet_hbond.range_1_label_asym_id 
_pdbx_struct_sheet_hbond.range_1_label_seq_id 
_pdbx_struct_sheet_hbond.range_1_PDB_ins_code 
_pdbx_struct_sheet_hbond.range_1_auth_atom_id 
_pdbx_struct_sheet_hbond.range_1_auth_comp_id 
_pdbx_struct_sheet_hbond.range_1_auth_asym_id 
_pdbx_struct_sheet_hbond.range_1_auth_seq_id 
_pdbx_struct_sheet_hbond.range_2_label_atom_id 
_pdbx_struct_sheet_hbond.range_2_label_comp_id 
_pdbx_struct_sheet_hbond.range_2_label_asym_id 
_pdbx_struct_sheet_hbond.range_2_label_seq_id 
_pdbx_struct_sheet_hbond.range_2_PDB_ins_code 
_pdbx_struct_sheet_hbond.range_2_auth_atom_id 
_pdbx_struct_sheet_hbond.range_2_auth_comp_id 
_pdbx_struct_sheet_hbond.range_2_auth_asym_id 
_pdbx_struct_sheet_hbond.range_2_auth_seq_id 
A 1 2 N TYR A 12  ? N TYR A 30  O ILE A 135 ? O ILE A 153 
A 2 3 O HIS A 138 ? O HIS A 156 N ARG A 122 ? N ARG A 140 
A 3 4 O SER A 128 ? O SER A 146 N LYS A 18  ? N LYS A 36  
B 1 2 O VAL A 53  ? O VAL A 71  N TYR A 50  ? N TYR A 68  
B 2 3 N LEU A 46  ? N LEU A 64  O VAL A 58  ? O VAL A 76  
C 1 2 O VAL A 53  ? O VAL A 71  N TYR A 50  ? N TYR A 68  
C 2 3 O GLN A 47  ? O GLN A 65  N ARG A 35  ? N ARG A 53  
C 3 4 N VAL A 36  ? N VAL A 54  O GLU A 66  ? O GLU A 84  
D 1 2 O LEU A 100 ? O LEU A 118 N PHE A 92  ? N PHE A 110 
D 2 3 O VAL A 91  ? O VAL A 109 N SER A 80  ? N SER A 98  
D 3 4 N TYR A 83  ? N TYR A 101 O THR A 108 ? O THR A 126 
# 
loop_
_struct_site.id 
_struct_site.pdbx_evidence_code 
_struct_site.pdbx_auth_asym_id 
_struct_site.pdbx_auth_comp_id 
_struct_site.pdbx_auth_seq_id 
_struct_site.pdbx_auth_ins_code 
_struct_site.pdbx_num_residues 
_struct_site.details 
AC1 Software A GOL 1   ? 7 'BINDING SITE FOR RESIDUE GOL A 1'  
AC2 Software A CL  160 ? 3 'BINDING SITE FOR RESIDUE CL A 160' 
# 
loop_
_struct_site_gen.id 
_struct_site_gen.site_id 
_struct_site_gen.pdbx_num_res 
_struct_site_gen.label_comp_id 
_struct_site_gen.label_asym_id 
_struct_site_gen.label_seq_id 
_struct_site_gen.pdbx_auth_ins_code 
_struct_site_gen.auth_comp_id 
_struct_site_gen.auth_asym_id 
_struct_site_gen.auth_seq_id 
_struct_site_gen.label_atom_id 
_struct_site_gen.label_alt_id 
_struct_site_gen.symmetry 
_struct_site_gen.details 
1  AC1 7 HOH D .   ? HOH A 18  . ? 1_555 ? 
2  AC1 7 GLY A 17  ? GLY A 35  . ? 1_555 ? 
3  AC1 7 TYR A 86  ? TYR A 104 . ? 1_555 ? 
4  AC1 7 GLY A 129 ? GLY A 147 . ? 1_555 ? 
5  AC1 7 SER A 130 ? SER A 148 . ? 1_555 ? 
6  AC1 7 LEU A 131 ? LEU A 149 . ? 1_555 ? 
7  AC1 7 ASP A 133 ? ASP A 151 . ? 1_555 ? 
8  AC2 3 TRP A 54  ? TRP A 72  . ? 1_555 ? 
9  AC2 3 SER A 109 ? SER A 127 . ? 4_556 ? 
10 AC2 3 HOH D .   ? HOH A 243 . ? 4_556 ? 
# 
_atom_sites.entry_id                    3APA 
_atom_sites.fract_transf_matrix[1][1]   0.00314458 
_atom_sites.fract_transf_matrix[1][2]   0.01199875 
_atom_sites.fract_transf_matrix[1][3]   0.01160016 
_atom_sites.fract_transf_matrix[2][1]   0.01342174 
_atom_sites.fract_transf_matrix[2][2]   -0.00178361 
_atom_sites.fract_transf_matrix[2][3]   -0.00179348 
_atom_sites.fract_transf_matrix[3][1]   -0.00011880 
_atom_sites.fract_transf_matrix[3][2]   0.02311085 
_atom_sites.fract_transf_matrix[3][3]   -0.02387275 
_atom_sites.fract_transf_vector[1]      0.217923 
_atom_sites.fract_transf_vector[2]      0.238103 
_atom_sites.fract_transf_vector[3]      0.562572 
# 
loop_
_atom_type.symbol 
C  
CL 
N  
O  
# 
loop_
_atom_site.group_PDB 
_atom_site.id 
_atom_site.type_symbol 
_atom_site.label_atom_id 
_atom_site.label_alt_id 
_atom_site.label_comp_id 
_atom_site.label_asym_id 
_atom_site.label_entity_id 
_atom_site.label_seq_id 
_atom_site.pdbx_PDB_ins_code 
_atom_site.Cartn_x 
_atom_site.Cartn_y 
_atom_site.Cartn_z 
_atom_site.occupancy 
_atom_site.B_iso_or_equiv 
_atom_site.pdbx_formal_charge 
_atom_site.auth_seq_id 
_atom_site.auth_comp_id 
_atom_site.auth_asym_id 
_atom_site.auth_atom_id 
_atom_site.pdbx_PDB_model_num 
ATOM   1    N  N   . ARG A 1 4   ? 13.241  -1.816  -19.792 1.00 28.42 ? 22  ARG A N   1 
ATOM   2    C  CA  . ARG A 1 4   ? 12.378  -1.080  -18.810 1.00 26.24 ? 22  ARG A CA  1 
ATOM   3    C  C   . ARG A 1 4   ? 11.810  -2.095  -17.853 1.00 24.03 ? 22  ARG A C   1 
ATOM   4    O  O   . ARG A 1 4   ? 11.055  -2.977  -18.261 1.00 24.25 ? 22  ARG A O   1 
ATOM   5    C  CB  . ARG A 1 4   ? 11.231  -0.380  -19.530 1.00 28.50 ? 22  ARG A CB  1 
ATOM   6    C  CG  . ARG A 1 4   ? 10.070  0.043   -18.620 1.00 31.09 ? 22  ARG A CG  1 
ATOM   7    C  CD  . ARG A 1 4   ? 10.060  1.559   -18.366 1.00 38.46 ? 22  ARG A CD  1 
ATOM   8    N  NE  . ARG A 1 4   ? 9.973   2.330   -19.609 1.00 41.02 ? 22  ARG A NE  1 
ATOM   9    C  CZ  . ARG A 1 4   ? 8.882   2.429   -20.368 1.00 41.71 ? 22  ARG A CZ  1 
ATOM   10   N  NH1 . ARG A 1 4   ? 8.911   3.162   -21.475 1.00 40.81 ? 22  ARG A NH1 1 
ATOM   11   N  NH2 . ARG A 1 4   ? 7.763   1.802   -20.022 1.00 42.39 ? 22  ARG A NH2 1 
ATOM   12   N  N   . SER A 1 5   ? 12.184  -1.985  -16.585 1.00 21.08 ? 23  SER A N   1 
ATOM   13   C  CA  . SER A 1 5   ? 11.669  -2.936  -15.599 1.00 19.75 ? 23  SER A CA  1 
ATOM   14   C  C   . SER A 1 5   ? 10.506  -2.401  -14.757 1.00 18.19 ? 23  SER A C   1 
ATOM   15   O  O   . SER A 1 5   ? 9.833   -3.186  -14.081 1.00 18.79 ? 23  SER A O   1 
ATOM   16   C  CB  . SER A 1 5   ? 12.800  -3.405  -14.678 1.00 20.81 ? 23  SER A CB  1 
ATOM   17   O  OG  . SER A 1 5   ? 13.706  -4.199  -15.419 1.00 21.97 ? 23  SER A OG  1 
ATOM   18   N  N   . SER A 1 6   ? 10.302  -1.094  -14.750 1.00 16.00 ? 24  SER A N   1 
ATOM   19   C  CA  . SER A 1 6   ? 9.272   -0.519  -13.881 1.00 14.87 ? 24  SER A CA  1 
ATOM   20   C  C   . SER A 1 6   ? 7.881   -0.822  -14.427 1.00 14.23 ? 24  SER A C   1 
ATOM   21   O  O   . SER A 1 6   ? 7.653   -0.936  -15.664 1.00 13.62 ? 24  SER A O   1 
ATOM   22   C  CB  . SER A 1 6   ? 9.471   0.986   -13.697 1.00 15.14 ? 24  SER A CB  1 
ATOM   23   O  OG  . SER A 1 6   ? 9.321   1.681   -14.925 1.00 18.80 ? 24  SER A OG  1 
ATOM   24   N  N   . SER A 1 7   ? 6.926   -0.949  -13.502 1.00 12.37 ? 25  SER A N   1 
ATOM   25   C  CA  . SER A 1 7   ? 5.536   -1.127  -13.884 1.00 11.94 ? 25  SER A CA  1 
ATOM   26   C  C   . SER A 1 7   ? 4.623   -0.566  -12.805 1.00 12.47 ? 25  SER A C   1 
ATOM   27   O  O   . SER A 1 7   ? 5.065   -0.307  -11.660 1.00 11.83 ? 25  SER A O   1 
ATOM   28   C  CB  . SER A 1 7   ? 5.168   -2.572  -14.239 1.00 12.91 ? 25  SER A CB  1 
ATOM   29   O  OG  . SER A 1 7   ? 5.191   -3.445  -13.101 1.00 12.29 ? 25  SER A OG  1 
ATOM   30   N  N   . TYR A 1 8   ? 3.366   -0.375  -13.182 1.00 12.93 ? 26  TYR A N   1 
ATOM   31   C  CA  . TYR A 1 8   ? 2.381   0.210   -12.300 1.00 14.12 ? 26  TYR A CA  1 
ATOM   32   C  C   . TYR A 1 8   ? 1.075   -0.559  -12.350 1.00 14.87 ? 26  TYR A C   1 
ATOM   33   O  O   . TYR A 1 8   ? 0.593   -0.898  -13.429 1.00 15.89 ? 26  TYR A O   1 
ATOM   34   C  CB  . TYR A 1 8   ? 2.173   1.669   -12.701 1.00 14.89 ? 26  TYR A CB  1 
ATOM   35   C  CG  . TYR A 1 8   ? 0.984   2.334   -12.057 1.00 16.16 ? 26  TYR A CG  1 
ATOM   36   C  CD1 . TYR A 1 8   ? -0.163  2.619   -12.799 1.00 19.49 ? 26  TYR A CD1 1 
ATOM   37   C  CD2 . TYR A 1 8   ? 1.008   2.686   -10.714 1.00 14.78 ? 26  TYR A CD2 1 
ATOM   38   C  CE1 . TYR A 1 8   ? -1.289  3.251   -12.190 1.00 22.82 ? 26  TYR A CE1 1 
ATOM   39   C  CE2 . TYR A 1 8   ? -0.087  3.329   -10.124 1.00 17.20 ? 26  TYR A CE2 1 
ATOM   40   C  CZ  . TYR A 1 8   ? -1.218  3.597   -10.858 1.00 22.21 ? 26  TYR A CZ  1 
ATOM   41   O  OH  . TYR A 1 8   ? -2.301  4.229   -10.277 1.00 23.90 ? 26  TYR A OH  1 
ATOM   42   N  N   . SER A 1 9   ? 0.508   -0.848  -11.170 1.00 14.33 ? 27  SER A N   1 
ATOM   43   C  CA  . SER A 1 9   ? -0.751  -1.590  -11.040 1.00 14.96 ? 27  SER A CA  1 
ATOM   44   C  C   . SER A 1 9   ? -1.682  -0.678  -10.322 1.00 16.62 ? 27  SER A C   1 
ATOM   45   O  O   . SER A 1 9   ? -1.340  -0.182  -9.256  1.00 15.21 ? 27  SER A O   1 
ATOM   46   C  CB  . SER A 1 9   ? -0.604  -2.860  -10.171 1.00 14.19 ? 27  SER A CB  1 
ATOM   47   O  OG  . SER A 1 9   ? 0.265   -3.863  -10.703 1.00 15.37 ? 27  SER A OG  1 
ATOM   48   N  N   . GLY A 1 10  ? -2.881  -0.483  -10.871 1.00 17.78 ? 28  GLY A N   1 
ATOM   49   C  CA  . GLY A 1 10  ? -3.814  0.504   -10.320 1.00 19.34 ? 28  GLY A CA  1 
ATOM   50   C  C   . GLY A 1 10  ? -4.431  1.345   -11.433 1.00 21.44 ? 28  GLY A C   1 
ATOM   51   O  O   . GLY A 1 10  ? -4.336  0.989   -12.621 1.00 21.85 ? 28  GLY A O   1 
ATOM   52   N  N   . GLU A 1 11  ? -5.119  2.420   -11.067 1.00 22.19 ? 29  GLU A N   1 
ATOM   53   C  CA  . GLU A 1 11  ? -5.463  2.740   -9.683  1.00 22.11 ? 29  GLU A CA  1 
ATOM   54   C  C   . GLU A 1 11  ? -6.686  1.922   -9.184  1.00 22.58 ? 29  GLU A C   1 
ATOM   55   O  O   . GLU A 1 11  ? -7.691  1.778   -9.907  1.00 23.65 ? 29  GLU A O   1 
ATOM   56   C  CB  . GLU A 1 11  ? -5.737  4.242   -9.604  1.00 22.40 ? 29  GLU A CB  1 
ATOM   57   C  CG  . GLU A 1 11  ? -5.708  4.831   -8.225  1.00 23.35 ? 29  GLU A CG  1 
ATOM   58   C  CD  . GLU A 1 11  ? -5.604  6.359   -8.204  1.00 26.39 ? 29  GLU A CD  1 
ATOM   59   O  OE1 . GLU A 1 11  ? -4.525  6.893   -7.852  1.00 28.89 ? 29  GLU A OE1 1 
ATOM   60   O  OE2 . GLU A 1 11  ? -6.607  7.041   -8.509  1.00 29.04 ? 29  GLU A OE2 1 
ATOM   61   N  N   . TYR A 1 12  ? -6.608  1.389   -7.963  1.00 21.33 ? 30  TYR A N   1 
ATOM   62   C  CA  . TYR A 1 12  ? -7.719  0.616   -7.392  1.00 20.92 ? 30  TYR A CA  1 
ATOM   63   C  C   . TYR A 1 12  ? -8.544  1.417   -6.386  1.00 21.75 ? 30  TYR A C   1 
ATOM   64   O  O   . TYR A 1 12  ? -8.005  1.883   -5.383  1.00 20.93 ? 30  TYR A O   1 
ATOM   65   C  CB  . TYR A 1 12  ? -7.221  -0.664  -6.710  1.00 21.17 ? 30  TYR A CB  1 
ATOM   66   C  CG  . TYR A 1 12  ? -6.346  -1.522  -7.598  1.00 20.33 ? 30  TYR A CG  1 
ATOM   67   C  CD1 . TYR A 1 12  ? -6.898  -2.290  -8.612  1.00 23.52 ? 30  TYR A CD1 1 
ATOM   68   C  CD2 . TYR A 1 12  ? -4.954  -1.551  -7.415  1.00 18.54 ? 30  TYR A CD2 1 
ATOM   69   C  CE1 . TYR A 1 12  ? -6.075  -3.085  -9.449  1.00 21.45 ? 30  TYR A CE1 1 
ATOM   70   C  CE2 . TYR A 1 12  ? -4.133  -2.345  -8.222  1.00 18.25 ? 30  TYR A CE2 1 
ATOM   71   C  CZ  . TYR A 1 12  ? -4.698  -3.104  -9.239  1.00 20.99 ? 30  TYR A CZ  1 
ATOM   72   O  OH  . TYR A 1 12  ? -3.888  -3.897  -10.024 1.00 19.94 ? 30  TYR A OH  1 
ATOM   73   N  N   . GLY A 1 13  ? -9.841  1.555   -6.659  1.00 21.94 ? 31  GLY A N   1 
ATOM   74   C  CA  . GLY A 1 13  ? -10.747 2.339   -5.798  1.00 22.87 ? 31  GLY A CA  1 
ATOM   75   C  C   . GLY A 1 13  ? -11.467 3.442   -6.571  1.00 25.00 ? 31  GLY A C   1 
ATOM   76   O  O   . GLY A 1 13  ? -11.811 3.277   -7.758  1.00 25.01 ? 31  GLY A O   1 
ATOM   77   N  N   . SER A 1 14  ? -11.669 4.586   -5.933  1.00 25.52 ? 32  SER A N   1 
ATOM   78   C  CA  . SER A 1 14  ? -12.444 5.640   -6.562  1.00 26.08 ? 32  SER A CA  1 
ATOM   79   C  C   . SER A 1 14  ? -11.774 7.006   -6.684  1.00 26.15 ? 32  SER A C   1 
ATOM   80   O  O   . SER A 1 14  ? -10.567 7.153   -6.444  1.00 25.88 ? 32  SER A O   1 
ATOM   81   C  CB  . SER A 1 14  ? -13.819 5.757   -5.918  1.00 26.97 ? 32  SER A CB  1 
ATOM   82   O  OG  . SER A 1 14  ? -14.608 6.618   -6.721  1.00 30.55 ? 32  SER A OG  1 
ATOM   83   N  N   . GLY A 1 15  ? -12.569 8.001   -7.076  1.00 26.08 ? 33  GLY A N   1 
ATOM   84   C  CA  . GLY A 1 15  ? -12.050 9.288   -7.552  1.00 25.90 ? 33  GLY A CA  1 
ATOM   85   C  C   . GLY A 1 15  ? -12.073 10.433  -6.573  1.00 25.61 ? 33  GLY A C   1 
ATOM   86   O  O   . GLY A 1 15  ? -11.638 11.531  -6.902  1.00 27.03 ? 33  GLY A O   1 
ATOM   87   N  N   . GLY A 1 16  ? -12.550 10.184  -5.357  1.00 25.26 ? 34  GLY A N   1 
ATOM   88   C  CA  . GLY A 1 16  ? -12.604 11.227  -4.344  1.00 24.68 ? 34  GLY A CA  1 
ATOM   89   C  C   . GLY A 1 16  ? -11.253 11.451  -3.709  1.00 24.57 ? 34  GLY A C   1 
ATOM   90   O  O   . GLY A 1 16  ? -10.260 10.789  -4.055  1.00 25.05 ? 34  GLY A O   1 
ATOM   91   N  N   . GLY A 1 17  ? -11.216 12.388  -2.775  1.00 24.08 ? 35  GLY A N   1 
ATOM   92   C  CA  . GLY A 1 17  ? -9.989  12.738  -2.078  1.00 23.55 ? 35  GLY A CA  1 
ATOM   93   C  C   . GLY A 1 17  ? -9.002  13.435  -2.988  1.00 23.57 ? 35  GLY A C   1 
ATOM   94   O  O   . GLY A 1 17  ? -9.372  13.942  -4.045  1.00 24.45 ? 35  GLY A O   1 
ATOM   95   N  N   . LYS A 1 18  ? -7.761  13.504  -2.527  1.00 23.14 ? 36  LYS A N   1 
ATOM   96   C  CA  . LYS A 1 18  ? -6.677  14.160  -3.237  1.00 22.13 ? 36  LYS A CA  1 
ATOM   97   C  C   . LYS A 1 18  ? -5.603  13.146  -3.523  1.00 21.46 ? 36  LYS A C   1 
ATOM   98   O  O   . LYS A 1 18  ? -5.344  12.266  -2.712  1.00 19.70 ? 36  LYS A O   1 
ATOM   99   C  CB  . LYS A 1 18  ? -6.079  15.277  -2.376  1.00 23.29 ? 36  LYS A CB  1 
ATOM   100  C  CG  . LYS A 1 18  ? -7.033  16.499  -2.228  1.00 26.55 ? 36  LYS A CG  1 
ATOM   101  C  CD  . LYS A 1 18  ? -7.575  16.957  -3.593  1.00 31.99 ? 36  LYS A CD  1 
ATOM   102  C  CE  . LYS A 1 18  ? -8.576  18.111  -3.498  1.00 34.73 ? 36  LYS A CE  1 
ATOM   103  N  NZ  . LYS A 1 18  ? -9.948  17.724  -3.949  1.00 36.32 ? 36  LYS A NZ  1 
ATOM   104  N  N   . ARG A 1 19  ? -4.961  13.290  -4.679  1.00 19.57 ? 37  ARG A N   1 
ATOM   105  C  CA  . ARG A 1 19  ? -3.844  12.437  -5.053  1.00 18.77 ? 37  ARG A CA  1 
ATOM   106  C  C   . ARG A 1 19  ? -2.624  12.553  -4.121  1.00 18.12 ? 37  ARG A C   1 
ATOM   107  O  O   . ARG A 1 19  ? -2.297  13.634  -3.621  1.00 18.46 ? 37  ARG A O   1 
ATOM   108  C  CB  . ARG A 1 19  ? -3.444  12.735  -6.514  1.00 19.65 ? 37  ARG A CB  1 
ATOM   109  C  CG  . ARG A 1 19  ? -2.832  14.123  -6.706  1.00 20.99 ? 37  ARG A CG  1 
ATOM   110  C  CD  . ARG A 1 19  ? -2.806  14.609  -8.172  1.00 24.39 ? 37  ARG A CD  1 
ATOM   111  N  NE  . ARG A 1 19  ? -2.326  13.566  -9.078  1.00 25.78 ? 37  ARG A NE  1 
ATOM   112  C  CZ  . ARG A 1 19  ? -2.568  13.546  -10.388 1.00 25.17 ? 37  ARG A CZ  1 
ATOM   113  N  NH1 . ARG A 1 19  ? -3.294  14.517  -10.944 1.00 20.27 ? 37  ARG A NH1 1 
ATOM   114  N  NH2 . ARG A 1 19  ? -2.083  12.556  -11.132 1.00 25.22 ? 37  ARG A NH2 1 
ATOM   115  N  N   . PHE A 1 20  ? -1.958  11.425  -3.898  1.00 16.58 ? 38  PHE A N   1 
ATOM   116  C  CA  . PHE A 1 20  ? -0.643  11.397  -3.253  1.00 15.05 ? 38  PHE A CA  1 
ATOM   117  C  C   . PHE A 1 20  ? 0.280   10.433  -3.967  1.00 13.85 ? 38  PHE A C   1 
ATOM   118  O  O   . PHE A 1 20  ? -0.161  9.501   -4.626  1.00 14.26 ? 38  PHE A O   1 
ATOM   119  C  CB  . PHE A 1 20  ? -0.748  10.999  -1.756  1.00 15.30 ? 38  PHE A CB  1 
ATOM   120  C  CG  . PHE A 1 20  ? -1.076  9.551   -1.517  1.00 14.83 ? 38  PHE A CG  1 
ATOM   121  C  CD1 . PHE A 1 20  ? -0.055  8.597   -1.395  1.00 15.19 ? 38  PHE A CD1 1 
ATOM   122  C  CD2 . PHE A 1 20  ? -2.395  9.124   -1.405  1.00 15.50 ? 38  PHE A CD2 1 
ATOM   123  C  CE1 . PHE A 1 20  ? -0.365  7.262   -1.156  1.00 16.01 ? 38  PHE A CE1 1 
ATOM   124  C  CE2 . PHE A 1 20  ? -2.716  7.795   -1.151  1.00 14.84 ? 38  PHE A CE2 1 
ATOM   125  C  CZ  . PHE A 1 20  ? -1.707  6.855   -1.041  1.00 12.93 ? 38  PHE A CZ  1 
ATOM   126  N  N   . SER A 1 21  ? 1.572   10.626  -3.776  1.00 15.50 ? 39  SER A N   1 
ATOM   127  C  CA  . SER A 1 21  ? 2.548   9.693   -4.348  1.00 15.30 ? 39  SER A CA  1 
ATOM   128  C  C   . SER A 1 21  ? 3.787   9.630   -3.495  1.00 15.34 ? 39  SER A C   1 
ATOM   129  O  O   . SER A 1 21  ? 4.268   10.664  -3.018  1.00 17.42 ? 39  SER A O   1 
ATOM   130  C  CB  . SER A 1 21  ? 2.920   10.106  -5.778  1.00 17.25 ? 39  SER A CB  1 
ATOM   131  O  OG  . SER A 1 21  ? 3.930   9.223   -6.295  1.00 19.78 ? 39  SER A OG  1 
ATOM   132  N  N   . HIS A 1 22  ? 4.319   8.416   -3.311  1.00 14.41 ? 40  HIS A N   1 
ATOM   133  C  CA  . HIS A 1 22  ? 5.558   8.243   -2.589  1.00 14.73 ? 40  HIS A CA  1 
ATOM   134  C  C   . HIS A 1 22  ? 6.761   8.149   -3.550  1.00 15.81 ? 40  HIS A C   1 
ATOM   135  O  O   . HIS A 1 22  ? 7.837   7.701   -3.143  1.00 16.03 ? 40  HIS A O   1 
ATOM   136  C  CB  . HIS A 1 22  ? 5.489   6.997   -1.693  1.00 14.46 ? 40  HIS A CB  1 
ATOM   137  C  CG  . HIS A 1 22  ? 4.525   7.117   -0.547  1.00 12.23 ? 40  HIS A CG  1 
ATOM   138  N  ND1 . HIS A 1 22  ? 4.296   6.072   0.323   1.00 13.71 ? 40  HIS A ND1 1 
ATOM   139  C  CD2 . HIS A 1 22  ? 3.767   8.158   -0.089  1.00 14.10 ? 40  HIS A CD2 1 
ATOM   140  C  CE1 . HIS A 1 22  ? 3.442   6.452   1.258   1.00 13.31 ? 40  HIS A CE1 1 
ATOM   141  N  NE2 . HIS A 1 22  ? 3.101   7.711   1.029   1.00 14.59 ? 40  HIS A NE2 1 
ATOM   142  N  N   . SER A 1 23  ? 6.557   8.570   -4.807  1.00 17.57 ? 41  SER A N   1 
ATOM   143  C  CA  . SER A 1 23  ? 7.640   8.543   -5.805  1.00 19.86 ? 41  SER A CA  1 
ATOM   144  C  C   . SER A 1 23  ? 8.988   9.080   -5.270  1.00 21.32 ? 41  SER A C   1 
ATOM   145  O  O   . SER A 1 23  ? 10.038  8.457   -5.465  1.00 22.69 ? 41  SER A O   1 
ATOM   146  C  CB  . SER A 1 23  ? 7.193   9.283   -7.085  1.00 20.01 ? 41  SER A CB  1 
ATOM   147  O  OG  . SER A 1 23  ? 8.078   9.017   -8.166  1.00 24.27 ? 41  SER A OG  1 
ATOM   148  N  N   . GLY A 1 24  ? 9.004   10.228  -4.597  1.00 22.07 ? 42  GLY A N   1 
ATOM   149  C  CA  . GLY A 1 24  ? 10.311  10.675  -4.010  1.00 22.87 ? 42  GLY A CA  1 
ATOM   150  C  C   . GLY A 1 24  ? 10.948  9.758   -2.952  1.00 22.89 ? 42  GLY A C   1 
ATOM   151  O  O   . GLY A 1 24  ? 12.175  9.650   -2.818  1.00 23.17 ? 42  GLY A O   1 
ATOM   152  N  N   . ASN A 1 25  ? 10.109  9.044   -2.216  1.00 20.62 ? 43  ASN A N   1 
ATOM   153  C  CA  . ASN A 1 25  ? 10.574  8.318   -1.044  1.00 19.41 ? 43  ASN A CA  1 
ATOM   154  C  C   . ASN A 1 25  ? 11.536  7.137   -1.271  1.00 18.56 ? 43  ASN A C   1 
ATOM   155  O  O   . ASN A 1 25  ? 12.210  6.739   -0.332  1.00 17.51 ? 43  ASN A O   1 
ATOM   156  C  CB  . ASN A 1 25  ? 9.357   7.803   -0.261  1.00 18.41 ? 43  ASN A CB  1 
ATOM   157  C  CG  . ASN A 1 25  ? 8.464   8.936   0.263   1.00 20.96 ? 43  ASN A CG  1 
ATOM   158  O  OD1 . ASN A 1 25  ? 7.813   9.629   -0.509  1.00 23.23 ? 43  ASN A OD1 1 
ATOM   159  N  ND2 . ASN A 1 25  ? 8.460   9.135   1.588   1.00 22.91 ? 43  ASN A ND2 1 
ATOM   160  N  N   . GLN A 1 26  ? 11.550  6.538   -2.468  1.00 20.05 ? 44  GLN A N   1 
ATOM   161  C  CA  . GLN A 1 26  ? 12.349  5.318   -2.670  1.00 21.96 ? 44  GLN A CA  1 
ATOM   162  C  C   . GLN A 1 26  ? 13.849  5.604   -2.514  1.00 21.77 ? 44  GLN A C   1 
ATOM   163  O  O   . GLN A 1 26  ? 14.639  4.689   -2.270  1.00 22.67 ? 44  GLN A O   1 
ATOM   164  C  CB  . GLN A 1 26  ? 12.029  4.638   -4.015  1.00 23.89 ? 44  GLN A CB  1 
ATOM   165  C  CG  . GLN A 1 26  ? 11.965  5.618   -5.157  1.00 25.63 ? 44  GLN A CG  1 
ATOM   166  C  CD  . GLN A 1 26  ? 11.320  5.083   -6.411  1.00 27.47 ? 44  GLN A CD  1 
ATOM   167  O  OE1 . GLN A 1 26  ? 11.328  3.873   -6.701  1.00 29.90 ? 44  GLN A OE1 1 
ATOM   168  N  NE2 . GLN A 1 26  ? 10.789  5.988   -7.194  1.00 24.07 ? 44  GLN A NE2 1 
ATOM   169  N  N   . LEU A 1 27  ? 14.214  6.877   -2.614  1.00 22.15 ? 45  LEU A N   1 
ATOM   170  C  CA  . LEU A 1 27  ? 15.599  7.313   -2.345  1.00 23.68 ? 45  LEU A CA  1 
ATOM   171  C  C   . LEU A 1 27  ? 16.032  7.115   -0.905  1.00 23.12 ? 45  LEU A C   1 
ATOM   172  O  O   . LEU A 1 27  ? 17.234  6.937   -0.638  1.00 23.77 ? 45  LEU A O   1 
ATOM   173  C  CB  . LEU A 1 27  ? 15.818  8.764   -2.775  1.00 24.96 ? 45  LEU A CB  1 
ATOM   174  C  CG  . LEU A 1 27  ? 15.894  8.937   -4.300  1.00 27.59 ? 45  LEU A CG  1 
ATOM   175  C  CD1 . LEU A 1 27  ? 15.625  10.389  -4.668  1.00 31.85 ? 45  LEU A CD1 1 
ATOM   176  C  CD2 . LEU A 1 27  ? 17.258  8.450   -4.872  1.00 31.20 ? 45  LEU A CD2 1 
ATOM   177  N  N   . ASP A 1 28  ? 15.077  7.119   0.025   1.00 20.23 ? 46  ASP A N   1 
ATOM   178  C  CA  . ASP A 1 28  ? 15.370  6.829   1.424   1.00 19.35 ? 46  ASP A CA  1 
ATOM   179  C  C   . ASP A 1 28  ? 15.709  5.358   1.676   1.00 16.72 ? 46  ASP A C   1 
ATOM   180  O  O   . ASP A 1 28  ? 16.301  4.996   2.713   1.00 16.89 ? 46  ASP A O   1 
ATOM   181  C  CB  . ASP A 1 28  ? 14.174  7.233   2.311   1.00 18.85 ? 46  ASP A CB  1 
ATOM   182  C  CG  . ASP A 1 28  ? 13.968  8.748   2.375   1.00 23.28 ? 46  ASP A CG  1 
ATOM   183  O  OD1 . ASP A 1 28  ? 14.973  9.487   2.255   1.00 26.56 ? 46  ASP A OD1 1 
ATOM   184  O  OD2 . ASP A 1 28  ? 12.805  9.202   2.571   1.00 25.13 ? 46  ASP A OD2 1 
ATOM   185  N  N   . GLY A 1 29  ? 15.250  4.488   0.767   1.00 16.74 ? 47  GLY A N   1 
ATOM   186  C  CA  . GLY A 1 29  ? 15.502  3.071   0.942   1.00 15.14 ? 47  GLY A CA  1 
ATOM   187  C  C   . GLY A 1 29  ? 14.345  2.184   0.508   1.00 13.79 ? 47  GLY A C   1 
ATOM   188  O  O   . GLY A 1 29  ? 13.323  2.666   0.048   1.00 13.12 ? 47  GLY A O   1 
ATOM   189  N  N   . PRO A 1 30  ? 14.547  0.881   0.621   1.00 14.46 ? 48  PRO A N   1 
ATOM   190  C  CA  . PRO A 1 30  ? 13.523  -0.132  0.341   1.00 13.68 ? 48  PRO A CA  1 
ATOM   191  C  C   . PRO A 1 30  ? 12.393  0.024   1.374   1.00 13.39 ? 48  PRO A C   1 
ATOM   192  O  O   . PRO A 1 30  ? 12.625  0.529   2.486   1.00 13.09 ? 48  PRO A O   1 
ATOM   193  C  CB  . PRO A 1 30  ? 14.273  -1.449  0.560   1.00 14.34 ? 48  PRO A CB  1 
ATOM   194  C  CG  . PRO A 1 30  ? 15.410  -1.092  1.540   1.00 15.30 ? 48  PRO A CG  1 
ATOM   195  C  CD  . PRO A 1 30  ? 15.799  0.301   1.148   1.00 14.35 ? 48  PRO A CD  1 
ATOM   196  N  N   . ILE A 1 31  ? 11.194  -0.428  1.028   1.00 12.70 ? 49  ILE A N   1 
ATOM   197  C  CA  . ILE A 1 31  ? 10.123  -0.497  2.030   1.00 11.81 ? 49  ILE A CA  1 
ATOM   198  C  C   . ILE A 1 31  ? 10.532  -1.416  3.174   1.00 10.97 ? 49  ILE A C   1 
ATOM   199  O  O   . ILE A 1 31  ? 10.945  -2.561  2.922   1.00 12.62 ? 49  ILE A O   1 
ATOM   200  C  CB  . ILE A 1 31  ? 8.801   -0.966  1.398   1.00 11.37 ? 49  ILE A CB  1 
ATOM   201  C  CG1 . ILE A 1 31  ? 8.347   0.066   0.365   1.00 10.93 ? 49  ILE A CG1 1 
ATOM   202  C  CG2 . ILE A 1 31  ? 7.723   -1.211  2.477   1.00 11.77 ? 49  ILE A CG2 1 
ATOM   203  C  CD1 . ILE A 1 31  ? 7.129   -0.352  -0.457  1.00 12.35 ? 49  ILE A CD1 1 
ATOM   204  N  N   . THR A 1 32  ? 10.431  -0.925  4.412   1.00 10.94 ? 50  THR A N   1 
ATOM   205  C  CA  . THR A 1 32  ? 10.844  -1.696  5.591   1.00 12.36 ? 50  THR A CA  1 
ATOM   206  C  C   . THR A 1 32  ? 9.743   -1.847  6.657   1.00 11.56 ? 50  THR A C   1 
ATOM   207  O  O   . THR A 1 32  ? 9.898   -2.630  7.603   1.00 13.10 ? 50  THR A O   1 
ATOM   208  C  CB  . THR A 1 32  ? 12.060  -1.049  6.288   1.00 12.69 ? 50  THR A CB  1 
ATOM   209  O  OG1 . THR A 1 32  ? 11.691  0.256   6.758   1.00 15.12 ? 50  THR A OG1 1 
ATOM   210  C  CG2 . THR A 1 32  ? 13.306  -0.999  5.371   1.00 16.03 ? 50  THR A CG2 1 
ATOM   211  N  N   . ALA A 1 33  ? 8.631   -1.136  6.491   1.00 11.79 ? 51  ALA A N   1 
ATOM   212  C  CA  . ALA A 1 33  ? 7.497   -1.202  7.411   1.00 10.28 ? 51  ALA A CA  1 
ATOM   213  C  C   . ALA A 1 33  ? 6.246   -0.566  6.842   1.00 10.79 ? 51  ALA A C   1 
ATOM   214  O  O   . ALA A 1 33  ? 6.314   0.284   5.924   1.00 9.69  ? 51  ALA A O   1 
ATOM   215  C  CB  . ALA A 1 33  ? 7.866   -0.508  8.743   1.00 11.90 ? 51  ALA A CB  1 
ATOM   216  N  N   . LEU A 1 34  ? 5.110   -0.930  7.435   1.00 11.04 ? 52  LEU A N   1 
ATOM   217  C  CA  . LEU A 1 34  ? 3.827   -0.467  6.956   1.00 11.70 ? 52  LEU A CA  1 
ATOM   218  C  C   . LEU A 1 34  ? 2.999   -0.051  8.169   1.00 11.73 ? 52  LEU A C   1 
ATOM   219  O  O   . LEU A 1 34  ? 2.977   -0.764  9.189   1.00 12.38 ? 52  LEU A O   1 
ATOM   220  C  CB  . LEU A 1 34  ? 3.080   -1.591  6.213   1.00 11.34 ? 52  LEU A CB  1 
ATOM   221  C  CG  . LEU A 1 34  ? 3.800   -2.185  5.005   1.00 12.72 ? 52  LEU A CG  1 
ATOM   222  C  CD1 . LEU A 1 34  ? 3.027   -3.432  4.598   1.00 13.14 ? 52  LEU A CD1 1 
ATOM   223  C  CD2 . LEU A 1 34  ? 3.816   -1.139  3.847   1.00 10.71 ? 52  LEU A CD2 1 
ATOM   224  N  N   . ARG A 1 35  ? 2.355   1.106   8.067   1.00 10.55 ? 53  ARG A N   1 
ATOM   225  C  CA  . ARG A 1 35  ? 1.305   1.492   9.014   1.00 10.69 ? 53  ARG A CA  1 
ATOM   226  C  C   . ARG A 1 35  ? 0.008   1.651   8.247   1.00 11.40 ? 53  ARG A C   1 
ATOM   227  O  O   . ARG A 1 35  ? -0.053  2.356   7.223   1.00 10.95 ? 53  ARG A O   1 
ATOM   228  C  CB  . ARG A 1 35  ? 1.597   2.824   9.722   1.00 10.70 ? 53  ARG A CB  1 
ATOM   229  C  CG  . ARG A 1 35  ? 2.633   2.743   10.801  1.00 11.40 ? 53  ARG A CG  1 
ATOM   230  C  CD  . ARG A 1 35  ? 3.130   4.141   11.167  1.00 10.89 ? 53  ARG A CD  1 
ATOM   231  N  NE  . ARG A 1 35  ? 4.119   4.111   12.252  1.00 13.38 ? 53  ARG A NE  1 
ATOM   232  C  CZ  . ARG A 1 35  ? 4.725   5.213   12.713  1.00 13.57 ? 53  ARG A CZ  1 
ATOM   233  N  NH1 . ARG A 1 35  ? 4.456   6.408   12.173  1.00 12.05 ? 53  ARG A NH1 1 
ATOM   234  N  NH2 . ARG A 1 35  ? 5.607   5.109   13.710  1.00 14.17 ? 53  ARG A NH2 1 
ATOM   235  N  N   . VAL A 1 36  ? -1.051  1.036   8.784   1.00 10.60 ? 54  VAL A N   1 
ATOM   236  C  CA  . VAL A 1 36  ? -2.361  1.138   8.176   1.00 11.25 ? 54  VAL A CA  1 
ATOM   237  C  C   . VAL A 1 36  ? -3.353  1.444   9.259   1.00 11.63 ? 54  VAL A C   1 
ATOM   238  O  O   . VAL A 1 36  ? -3.437  0.695   10.251  1.00 11.65 ? 54  VAL A O   1 
ATOM   239  C  CB  . VAL A 1 36  ? -2.741  -0.165  7.460   1.00 11.72 ? 54  VAL A CB  1 
ATOM   240  C  CG1 . VAL A 1 36  ? -4.079  0.004   6.700   1.00 13.86 ? 54  VAL A CG1 1 
ATOM   241  C  CG2 . VAL A 1 36  ? -1.580  -0.570  6.503   1.00 12.07 ? 54  VAL A CG2 1 
ATOM   242  N  N   . ARG A 1 37  ? -4.053  2.557   9.105   1.00 11.74 ? 55  ARG A N   1 
ATOM   243  C  CA  . ARG A 1 37  ? -5.138  2.906   10.071  1.00 12.32 ? 55  ARG A CA  1 
ATOM   244  C  C   . ARG A 1 37  ? -6.445  2.329   9.550   1.00 12.42 ? 55  ARG A C   1 
ATOM   245  O  O   . ARG A 1 37  ? -6.773  2.512   8.374   1.00 13.12 ? 55  ARG A O   1 
ATOM   246  C  CB  . ARG A 1 37  ? -5.235  4.418   10.298  1.00 10.29 ? 55  ARG A CB  1 
ATOM   247  C  CG  . ARG A 1 37  ? -6.121  4.752   11.546  1.00 11.55 ? 55  ARG A CG  1 
ATOM   248  C  CD  . ARG A 1 37  ? -6.211  6.249   11.830  1.00 11.81 ? 55  ARG A CD  1 
ATOM   249  N  NE  . ARG A 1 37  ? -4.904  6.819   12.190  1.00 10.69 ? 55  ARG A NE  1 
ATOM   250  C  CZ  . ARG A 1 37  ? -4.315  6.718   13.374  1.00 12.49 ? 55  ARG A CZ  1 
ATOM   251  N  NH1 . ARG A 1 37  ? -4.845  5.976   14.343  1.00 13.38 ? 55  ARG A NH1 1 
ATOM   252  N  NH2 . ARG A 1 37  ? -3.122  7.293   13.581  1.00 11.89 ? 55  ARG A NH2 1 
ATOM   253  N  N   . VAL A 1 38  ? -7.166  1.614   10.422  1.00 14.08 ? 56  VAL A N   1 
ATOM   254  C  CA  . VAL A 1 38  ? -8.357  0.846   10.004  1.00 15.19 ? 56  VAL A CA  1 
ATOM   255  C  C   . VAL A 1 38  ? -9.543  1.136   10.924  1.00 16.03 ? 56  VAL A C   1 
ATOM   256  O  O   . VAL A 1 38  ? -9.384  1.257   12.145  1.00 15.53 ? 56  VAL A O   1 
ATOM   257  C  CB  . VAL A 1 38  ? -8.074  -0.682  9.964   1.00 16.06 ? 56  VAL A CB  1 
ATOM   258  C  CG1 . VAL A 1 38  ? -6.928  -1.008  9.008   1.00 16.50 ? 56  VAL A CG1 1 
ATOM   259  C  CG2 . VAL A 1 38  ? -7.751  -1.243  11.337  1.00 18.50 ? 56  VAL A CG2 1 
ATOM   260  N  N   . ASN A 1 39  ? -10.726 1.258   10.342  1.00 15.85 ? 57  ASN A N   1 
ATOM   261  C  CA  . ASN A 1 39  ? -11.938 1.337   11.204  1.00 17.60 ? 57  ASN A CA  1 
ATOM   262  C  C   . ASN A 1 39  ? -12.939 0.213   10.960  1.00 17.41 ? 57  ASN A C   1 
ATOM   263  O  O   . ASN A 1 39  ? -12.553 -0.845  10.484  1.00 17.94 ? 57  ASN A O   1 
ATOM   264  C  CB  . ASN A 1 39  ? -12.565 2.722   11.198  1.00 17.00 ? 57  ASN A CB  1 
ATOM   265  C  CG  . ASN A 1 39  ? -13.198 3.094   9.871   1.00 19.23 ? 57  ASN A CG  1 
ATOM   266  O  OD1 . ASN A 1 39  ? -13.502 2.244   9.000   1.00 17.80 ? 57  ASN A OD1 1 
ATOM   267  N  ND2 . ASN A 1 39  ? -13.427 4.364   9.716   1.00 19.99 ? 57  ASN A ND2 1 
ATOM   268  N  N   . THR A 1 40  ? -14.214 0.442   11.305  1.00 19.84 ? 58  THR A N   1 
ATOM   269  C  CA  . THR A 1 40  ? -15.221 -0.636  11.205  1.00 20.36 ? 58  THR A CA  1 
ATOM   270  C  C   . THR A 1 40  ? -15.328 -1.141  9.785   1.00 19.60 ? 58  THR A C   1 
ATOM   271  O  O   . THR A 1 40  ? -15.456 -2.349  9.589   1.00 20.03 ? 58  THR A O   1 
ATOM   272  C  CB  . THR A 1 40  ? -16.613 -0.178  11.680  1.00 21.79 ? 58  THR A CB  1 
ATOM   273  O  OG1 . THR A 1 40  ? -16.491 0.476   12.946  1.00 22.99 ? 58  THR A OG1 1 
ATOM   274  C  CG2 . THR A 1 40  ? -17.571 -1.380  11.801  1.00 22.65 ? 58  THR A CG2 1 
ATOM   275  N  N   . TYR A 1 41  ? -15.255 -0.230  8.817   1.00 18.53 ? 59  TYR A N   1 
ATOM   276  C  CA  . TYR A 1 41  ? -15.457 -0.559  7.395   1.00 18.86 ? 59  TYR A CA  1 
ATOM   277  C  C   . TYR A 1 41  ? -14.275 -0.376  6.473   1.00 18.12 ? 59  TYR A C   1 
ATOM   278  O  O   . TYR A 1 41  ? -14.190 -1.058  5.460   1.00 19.98 ? 59  TYR A O   1 
ATOM   279  C  CB  . TYR A 1 41  ? -16.645 0.232   6.816   1.00 18.52 ? 59  TYR A CB  1 
ATOM   280  C  CG  . TYR A 1 41  ? -17.946 -0.100  7.491   1.00 19.80 ? 59  TYR A CG  1 
ATOM   281  C  CD1 . TYR A 1 41  ? -18.471 -1.390  7.425   1.00 21.59 ? 59  TYR A CD1 1 
ATOM   282  C  CD2 . TYR A 1 41  ? -18.652 0.864   8.202   1.00 24.34 ? 59  TYR A CD2 1 
ATOM   283  C  CE1 . TYR A 1 41  ? -19.653 -1.724  8.059   1.00 23.74 ? 59  TYR A CE1 1 
ATOM   284  C  CE2 . TYR A 1 41  ? -19.847 0.544   8.829   1.00 25.81 ? 59  TYR A CE2 1 
ATOM   285  C  CZ  . TYR A 1 41  ? -20.344 -0.743  8.749   1.00 25.40 ? 59  TYR A CZ  1 
ATOM   286  O  OH  . TYR A 1 41  ? -21.519 -1.081  9.377   1.00 27.46 ? 59  TYR A OH  1 
ATOM   287  N  N   . TYR A 1 42  ? -13.364 0.539   6.794   1.00 17.76 ? 60  TYR A N   1 
ATOM   288  C  CA  . TYR A 1 42  ? -12.423 1.007   5.774   1.00 17.11 ? 60  TYR A CA  1 
ATOM   289  C  C   . TYR A 1 42  ? -10.983 1.058   6.189   1.00 16.72 ? 60  TYR A C   1 
ATOM   290  O  O   . TYR A 1 42  ? -10.650 1.016   7.367   1.00 16.92 ? 60  TYR A O   1 
ATOM   291  C  CB  . TYR A 1 42  ? -12.775 2.418   5.390   1.00 17.11 ? 60  TYR A CB  1 
ATOM   292  C  CG  . TYR A 1 42  ? -14.159 2.564   4.864   1.00 19.74 ? 60  TYR A CG  1 
ATOM   293  C  CD1 . TYR A 1 42  ? -14.577 1.823   3.766   1.00 20.96 ? 60  TYR A CD1 1 
ATOM   294  C  CD2 . TYR A 1 42  ? -15.051 3.449   5.461   1.00 22.35 ? 60  TYR A CD2 1 
ATOM   295  C  CE1 . TYR A 1 42  ? -15.831 1.948   3.273   1.00 24.65 ? 60  TYR A CE1 1 
ATOM   296  C  CE2 . TYR A 1 42  ? -16.325 3.576   4.969   1.00 25.16 ? 60  TYR A CE2 1 
ATOM   297  C  CZ  . TYR A 1 42  ? -16.702 2.823   3.877   1.00 25.61 ? 60  TYR A CZ  1 
ATOM   298  O  OH  . TYR A 1 42  ? -17.964 2.977   3.371   1.00 29.08 ? 60  TYR A OH  1 
ATOM   299  N  N   . ILE A 1 43  ? -10.140 1.196   5.179   1.00 15.83 ? 61  ILE A N   1 
ATOM   300  C  CA  . ILE A 1 43  ? -8.766  1.671   5.393   1.00 15.65 ? 61  ILE A CA  1 
ATOM   301  C  C   . ILE A 1 43  ? -8.768  3.196   5.406   1.00 14.51 ? 61  ILE A C   1 
ATOM   302  O  O   . ILE A 1 43  ? -9.093  3.874   4.432   1.00 15.46 ? 61  ILE A O   1 
ATOM   303  C  CB  . ILE A 1 43  ? -7.807  1.040   4.379   1.00 16.32 ? 61  ILE A CB  1 
ATOM   304  C  CG1 . ILE A 1 43  ? -7.704  -0.461  4.727   1.00 17.30 ? 61  ILE A CG1 1 
ATOM   305  C  CG2 . ILE A 1 43  ? -6.415  1.706   4.466   1.00 17.43 ? 61  ILE A CG2 1 
ATOM   306  C  CD1 . ILE A 1 43  ? -6.990  -1.287  3.747   1.00 23.18 ? 61  ILE A CD1 1 
ATOM   307  N  N   . VAL A 1 44  ? -8.392  3.723   6.570   1.00 14.30 ? 62  VAL A N   1 
ATOM   308  C  CA  . VAL A 1 44  ? -8.513  5.152   6.891   1.00 13.45 ? 62  VAL A CA  1 
ATOM   309  C  C   . VAL A 1 44  ? -7.251  5.930   6.517   1.00 12.96 ? 62  VAL A C   1 
ATOM   310  O  O   . VAL A 1 44  ? -7.311  7.090   6.085   1.00 11.73 ? 62  VAL A O   1 
ATOM   311  C  CB  . VAL A 1 44  ? -8.769  5.259   8.423   1.00 14.42 ? 62  VAL A CB  1 
ATOM   312  C  CG1 . VAL A 1 44  ? -8.858  6.696   8.861   1.00 16.17 ? 62  VAL A CG1 1 
ATOM   313  C  CG2 . VAL A 1 44  ? -10.078 4.526   8.732   1.00 15.76 ? 62  VAL A CG2 1 
ATOM   314  N  N   . GLY A 1 45  ? -6.109  5.280   6.694   1.00 12.24 ? 63  GLY A N   1 
ATOM   315  C  CA  . GLY A 1 45  ? -4.849  5.975   6.477   1.00 11.37 ? 63  GLY A CA  1 
ATOM   316  C  C   . GLY A 1 45  ? -3.692  5.026   6.218   1.00 11.19 ? 63  GLY A C   1 
ATOM   317  O  O   . GLY A 1 45  ? -3.745  3.841   6.559   1.00 11.01 ? 63  GLY A O   1 
ATOM   318  N  N   . LEU A 1 46  ? -2.608  5.585   5.678   1.00 11.46 ? 64  LEU A N   1 
ATOM   319  C  CA  . LEU A 1 46  ? -1.443  4.786   5.328   1.00 11.65 ? 64  LEU A CA  1 
ATOM   320  C  C   . LEU A 1 46  ? -0.173  5.564   5.615   1.00 11.95 ? 64  LEU A C   1 
ATOM   321  O  O   . LEU A 1 46  ? -0.125  6.776   5.392   1.00 11.43 ? 64  LEU A O   1 
ATOM   322  C  CB  . LEU A 1 46  ? -1.456  4.495   3.802   1.00 11.78 ? 64  LEU A CB  1 
ATOM   323  C  CG  . LEU A 1 46  ? -2.530  3.529   3.302   1.00 14.70 ? 64  LEU A CG  1 
ATOM   324  C  CD1 . LEU A 1 46  ? -2.589  3.556   1.753   1.00 14.26 ? 64  LEU A CD1 1 
ATOM   325  C  CD2 . LEU A 1 46  ? -2.267  2.109   3.797   1.00 15.49 ? 64  LEU A CD2 1 
ATOM   326  N  N   . GLN A 1 47  ? 0.861   4.831   6.021   1.00 11.60 ? 65  GLN A N   1 
ATOM   327  C  CA  . GLN A 1 47  ? 2.207   5.345   6.096   1.00 10.82 ? 65  GLN A CA  1 
ATOM   328  C  C   . GLN A 1 47  ? 3.140   4.182   5.728   1.00 11.08 ? 65  GLN A C   1 
ATOM   329  O  O   . GLN A 1 47  ? 2.904   3.020   6.093   1.00 11.30 ? 65  GLN A O   1 
ATOM   330  C  CB  . GLN A 1 47  ? 2.470   5.831   7.523   1.00 11.80 ? 65  GLN A CB  1 
ATOM   331  C  CG  . GLN A 1 47  ? 3.323   7.050   7.597   1.00 14.12 ? 65  GLN A CG  1 
ATOM   332  C  CD  . GLN A 1 47  ? 3.360   7.636   9.002   1.00 14.65 ? 65  GLN A CD  1 
ATOM   333  O  OE1 . GLN A 1 47  ? 2.795   7.062   9.940   1.00 14.37 ? 65  GLN A OE1 1 
ATOM   334  N  NE2 . GLN A 1 47  ? 4.039   8.765   9.147   1.00 14.33 ? 65  GLN A NE2 1 
ATOM   335  N  N   . VAL A 1 48  ? 4.231   4.485   5.034   1.00 9.54  ? 66  VAL A N   1 
ATOM   336  C  CA  . VAL A 1 48  ? 5.149   3.451   4.606   1.00 9.76  ? 66  VAL A CA  1 
ATOM   337  C  C   . VAL A 1 48  ? 6.545   3.902   5.002   1.00 10.19 ? 66  VAL A C   1 
ATOM   338  O  O   . VAL A 1 48  ? 6.874   5.087   4.853   1.00 9.33  ? 66  VAL A O   1 
ATOM   339  C  CB  . VAL A 1 48  ? 5.085   3.221   3.048   1.00 10.15 ? 66  VAL A CB  1 
ATOM   340  C  CG1 . VAL A 1 48  ? 6.138   2.207   2.612   1.00 10.21 ? 66  VAL A CG1 1 
ATOM   341  C  CG2 . VAL A 1 48  ? 3.646   2.740   2.657   1.00 11.06 ? 66  VAL A CG2 1 
ATOM   342  N  N   . ARG A 1 49  ? 7.357   2.970   5.500   1.00 8.67  ? 67  ARG A N   1 
ATOM   343  C  CA  . ARG A 1 49  ? 8.730   3.337   5.953   1.00 9.79  ? 67  ARG A CA  1 
ATOM   344  C  C   . ARG A 1 49  ? 9.674   2.952   4.821   1.00 10.33 ? 67  ARG A C   1 
ATOM   345  O  O   . ARG A 1 49  ? 9.676   1.801   4.428   1.00 11.91 ? 67  ARG A O   1 
ATOM   346  C  CB  . ARG A 1 49  ? 9.132   2.581   7.241   1.00 10.78 ? 67  ARG A CB  1 
ATOM   347  C  CG  . ARG A 1 49  ? 10.279  3.247   8.052   1.00 12.36 ? 67  ARG A CG  1 
ATOM   348  C  CD  . ARG A 1 49  ? 10.630  2.339   9.245   1.00 14.93 ? 67  ARG A CD  1 
ATOM   349  N  NE  . ARG A 1 49  ? 11.501  3.006   10.213  1.00 20.15 ? 67  ARG A NE  1 
ATOM   350  C  CZ  . ARG A 1 49  ? 12.514  2.405   10.841  1.00 24.81 ? 67  ARG A CZ  1 
ATOM   351  N  NH1 . ARG A 1 49  ? 12.793  1.139   10.590  1.00 28.73 ? 67  ARG A NH1 1 
ATOM   352  N  NH2 . ARG A 1 49  ? 13.263  3.075   11.705  1.00 25.44 ? 67  ARG A NH2 1 
ATOM   353  N  N   . TYR A 1 50  ? 10.436  3.938   4.327   1.00 9.08  ? 68  TYR A N   1 
ATOM   354  C  CA  . TYR A 1 50  ? 11.409  3.716   3.227   1.00 11.05 ? 68  TYR A CA  1 
ATOM   355  C  C   . TYR A 1 50  ? 12.779  3.824   3.873   1.00 11.61 ? 68  TYR A C   1 
ATOM   356  O  O   . TYR A 1 50  ? 13.115  4.855   4.404   1.00 13.08 ? 68  TYR A O   1 
ATOM   357  C  CB  . TYR A 1 50  ? 11.189  4.750   2.109   1.00 10.64 ? 68  TYR A CB  1 
ATOM   358  C  CG  . TYR A 1 50  ? 9.841   4.622   1.437   1.00 9.80  ? 68  TYR A CG  1 
ATOM   359  C  CD1 . TYR A 1 50  ? 9.676   3.809   0.302   1.00 11.79 ? 68  TYR A CD1 1 
ATOM   360  C  CD2 . TYR A 1 50  ? 8.721   5.282   1.935   1.00 10.55 ? 68  TYR A CD2 1 
ATOM   361  C  CE1 . TYR A 1 50  ? 8.458   3.680   -0.315  1.00 9.40  ? 68  TYR A CE1 1 
ATOM   362  C  CE2 . TYR A 1 50  ? 7.448   5.137   1.334   1.00 10.32 ? 68  TYR A CE2 1 
ATOM   363  C  CZ  . TYR A 1 50  ? 7.336   4.317   0.210   1.00 8.58  ? 68  TYR A CZ  1 
ATOM   364  O  OH  . TYR A 1 50  ? 6.147   4.125   -0.423  1.00 10.83 ? 68  TYR A OH  1 
ATOM   365  N  N   . GLY A 1 51  ? 13.541  2.725   3.893   1.00 12.46 ? 69  GLY A N   1 
ATOM   366  C  CA  . GLY A 1 51  ? 14.723  2.673   4.751   1.00 13.76 ? 69  GLY A CA  1 
ATOM   367  C  C   . GLY A 1 51  ? 14.313  2.905   6.206   1.00 14.47 ? 69  GLY A C   1 
ATOM   368  O  O   . GLY A 1 51  ? 13.495  2.189   6.771   1.00 15.31 ? 69  GLY A O   1 
ATOM   369  N  N   . LYS A 1 52  ? 14.888  3.944   6.818   1.00 16.50 ? 70  LYS A N   1 
ATOM   370  C  CA  . LYS A 1 52  ? 14.588  4.231   8.217   1.00 17.92 ? 70  LYS A CA  1 
ATOM   371  C  C   . LYS A 1 52  ? 13.629  5.410   8.309   1.00 17.54 ? 70  LYS A C   1 
ATOM   372  O  O   . LYS A 1 52  ? 13.355  5.887   9.395   1.00 17.98 ? 70  LYS A O   1 
ATOM   373  C  CB  . LYS A 1 52  ? 15.881  4.504   9.003   1.00 19.05 ? 70  LYS A CB  1 
ATOM   374  C  CG  . LYS A 1 52  ? 16.622  3.201   9.334   1.00 22.34 ? 70  LYS A CG  1 
ATOM   375  C  CD  . LYS A 1 52  ? 17.865  3.420   10.178  1.00 28.98 ? 70  LYS A CD  1 
ATOM   376  C  CE  . LYS A 1 52  ? 18.887  2.315   9.933   1.00 32.15 ? 70  LYS A CE  1 
ATOM   377  N  NZ  . LYS A 1 52  ? 18.646  1.070   10.741  1.00 36.28 ? 70  LYS A NZ  1 
ATOM   378  N  N   . VAL A 1 53  ? 13.096  5.857   7.177   1.00 16.47 ? 71  VAL A N   1 
ATOM   379  C  CA  . VAL A 1 53  ? 12.254  7.065   7.184   1.00 15.82 ? 71  VAL A CA  1 
ATOM   380  C  C   . VAL A 1 53  ? 10.782  6.817   6.805   1.00 15.41 ? 71  VAL A C   1 
ATOM   381  O  O   . VAL A 1 53  ? 10.445  6.436   5.670   1.00 14.55 ? 71  VAL A O   1 
ATOM   382  C  CB  . VAL A 1 53  ? 12.842  8.165   6.300   1.00 16.07 ? 71  VAL A CB  1 
ATOM   383  C  CG1 . VAL A 1 53  ? 12.074  9.479   6.455   1.00 17.75 ? 71  VAL A CG1 1 
ATOM   384  C  CG2 . VAL A 1 53  ? 14.341  8.429   6.684   1.00 16.79 ? 71  VAL A CG2 1 
ATOM   385  N  N   . TRP A 1 54  ? 9.896   7.145   7.742   1.00 14.36 ? 72  TRP A N   1 
ATOM   386  C  CA  . TRP A 1 54  ? 8.450   7.071   7.446   1.00 13.15 ? 72  TRP A CA  1 
ATOM   387  C  C   . TRP A 1 54  ? 8.012   8.170   6.475   1.00 12.25 ? 72  TRP A C   1 
ATOM   388  O  O   . TRP A 1 54  ? 8.403   9.339   6.636   1.00 14.46 ? 72  TRP A O   1 
ATOM   389  C  CB  . TRP A 1 54  ? 7.640   7.203   8.727   1.00 13.06 ? 72  TRP A CB  1 
ATOM   390  C  CG  . TRP A 1 54  ? 7.682   5.974   9.592   1.00 10.35 ? 72  TRP A CG  1 
ATOM   391  C  CD1 . TRP A 1 54  ? 8.458   5.786   10.717  1.00 11.74 ? 72  TRP A CD1 1 
ATOM   392  C  CD2 . TRP A 1 54  ? 6.979   4.754   9.382   1.00 12.51 ? 72  TRP A CD2 1 
ATOM   393  N  NE1 . TRP A 1 54  ? 8.255   4.538   11.238  1.00 15.06 ? 72  TRP A NE1 1 
ATOM   394  C  CE2 . TRP A 1 54  ? 7.355   3.870   10.441  1.00 12.85 ? 72  TRP A CE2 1 
ATOM   395  C  CE3 . TRP A 1 54  ? 6.049   4.310   8.418   1.00 10.10 ? 72  TRP A CE3 1 
ATOM   396  C  CZ2 . TRP A 1 54  ? 6.851   2.576   10.561  1.00 13.28 ? 72  TRP A CZ2 1 
ATOM   397  C  CZ3 . TRP A 1 54  ? 5.535   3.013   8.554   1.00 10.12 ? 72  TRP A CZ3 1 
ATOM   398  C  CH2 . TRP A 1 54  ? 5.924   2.172   9.617   1.00 12.99 ? 72  TRP A CH2 1 
ATOM   399  N  N   . SER A 1 55  ? 7.143   7.805   5.522   1.00 12.30 ? 73  SER A N   1 
ATOM   400  C  CA  . SER A 1 55  ? 6.495   8.750   4.595   1.00 11.94 ? 73  SER A CA  1 
ATOM   401  C  C   . SER A 1 55  ? 5.593   9.732   5.366   1.00 13.25 ? 73  SER A C   1 
ATOM   402  O  O   . SER A 1 55  ? 5.268   9.452   6.513   1.00 13.61 ? 73  SER A O   1 
ATOM   403  C  CB  . SER A 1 55  ? 5.648   7.993   3.577   1.00 12.51 ? 73  SER A CB  1 
ATOM   404  O  OG  . SER A 1 55  ? 4.545   7.329   4.210   1.00 12.83 ? 73  SER A OG  1 
ATOM   405  N  N   . ASP A 1 56  ? 5.187   10.844  4.745   1.00 13.50 ? 74  ASP A N   1 
ATOM   406  C  CA  . ASP A 1 56  ? 4.189   11.712  5.416   1.00 14.33 ? 74  ASP A CA  1 
ATOM   407  C  C   . ASP A 1 56  ? 2.882   10.941  5.496   1.00 14.21 ? 74  ASP A C   1 
ATOM   408  O  O   . ASP A 1 56  ? 2.497   10.291  4.528   1.00 16.34 ? 74  ASP A O   1 
ATOM   409  C  CB  . ASP A 1 56  ? 3.953   13.018  4.642   1.00 16.86 ? 74  ASP A CB  1 
ATOM   410  C  CG  . ASP A 1 56  ? 5.217   13.884  4.535   1.00 18.74 ? 74  ASP A CG  1 
ATOM   411  O  OD1 . ASP A 1 56  ? 6.156   13.753  5.357   1.00 22.31 ? 74  ASP A OD1 1 
ATOM   412  O  OD2 . ASP A 1 56  ? 5.248   14.728  3.616   1.00 28.61 ? 74  ASP A OD2 1 
ATOM   413  N  N   . TYR A 1 57  ? 2.215   11.024  6.632   1.00 12.64 ? 75  TYR A N   1 
ATOM   414  C  CA  . TYR A 1 57  ? 0.965   10.281  6.828   1.00 12.52 ? 75  TYR A CA  1 
ATOM   415  C  C   . TYR A 1 57  ? -0.110  10.763  5.855   1.00 12.61 ? 75  TYR A C   1 
ATOM   416  O  O   . TYR A 1 57  ? -0.255  11.981  5.655   1.00 13.59 ? 75  TYR A O   1 
ATOM   417  C  CB  . TYR A 1 57  ? 0.497   10.454  8.292   1.00 12.11 ? 75  TYR A CB  1 
ATOM   418  C  CG  . TYR A 1 57  ? -0.779  9.709   8.573   1.00 12.15 ? 75  TYR A CG  1 
ATOM   419  C  CD1 . TYR A 1 57  ? -0.742  8.404   9.082   1.00 14.25 ? 75  TYR A CD1 1 
ATOM   420  C  CD2 . TYR A 1 57  ? -2.004  10.334  8.405   1.00 12.78 ? 75  TYR A CD2 1 
ATOM   421  C  CE1 . TYR A 1 57  ? -1.919  7.720   9.340   1.00 14.18 ? 75  TYR A CE1 1 
ATOM   422  C  CE2 . TYR A 1 57  ? -3.202  9.670   8.662   1.00 10.80 ? 75  TYR A CE2 1 
ATOM   423  C  CZ  . TYR A 1 57  ? -3.130  8.350   9.133   1.00 11.77 ? 75  TYR A CZ  1 
ATOM   424  O  OH  . TYR A 1 57  ? -4.293  7.635   9.394   1.00 12.68 ? 75  TYR A OH  1 
ATOM   425  N  N   . VAL A 1 58  ? -0.847  9.837   5.240   1.00 11.78 ? 76  VAL A N   1 
ATOM   426  C  CA  . VAL A 1 58  ? -1.992  10.215  4.420   1.00 12.70 ? 76  VAL A CA  1 
ATOM   427  C  C   . VAL A 1 58  ? -3.252  9.517   4.891   1.00 12.38 ? 76  VAL A C   1 
ATOM   428  O  O   . VAL A 1 58  ? -3.207  8.346   5.359   1.00 12.65 ? 76  VAL A O   1 
ATOM   429  C  CB  . VAL A 1 58  ? -1.789  10.011  2.871   1.00 13.18 ? 76  VAL A CB  1 
ATOM   430  C  CG1 . VAL A 1 58  ? -0.557  10.830  2.327   1.00 15.60 ? 76  VAL A CG1 1 
ATOM   431  C  CG2 . VAL A 1 58  ? -1.694  8.525   2.503   1.00 13.96 ? 76  VAL A CG2 1 
ATOM   432  N  N   . GLY A 1 59  ? -4.357  10.231  4.730   1.00 12.67 ? 77  GLY A N   1 
ATOM   433  C  CA  . GLY A 1 59  ? -5.683  9.745   5.084   1.00 13.53 ? 77  GLY A CA  1 
ATOM   434  C  C   . GLY A 1 59  ? -6.152  10.409  6.363   1.00 13.17 ? 77  GLY A C   1 
ATOM   435  O  O   . GLY A 1 59  ? -5.614  11.439  6.765   1.00 14.73 ? 77  GLY A O   1 
ATOM   436  N  N   . GLY A 1 60  ? -7.147  9.803   7.000   1.00 14.85 ? 78  GLY A N   1 
ATOM   437  C  CA  . GLY A 1 60  ? -7.833  10.464  8.130   1.00 13.53 ? 78  GLY A CA  1 
ATOM   438  C  C   . GLY A 1 60  ? -7.453  9.887   9.487   1.00 13.92 ? 78  GLY A C   1 
ATOM   439  O  O   . GLY A 1 60  ? -6.545  9.076   9.607   1.00 14.75 ? 78  GLY A O   1 
ATOM   440  N  N   . ARG A 1 61  ? -8.194  10.306  10.506  1.00 13.97 ? 79  ARG A N   1 
ATOM   441  C  CA  . ARG A 1 61  ? -7.818  9.985   11.872  1.00 15.60 ? 79  ARG A CA  1 
ATOM   442  C  C   . ARG A 1 61  ? -8.772  9.040   12.594  1.00 14.99 ? 79  ARG A C   1 
ATOM   443  O  O   . ARG A 1 61  ? -8.454  8.591   13.709  1.00 14.16 ? 79  ARG A O   1 
ATOM   444  C  CB  . ARG A 1 61  ? -7.689  11.276  12.650  1.00 16.48 ? 79  ARG A CB  1 
ATOM   445  C  CG  . ARG A 1 61  ? -6.544  12.160  12.151  1.00 20.14 ? 79  ARG A CG  1 
ATOM   446  C  CD  . ARG A 1 61  ? -6.273  13.218  13.185  1.00 26.46 ? 79  ARG A CD  1 
ATOM   447  N  NE  . ARG A 1 61  ? -7.215  14.325  13.161  1.00 31.57 ? 79  ARG A NE  1 
ATOM   448  C  CZ  . ARG A 1 61  ? -7.751  14.888  14.250  1.00 32.47 ? 79  ARG A CZ  1 
ATOM   449  N  NH1 . ARG A 1 61  ? -7.485  14.436  15.482  1.00 33.74 ? 79  ARG A NH1 1 
ATOM   450  N  NH2 . ARG A 1 61  ? -8.576  15.907  14.111  1.00 30.09 ? 79  ARG A NH2 1 
ATOM   451  N  N   . ASN A 1 62  ? -9.905  8.717   11.974  1.00 13.83 ? 80  ASN A N   1 
ATOM   452  C  CA  . ASN A 1 62  ? -10.923 7.905   12.652  1.00 15.37 ? 80  ASN A CA  1 
ATOM   453  C  C   . ASN A 1 62  ? -10.728 6.390   12.486  1.00 15.39 ? 80  ASN A C   1 
ATOM   454  O  O   . ASN A 1 62  ? -11.460 5.704   11.768  1.00 16.63 ? 80  ASN A O   1 
ATOM   455  C  CB  . ASN A 1 62  ? -12.313 8.309   12.170  1.00 16.28 ? 80  ASN A CB  1 
ATOM   456  C  CG  . ASN A 1 62  ? -13.406 7.585   12.924  1.00 19.14 ? 80  ASN A CG  1 
ATOM   457  O  OD1 . ASN A 1 62  ? -13.231 7.225   14.103  1.00 20.24 ? 80  ASN A OD1 1 
ATOM   458  N  ND2 . ASN A 1 62  ? -14.548 7.348   12.244  1.00 22.73 ? 80  ASN A ND2 1 
ATOM   459  N  N   . GLY A 1 63  ? -9.719  5.876   13.121  1.00 14.26 ? 81  GLY A N   1 
ATOM   460  C  CA  . GLY A 1 63  ? -9.478  4.435   13.128  1.00 14.51 ? 81  GLY A CA  1 
ATOM   461  C  C   . GLY A 1 63  ? -8.295  4.108   13.996  1.00 14.51 ? 81  GLY A C   1 
ATOM   462  O  O   . GLY A 1 63  ? -7.687  5.002   14.604  1.00 14.34 ? 81  GLY A O   1 
ATOM   463  N  N   . ASP A 1 64  ? -8.030  2.814   14.122  1.00 13.74 ? 82  ASP A N   1 
ATOM   464  C  CA  . ASP A 1 64  ? -6.952  2.298   14.958  1.00 14.77 ? 82  ASP A CA  1 
ATOM   465  C  C   . ASP A 1 64  ? -5.750  1.990   14.113  1.00 14.13 ? 82  ASP A C   1 
ATOM   466  O  O   . ASP A 1 64  ? -5.874  1.409   13.015  1.00 12.71 ? 82  ASP A O   1 
ATOM   467  C  CB  . ASP A 1 64  ? -7.404  1.037   15.705  1.00 16.22 ? 82  ASP A CB  1 
ATOM   468  C  CG  . ASP A 1 64  ? -8.422  1.347   16.811  1.00 22.14 ? 82  ASP A CG  1 
ATOM   469  O  OD1 . ASP A 1 64  ? -8.034  1.968   17.833  1.00 25.19 ? 82  ASP A OD1 1 
ATOM   470  O  OD2 . ASP A 1 64  ? -9.614  0.995   16.648  1.00 31.97 ? 82  ASP A OD2 1 
ATOM   471  N  N   . LEU A 1 65  ? -4.580  2.373   14.621  1.00 12.86 ? 83  LEU A N   1 
ATOM   472  C  CA  . LEU A 1 65  ? -3.348  2.190   13.852  1.00 12.95 ? 83  LEU A CA  1 
ATOM   473  C  C   . LEU A 1 65  ? -2.805  0.770   13.995  1.00 13.67 ? 83  LEU A C   1 
ATOM   474  O  O   . LEU A 1 65  ? -2.627  0.270   15.134  1.00 14.88 ? 83  LEU A O   1 
ATOM   475  C  CB  . LEU A 1 65  ? -2.305  3.241   14.294  1.00 13.12 ? 83  LEU A CB  1 
ATOM   476  C  CG  . LEU A 1 65  ? -1.077  3.243   13.368  1.00 14.44 ? 83  LEU A CG  1 
ATOM   477  C  CD1 . LEU A 1 65  ? -1.437  4.090   12.108  1.00 16.48 ? 83  LEU A CD1 1 
ATOM   478  C  CD2 . LEU A 1 65  ? 0.124   3.805   14.071  1.00 19.24 ? 83  LEU A CD2 1 
ATOM   479  N  N   . GLU A 1 66  ? -2.560  0.107   12.852  1.00 12.50 ? 84  GLU A N   1 
ATOM   480  C  CA  . GLU A 1 66  ? -1.892  -1.199  12.821  1.00 13.32 ? 84  GLU A CA  1 
ATOM   481  C  C   . GLU A 1 66  ? -0.550  -1.020  12.138  1.00 14.23 ? 84  GLU A C   1 
ATOM   482  O  O   . GLU A 1 66  ? -0.435  -0.216  11.228  1.00 14.99 ? 84  GLU A O   1 
ATOM   483  C  CB  . GLU A 1 66  ? -2.740  -2.200  12.067  1.00 13.66 ? 84  GLU A CB  1 
ATOM   484  C  CG  . GLU A 1 66  ? -4.175  -2.231  12.595  1.00 17.99 ? 84  GLU A CG  1 
ATOM   485  C  CD  . GLU A 1 66  ? -4.912  -3.489  12.222  1.00 23.99 ? 84  GLU A CD  1 
ATOM   486  O  OE1 . GLU A 1 66  ? -4.617  -4.065  11.143  1.00 23.44 ? 84  GLU A OE1 1 
ATOM   487  O  OE2 . GLU A 1 66  ? -5.789  -3.911  13.030  1.00 25.78 ? 84  GLU A OE2 1 
ATOM   488  N  N   . GLU A 1 67  ? 0.458   -1.717  12.632  1.00 15.27 ? 85  GLU A N   1 
ATOM   489  C  CA  . GLU A 1 67  ? 1.830   -1.521  12.172  1.00 15.16 ? 85  GLU A CA  1 
ATOM   490  C  C   . GLU A 1 67  ? 2.515   -2.863  12.035  1.00 15.28 ? 85  GLU A C   1 
ATOM   491  O  O   . GLU A 1 67  ? 2.404   -3.716  12.931  1.00 16.25 ? 85  GLU A O   1 
ATOM   492  C  CB  . GLU A 1 67  ? 2.579   -0.642  13.147  1.00 15.42 ? 85  GLU A CB  1 
ATOM   493  C  CG  . GLU A 1 67  ? 4.038   -0.366  12.776  1.00 19.04 ? 85  GLU A CG  1 
ATOM   494  C  CD  . GLU A 1 67  ? 4.675   0.572   13.783  1.00 25.36 ? 85  GLU A CD  1 
ATOM   495  O  OE1 . GLU A 1 67  ? 4.826   0.180   14.975  1.00 28.35 ? 85  GLU A OE1 1 
ATOM   496  O  OE2 . GLU A 1 67  ? 5.037   1.691   13.401  1.00 26.18 ? 85  GLU A OE2 1 
ATOM   497  N  N   . ILE A 1 68  ? 3.195   -3.087  10.913  1.00 14.52 ? 86  ILE A N   1 
ATOM   498  C  CA  . ILE A 1 68  ? 3.958   -4.345  10.713  1.00 15.77 ? 86  ILE A CA  1 
ATOM   499  C  C   . ILE A 1 68  ? 5.332   -3.987  10.150  1.00 15.20 ? 86  ILE A C   1 
ATOM   500  O  O   . ILE A 1 68  ? 5.401   -3.250  9.159   1.00 15.14 ? 86  ILE A O   1 
ATOM   501  C  CB  . ILE A 1 68  ? 3.264   -5.334  9.735   1.00 15.31 ? 86  ILE A CB  1 
ATOM   502  C  CG1 . ILE A 1 68  ? 1.886   -5.739  10.320  1.00 18.36 ? 86  ILE A CG1 1 
ATOM   503  C  CG2 . ILE A 1 68  ? 4.178   -6.577  9.445   1.00 19.91 ? 86  ILE A CG2 1 
ATOM   504  C  CD1 . ILE A 1 68  ? 1.032   -6.764  9.467   1.00 19.21 ? 86  ILE A CD1 1 
ATOM   505  N  N   . PHE A 1 69  ? 6.385   -4.510  10.771  1.00 15.49 ? 87  PHE A N   1 
ATOM   506  C  CA  . PHE A 1 69  ? 7.750   -4.344  10.270  1.00 15.90 ? 87  PHE A CA  1 
ATOM   507  C  C   . PHE A 1 69  ? 8.127   -5.511  9.377   1.00 15.73 ? 87  PHE A C   1 
ATOM   508  O  O   . PHE A 1 69  ? 7.841   -6.681  9.684   1.00 15.59 ? 87  PHE A O   1 
ATOM   509  C  CB  . PHE A 1 69  ? 8.730   -4.194  11.446  1.00 17.30 ? 87  PHE A CB  1 
ATOM   510  C  CG  . PHE A 1 69  ? 8.596   -2.873  12.140  1.00 19.62 ? 87  PHE A CG  1 
ATOM   511  C  CD1 . PHE A 1 69  ? 9.329   -1.778  11.703  1.00 25.49 ? 87  PHE A CD1 1 
ATOM   512  C  CD2 . PHE A 1 69  ? 7.702   -2.719  13.192  1.00 24.15 ? 87  PHE A CD2 1 
ATOM   513  C  CE1 . PHE A 1 69  ? 9.192   -0.537  12.325  1.00 26.04 ? 87  PHE A CE1 1 
ATOM   514  C  CE2 . PHE A 1 69  ? 7.559   -1.473  13.831  1.00 28.01 ? 87  PHE A CE2 1 
ATOM   515  C  CZ  . PHE A 1 69  ? 8.305   -0.382  13.388  1.00 26.54 ? 87  PHE A CZ  1 
ATOM   516  N  N   . LEU A 1 70  ? 8.749   -5.194  8.245   1.00 14.45 ? 88  LEU A N   1 
ATOM   517  C  CA  . LEU A 1 70  ? 9.291   -6.223  7.381   1.00 14.75 ? 88  LEU A CA  1 
ATOM   518  C  C   . LEU A 1 70  ? 10.650  -6.635  7.898   1.00 15.04 ? 88  LEU A C   1 
ATOM   519  O  O   . LEU A 1 70  ? 11.354  -5.842  8.515   1.00 17.02 ? 88  LEU A O   1 
ATOM   520  C  CB  . LEU A 1 70  ? 9.417   -5.696  5.945   1.00 13.28 ? 88  LEU A CB  1 
ATOM   521  C  CG  . LEU A 1 70  ? 8.147   -5.591  5.112   1.00 15.62 ? 88  LEU A CG  1 
ATOM   522  C  CD1 . LEU A 1 70  ? 7.082   -4.632  5.594   1.00 20.51 ? 88  LEU A CD1 1 
ATOM   523  C  CD2 . LEU A 1 70  ? 8.572   -5.190  3.695   1.00 14.54 ? 88  LEU A CD2 1 
ATOM   524  N  N   . HIS A 1 71  ? 10.997  -7.885  7.659   1.00 15.92 ? 89  HIS A N   1 
ATOM   525  C  CA  . HIS A 1 71  ? 12.313  -8.381  8.049   1.00 16.22 ? 89  HIS A CA  1 
ATOM   526  C  C   . HIS A 1 71  ? 13.369  -7.800  7.109   1.00 16.70 ? 89  HIS A C   1 
ATOM   527  O  O   . HIS A 1 71  ? 13.053  -7.439  5.955   1.00 16.02 ? 89  HIS A O   1 
ATOM   528  C  CB  . HIS A 1 71  ? 12.340  -9.907  7.963   1.00 17.29 ? 89  HIS A CB  1 
ATOM   529  C  CG  . HIS A 1 71  ? 11.287  -10.585 8.787   1.00 20.82 ? 89  HIS A CG  1 
ATOM   530  N  ND1 . HIS A 1 71  ? 11.121  -10.334 10.131  1.00 27.92 ? 89  HIS A ND1 1 
ATOM   531  C  CD2 . HIS A 1 71  ? 10.345  -11.500 8.460   1.00 25.02 ? 89  HIS A CD2 1 
ATOM   532  C  CE1 . HIS A 1 71  ? 10.112  -11.051 10.597  1.00 25.01 ? 89  HIS A CE1 1 
ATOM   533  N  NE2 . HIS A 1 71  ? 9.626   -11.773 9.606   1.00 26.79 ? 89  HIS A NE2 1 
ATOM   534  N  N   . PRO A 1 72  ? 14.621  -7.677  7.594   1.00 16.95 ? 90  PRO A N   1 
ATOM   535  C  CA  . PRO A 1 72  ? 15.685  -7.200  6.703   1.00 17.70 ? 90  PRO A CA  1 
ATOM   536  C  C   . PRO A 1 72  ? 15.722  -8.013  5.436   1.00 16.59 ? 90  PRO A C   1 
ATOM   537  O  O   . PRO A 1 72  ? 15.660  -9.251  5.478   1.00 16.99 ? 90  PRO A O   1 
ATOM   538  C  CB  . PRO A 1 72  ? 16.967  -7.430  7.508   1.00 17.37 ? 90  PRO A CB  1 
ATOM   539  C  CG  . PRO A 1 72  ? 16.479  -7.405  8.956   1.00 19.92 ? 90  PRO A CG  1 
ATOM   540  C  CD  . PRO A 1 72  ? 15.129  -8.053  8.926   1.00 18.69 ? 90  PRO A CD  1 
ATOM   541  N  N   . GLY A 1 73  ? 15.741  -7.302  4.317   1.00 16.71 ? 91  GLY A N   1 
ATOM   542  C  CA  . GLY A 1 73  ? 15.832  -7.950  3.019   1.00 16.67 ? 91  GLY A CA  1 
ATOM   543  C  C   . GLY A 1 73  ? 14.543  -8.561  2.493   1.00 16.63 ? 91  GLY A C   1 
ATOM   544  O  O   . GLY A 1 73  ? 14.577  -9.234  1.466   1.00 17.76 ? 91  GLY A O   1 
ATOM   545  N  N   . GLU A 1 74  ? 13.415  -8.337  3.191   1.00 14.43 ? 92  GLU A N   1 
ATOM   546  C  CA  . GLU A 1 74  ? 12.118  -8.845  2.741   1.00 13.50 ? 92  GLU A CA  1 
ATOM   547  C  C   . GLU A 1 74  ? 11.466  -7.838  1.810   1.00 13.71 ? 92  GLU A C   1 
ATOM   548  O  O   . GLU A 1 74  ? 11.421  -6.646  2.133   1.00 14.43 ? 92  GLU A O   1 
ATOM   549  C  CB  . GLU A 1 74  ? 11.195  -9.103  3.960   1.00 12.60 ? 92  GLU A CB  1 
ATOM   550  C  CG  . GLU A 1 74  ? 9.774   -9.635  3.642   1.00 14.06 ? 92  GLU A CG  1 
ATOM   551  C  CD  . GLU A 1 74  ? 8.949   -9.955  4.899   1.00 15.52 ? 92  GLU A CD  1 
ATOM   552  O  OE1 . GLU A 1 74  ? 9.174   -9.334  5.940   1.00 16.68 ? 92  GLU A OE1 1 
ATOM   553  O  OE2 . GLU A 1 74  ? 8.120   -10.875 4.858   1.00 17.57 ? 92  GLU A OE2 1 
ATOM   554  N  N   . SER A 1 75  ? 10.941  -8.326  0.683   1.00 13.20 ? 93  SER A N   1 
ATOM   555  C  CA  . SER A 1 75  ? 10.321  -7.475  -0.328  1.00 12.54 ? 93  SER A CA  1 
ATOM   556  C  C   . SER A 1 75  ? 8.890   -7.894  -0.584  1.00 12.63 ? 93  SER A C   1 
ATOM   557  O  O   . SER A 1 75  ? 8.548   -9.083  -0.408  1.00 11.51 ? 93  SER A O   1 
ATOM   558  C  CB  . SER A 1 75  ? 11.075  -7.586  -1.641  1.00 12.77 ? 93  SER A CB  1 
ATOM   559  O  OG  . SER A 1 75  ? 12.437  -7.167  -1.504  1.00 16.33 ? 93  SER A OG  1 
ATOM   560  N  N   . VAL A 1 76  ? 8.064   -6.924  -0.986  1.00 10.26 ? 94  VAL A N   1 
ATOM   561  C  CA  . VAL A 1 76  ? 6.659   -7.194  -1.351  1.00 10.61 ? 94  VAL A CA  1 
ATOM   562  C  C   . VAL A 1 76  ? 6.637   -7.531  -2.844  1.00 10.62 ? 94  VAL A C   1 
ATOM   563  O  O   . VAL A 1 76  ? 7.159   -6.781  -3.669  1.00 9.30  ? 94  VAL A O   1 
ATOM   564  C  CB  . VAL A 1 76  ? 5.768   -6.019  -1.025  1.00 11.02 ? 94  VAL A CB  1 
ATOM   565  C  CG1 . VAL A 1 76  ? 4.337   -6.219  -1.546  1.00 9.06  ? 94  VAL A CG1 1 
ATOM   566  C  CG2 . VAL A 1 76  ? 5.732   -5.798  0.510   1.00 10.91 ? 94  VAL A CG2 1 
ATOM   567  N  N   . ILE A 1 77  ? 6.058   -8.682  -3.151  1.00 9.33  ? 95  ILE A N   1 
ATOM   568  C  CA  . ILE A 1 77  ? 6.071   -9.224  -4.536  1.00 10.82 ? 95  ILE A CA  1 
ATOM   569  C  C   . ILE A 1 77  ? 4.678   -9.302  -5.165  1.00 11.12 ? 95  ILE A C   1 
ATOM   570  O  O   . ILE A 1 77  ? 4.554   -9.590  -6.360  1.00 11.38 ? 95  ILE A O   1 
ATOM   571  C  CB  . ILE A 1 77  ? 6.800   -10.604 -4.641  1.00 10.97 ? 95  ILE A CB  1 
ATOM   572  C  CG1 . ILE A 1 77  ? 6.194   -11.607 -3.631  1.00 11.71 ? 95  ILE A CG1 1 
ATOM   573  C  CG2 . ILE A 1 77  ? 8.311   -10.436 -4.406  1.00 14.75 ? 95  ILE A CG2 1 
ATOM   574  C  CD1 . ILE A 1 77  ? 6.723   -13.071 -3.795  1.00 16.25 ? 95  ILE A CD1 1 
ATOM   575  N  N   . GLN A 1 78  ? 3.631   -9.042  -4.366  1.00 11.30 ? 96  GLN A N   1 
ATOM   576  C  CA  . GLN A 1 78  ? 2.250   -9.051  -4.850  1.00 11.22 ? 96  GLN A CA  1 
ATOM   577  C  C   . GLN A 1 78  ? 1.425   -8.241  -3.872  1.00 10.88 ? 96  GLN A C   1 
ATOM   578  O  O   . GLN A 1 78  ? 1.715   -8.241  -2.668  1.00 12.04 ? 96  GLN A O   1 
ATOM   579  C  CB  . GLN A 1 78  ? 1.653   -10.481 -4.881  1.00 11.77 ? 96  GLN A CB  1 
ATOM   580  C  CG  . GLN A 1 78  ? 2.428   -11.501 -5.692  1.00 16.41 ? 96  GLN A CG  1 
ATOM   581  C  CD  . GLN A 1 78  ? 2.048   -12.927 -5.351  1.00 19.36 ? 96  GLN A CD  1 
ATOM   582  O  OE1 . GLN A 1 78  ? 2.870   -13.859 -5.503  1.00 19.18 ? 96  GLN A OE1 1 
ATOM   583  N  NE2 . GLN A 1 78  ? 0.788   -13.119 -4.915  1.00 18.27 ? 96  GLN A NE2 1 
ATOM   584  N  N   . VAL A 1 79  ? 0.397   -7.576  -4.360  1.00 10.11 ? 97  VAL A N   1 
ATOM   585  C  CA  . VAL A 1 79  ? -0.543  -6.884  -3.438  1.00 11.14 ? 97  VAL A CA  1 
ATOM   586  C  C   . VAL A 1 79  ? -1.954  -7.198  -3.886  1.00 12.94 ? 97  VAL A C   1 
ATOM   587  O  O   . VAL A 1 79  ? -2.286  -6.911  -5.014  1.00 13.58 ? 97  VAL A O   1 
ATOM   588  C  CB  . VAL A 1 79  ? -0.343  -5.369  -3.370  1.00 11.38 ? 97  VAL A CB  1 
ATOM   589  C  CG1 . VAL A 1 79  ? -1.350  -4.719  -2.336  1.00 10.01 ? 97  VAL A CG1 1 
ATOM   590  C  CG2 . VAL A 1 79  ? 1.081   -5.028  -2.952  1.00 10.18 ? 97  VAL A CG2 1 
ATOM   591  N  N   . SER A 1 80  ? -2.768  -7.803  -3.004  1.00 12.65 ? 98  SER A N   1 
ATOM   592  C  CA  . SER A 1 80  ? -4.197  -7.961  -3.310  1.00 14.13 ? 98  SER A CA  1 
ATOM   593  C  C   . SER A 1 80  ? -4.998  -7.110  -2.340  1.00 14.45 ? 98  SER A C   1 
ATOM   594  O  O   . SER A 1 80  ? -4.466  -6.576  -1.350  1.00 14.02 ? 98  SER A O   1 
ATOM   595  C  CB  . SER A 1 80  ? -4.655  -9.414  -3.225  1.00 14.23 ? 98  SER A CB  1 
ATOM   596  O  OG  . SER A 1 80  ? -4.578  -9.904  -1.894  1.00 15.32 ? 98  SER A OG  1 
ATOM   597  N  N   . GLY A 1 81  ? -6.262  -6.908  -2.655  1.00 15.46 ? 99  GLY A N   1 
ATOM   598  C  CA  . GLY A 1 81  ? -7.072  -6.055  -1.772  1.00 15.43 ? 99  GLY A CA  1 
ATOM   599  C  C   . GLY A 1 81  ? -8.514  -6.019  -2.160  1.00 17.47 ? 99  GLY A C   1 
ATOM   600  O  O   . GLY A 1 81  ? -8.934  -6.755  -3.053  1.00 16.76 ? 99  GLY A O   1 
ATOM   601  N  N   . LYS A 1 82  ? -9.284  -5.176  -1.471  1.00 17.75 ? 100 LYS A N   1 
ATOM   602  C  CA  . LYS A 1 82  ? -10.711 -5.067  -1.746  1.00 19.43 ? 100 LYS A CA  1 
ATOM   603  C  C   . LYS A 1 82  ? -11.085 -3.610  -1.552  1.00 19.66 ? 100 LYS A C   1 
ATOM   604  O  O   . LYS A 1 82  ? -10.497 -2.920  -0.719  1.00 18.35 ? 100 LYS A O   1 
ATOM   605  C  CB  . LYS A 1 82  ? -11.533 -5.963  -0.805  1.00 20.06 ? 100 LYS A CB  1 
ATOM   606  C  CG  . LYS A 1 82  ? -10.974 -7.387  -0.619  1.00 22.74 ? 100 LYS A CG  1 
ATOM   607  C  CD  . LYS A 1 82  ? -12.026 -8.317  -0.065  1.00 27.98 ? 100 LYS A CD  1 
ATOM   608  C  CE  . LYS A 1 82  ? -11.622 -9.774  -0.255  1.00 31.18 ? 100 LYS A CE  1 
ATOM   609  N  NZ  . LYS A 1 82  ? -12.791 -10.676 -0.012  1.00 35.63 ? 100 LYS A NZ  1 
ATOM   610  N  N   . TYR A 1 83  ? -12.015 -3.113  -2.362  1.00 20.43 ? 101 TYR A N   1 
ATOM   611  C  CA  . TYR A 1 83  ? -12.537 -1.764  -2.167  1.00 21.93 ? 101 TYR A CA  1 
ATOM   612  C  C   . TYR A 1 83  ? -14.038 -1.683  -2.438  1.00 24.50 ? 101 TYR A C   1 
ATOM   613  O  O   . TYR A 1 83  ? -14.654 -2.678  -2.886  1.00 23.53 ? 101 TYR A O   1 
ATOM   614  C  CB  . TYR A 1 83  ? -11.811 -0.763  -3.054  1.00 21.34 ? 101 TYR A CB  1 
ATOM   615  C  CG  . TYR A 1 83  ? -11.837 -1.169  -4.516  1.00 21.72 ? 101 TYR A CG  1 
ATOM   616  C  CD1 . TYR A 1 83  ? -12.917 -0.819  -5.324  1.00 24.06 ? 101 TYR A CD1 1 
ATOM   617  C  CD2 . TYR A 1 83  ? -10.838 -1.967  -5.063  1.00 20.89 ? 101 TYR A CD2 1 
ATOM   618  C  CE1 . TYR A 1 83  ? -12.974 -1.210  -6.662  1.00 22.88 ? 101 TYR A CE1 1 
ATOM   619  C  CE2 . TYR A 1 83  ? -10.879 -2.344  -6.422  1.00 21.49 ? 101 TYR A CE2 1 
ATOM   620  C  CZ  . TYR A 1 83  ? -11.968 -1.966  -7.197  1.00 24.74 ? 101 TYR A CZ  1 
ATOM   621  O  OH  . TYR A 1 83  ? -12.070 -2.315  -8.532  1.00 22.88 ? 101 TYR A OH  1 
ATOM   622  N  N   . LYS A 1 84  ? -14.587 -0.502  -2.135  1.00 25.80 ? 102 LYS A N   1 
ATOM   623  C  CA  . LYS A 1 84  ? -15.899 -0.017  -2.628  1.00 28.72 ? 102 LYS A CA  1 
ATOM   624  C  C   . LYS A 1 84  ? -15.721 1.381   -3.242  1.00 28.67 ? 102 LYS A C   1 
ATOM   625  O  O   . LYS A 1 84  ? -15.095 1.537   -4.299  1.00 30.99 ? 102 LYS A O   1 
ATOM   626  C  CB  . LYS A 1 84  ? -16.904 0.038   -1.485  1.00 28.96 ? 102 LYS A CB  1 
ATOM   627  C  CG  . LYS A 1 84  ? -16.564 1.112   -0.424  1.00 31.16 ? 102 LYS A CG  1 
ATOM   628  C  CD  . LYS A 1 84  ? -17.733 1.529   0.443   1.00 33.96 ? 102 LYS A CD  1 
ATOM   629  C  CE  . LYS A 1 84  ? -18.268 0.325   1.216   1.00 34.55 ? 102 LYS A CE  1 
ATOM   630  N  NZ  . LYS A 1 84  ? -18.794 0.693   2.521   1.00 34.54 ? 102 LYS A NZ  1 
ATOM   631  N  N   . TRP A 1 85  ? -16.281 2.404   -2.599  1.00 28.54 ? 103 TRP A N   1 
ATOM   632  C  CA  . TRP A 1 85  ? -15.938 3.784   -2.888  1.00 28.41 ? 103 TRP A CA  1 
ATOM   633  C  C   . TRP A 1 85  ? -14.627 4.119   -2.182  1.00 26.43 ? 103 TRP A C   1 
ATOM   634  O  O   . TRP A 1 85  ? -13.960 5.105   -2.525  1.00 27.14 ? 103 TRP A O   1 
ATOM   635  C  CB  . TRP A 1 85  ? -17.037 4.735   -2.402  1.00 29.24 ? 103 TRP A CB  1 
ATOM   636  C  CG  . TRP A 1 85  ? -18.244 4.691   -3.287  1.00 33.42 ? 103 TRP A CG  1 
ATOM   637  C  CD1 . TRP A 1 85  ? -19.345 3.883   -3.139  1.00 36.74 ? 103 TRP A CD1 1 
ATOM   638  C  CD2 . TRP A 1 85  ? -18.462 5.454   -4.488  1.00 36.25 ? 103 TRP A CD2 1 
ATOM   639  N  NE1 . TRP A 1 85  ? -20.236 4.108   -4.169  1.00 38.59 ? 103 TRP A NE1 1 
ATOM   640  C  CE2 . TRP A 1 85  ? -19.725 5.069   -5.004  1.00 37.48 ? 103 TRP A CE2 1 
ATOM   641  C  CE3 . TRP A 1 85  ? -17.726 6.440   -5.164  1.00 37.49 ? 103 TRP A CE3 1 
ATOM   642  C  CZ2 . TRP A 1 85  ? -20.263 5.630   -6.175  1.00 39.42 ? 103 TRP A CZ2 1 
ATOM   643  C  CZ3 . TRP A 1 85  ? -18.265 7.002   -6.328  1.00 38.23 ? 103 TRP A CZ3 1 
ATOM   644  C  CH2 . TRP A 1 85  ? -19.521 6.591   -6.818  1.00 38.31 ? 103 TRP A CH2 1 
ATOM   645  N  N   . TYR A 1 86  ? -14.301 3.311   -1.171  1.00 24.25 ? 104 TYR A N   1 
ATOM   646  C  CA  . TYR A 1 86  ? -13.056 3.474   -0.421  1.00 20.80 ? 104 TYR A CA  1 
ATOM   647  C  C   . TYR A 1 86  ? -12.363 2.151   -0.252  1.00 19.25 ? 104 TYR A C   1 
ATOM   648  O  O   . TYR A 1 86  ? -12.969 1.089   -0.332  1.00 19.24 ? 104 TYR A O   1 
ATOM   649  C  CB  . TYR A 1 86  ? -13.313 4.108   0.950   1.00 20.45 ? 104 TYR A CB  1 
ATOM   650  C  CG  . TYR A 1 86  ? -14.216 5.307   0.876   1.00 19.88 ? 104 TYR A CG  1 
ATOM   651  C  CD1 . TYR A 1 86  ? -13.770 6.514   0.340   1.00 18.56 ? 104 TYR A CD1 1 
ATOM   652  C  CD2 . TYR A 1 86  ? -15.543 5.235   1.330   1.00 19.92 ? 104 TYR A CD2 1 
ATOM   653  C  CE1 . TYR A 1 86  ? -14.609 7.605   0.240   1.00 19.77 ? 104 TYR A CE1 1 
ATOM   654  C  CE2 . TYR A 1 86  ? -16.383 6.333   1.233   1.00 18.27 ? 104 TYR A CE2 1 
ATOM   655  C  CZ  . TYR A 1 86  ? -15.916 7.509   0.700   1.00 21.12 ? 104 TYR A CZ  1 
ATOM   656  O  OH  . TYR A 1 86  ? -16.756 8.602   0.614   1.00 20.12 ? 104 TYR A OH  1 
ATOM   657  N  N   . LEU A 1 87  ? -11.069 2.225   -0.012  1.00 17.10 ? 105 LEU A N   1 
ATOM   658  C  CA  . LEU A 1 87  ? -10.303 1.016   0.163   1.00 16.14 ? 105 LEU A CA  1 
ATOM   659  C  C   . LEU A 1 87  ? -10.749 0.292   1.433   1.00 16.30 ? 105 LEU A C   1 
ATOM   660  O  O   . LEU A 1 87  ? -11.042 0.937   2.449   1.00 16.89 ? 105 LEU A O   1 
ATOM   661  C  CB  . LEU A 1 87  ? -8.819  1.391   0.202   1.00 15.29 ? 105 LEU A CB  1 
ATOM   662  C  CG  . LEU A 1 87  ? -7.791  0.266   0.245   1.00 16.82 ? 105 LEU A CG  1 
ATOM   663  C  CD1 . LEU A 1 87  ? -7.819  -0.635  -0.980  1.00 15.59 ? 105 LEU A CD1 1 
ATOM   664  C  CD2 . LEU A 1 87  ? -6.410  0.904   0.413   1.00 19.42 ? 105 LEU A CD2 1 
ATOM   665  N  N   . LYS A 1 88  ? -10.833 -1.029  1.367   1.00 15.96 ? 106 LYS A N   1 
ATOM   666  C  CA  . LYS A 1 88  ? -11.255 -1.848  2.506   1.00 16.55 ? 106 LYS A CA  1 
ATOM   667  C  C   . LYS A 1 88  ? -10.241 -2.868  3.031   1.00 17.39 ? 106 LYS A C   1 
ATOM   668  O  O   . LYS A 1 88  ? -10.197 -3.159  4.233   1.00 17.89 ? 106 LYS A O   1 
ATOM   669  C  CB  . LYS A 1 88  ? -12.564 -2.572  2.146   1.00 18.31 ? 106 LYS A CB  1 
ATOM   670  C  CG  . LYS A 1 88  ? -13.800 -1.644  2.050   1.00 20.26 ? 106 LYS A CG  1 
ATOM   671  C  CD  . LYS A 1 88  ? -15.122 -2.464  1.977   1.00 23.21 ? 106 LYS A CD  1 
ATOM   672  C  CE  . LYS A 1 88  ? -15.293 -3.441  3.164   1.00 28.72 ? 106 LYS A CE  1 
ATOM   673  N  NZ  . LYS A 1 88  ? -15.915 -2.836  4.407   1.00 30.11 ? 106 LYS A NZ  1 
ATOM   674  N  N   . LYS A 1 89  ? -9.453  -3.459  2.128   1.00 15.64 ? 107 LYS A N   1 
ATOM   675  C  CA  . LYS A 1 89  ? -8.523  -4.500  2.515   1.00 15.24 ? 107 LYS A CA  1 
ATOM   676  C  C   . LYS A 1 89  ? -7.279  -4.366  1.655   1.00 14.63 ? 107 LYS A C   1 
ATOM   677  O  O   . LYS A 1 89  ? -7.358  -4.013  0.475   1.00 15.26 ? 107 LYS A O   1 
ATOM   678  C  CB  . LYS A 1 89  ? -9.133  -5.930  2.373   1.00 14.22 ? 107 LYS A CB  1 
ATOM   679  C  CG  . LYS A 1 89  ? -8.325  -7.003  3.082   1.00 18.32 ? 107 LYS A CG  1 
ATOM   680  C  CD  . LYS A 1 89  ? -8.816  -8.431  2.865   1.00 22.58 ? 107 LYS A CD  1 
ATOM   681  C  CE  . LYS A 1 89  ? -7.981  -9.367  3.726   1.00 26.46 ? 107 LYS A CE  1 
ATOM   682  N  NZ  . LYS A 1 89  ? -8.494  -10.772 3.683   1.00 29.83 ? 107 LYS A NZ  1 
ATOM   683  N  N   . LEU A 1 90  ? -6.156  -4.660  2.277   1.00 14.33 ? 108 LEU A N   1 
ATOM   684  C  CA  . LEU A 1 90  ? -4.866  -4.805  1.576   1.00 14.01 ? 108 LEU A CA  1 
ATOM   685  C  C   . LEU A 1 90  ? -4.140  -6.032  2.119   1.00 14.16 ? 108 LEU A C   1 
ATOM   686  O  O   . LEU A 1 90  ? -4.089  -6.224  3.317   1.00 15.35 ? 108 LEU A O   1 
ATOM   687  C  CB  . LEU A 1 90  ? -4.018  -3.556  1.844   1.00 14.41 ? 108 LEU A CB  1 
ATOM   688  C  CG  . LEU A 1 90  ? -4.408  -2.241  1.191   1.00 15.56 ? 108 LEU A CG  1 
ATOM   689  C  CD1 . LEU A 1 90  ? -3.422  -1.155  1.719   1.00 15.45 ? 108 LEU A CD1 1 
ATOM   690  C  CD2 . LEU A 1 90  ? -4.326  -2.363  -0.334  1.00 16.41 ? 108 LEU A CD2 1 
ATOM   691  N  N   . VAL A 1 91  ? -3.573  -6.853  1.229   1.00 12.04 ? 109 VAL A N   1 
ATOM   692  C  CA  . VAL A 1 91  ? -2.712  -7.930  1.618   1.00 12.39 ? 109 VAL A CA  1 
ATOM   693  C  C   . VAL A 1 91  ? -1.422  -7.776  0.848   1.00 12.09 ? 109 VAL A C   1 
ATOM   694  O  O   . VAL A 1 91  ? -1.427  -7.777  -0.398  1.00 13.22 ? 109 VAL A O   1 
ATOM   695  C  CB  . VAL A 1 91  ? -3.332  -9.316  1.305   1.00 12.37 ? 109 VAL A CB  1 
ATOM   696  C  CG1 . VAL A 1 91  ? -2.449  -10.414 1.794   1.00 15.11 ? 109 VAL A CG1 1 
ATOM   697  C  CG2 . VAL A 1 91  ? -4.731  -9.394  1.937   1.00 14.06 ? 109 VAL A CG2 1 
ATOM   698  N  N   . PHE A 1 92  ? -0.351  -7.564  1.594   1.00 11.68 ? 110 PHE A N   1 
ATOM   699  C  CA  . PHE A 1 92  ? 1.000   -7.498  1.042   1.00 12.67 ? 110 PHE A CA  1 
ATOM   700  C  C   . PHE A 1 92  ? 1.686   -8.847  1.109   1.00 13.13 ? 110 PHE A C   1 
ATOM   701  O  O   . PHE A 1 92  ? 1.980   -9.336  2.194   1.00 13.84 ? 110 PHE A O   1 
ATOM   702  C  CB  . PHE A 1 92  ? 1.838   -6.469  1.811   1.00 12.28 ? 110 PHE A CB  1 
ATOM   703  C  CG  . PHE A 1 92  ? 1.286   -5.082  1.724   1.00 11.08 ? 110 PHE A CG  1 
ATOM   704  C  CD1 . PHE A 1 92  ? 1.711   -4.220  0.715   1.00 12.55 ? 110 PHE A CD1 1 
ATOM   705  C  CD2 . PHE A 1 92  ? 0.307   -4.640  2.634   1.00 12.92 ? 110 PHE A CD2 1 
ATOM   706  C  CE1 . PHE A 1 92  ? 1.243   -2.917  0.631   1.00 10.48 ? 110 PHE A CE1 1 
ATOM   707  C  CE2 . PHE A 1 92  ? -0.201  -3.344  2.549   1.00 13.41 ? 110 PHE A CE2 1 
ATOM   708  C  CZ  . PHE A 1 92  ? 0.242   -2.458  1.552   1.00 11.17 ? 110 PHE A CZ  1 
ATOM   709  N  N   . VAL A 1 93  ? 1.965   -9.450  -0.062  1.00 12.29 ? 111 VAL A N   1 
ATOM   710  C  CA  . VAL A 1 93  ? 2.578   -10.775 -0.126  1.00 13.01 ? 111 VAL A CA  1 
ATOM   711  C  C   . VAL A 1 93  ? 4.070   -10.607 -0.291  1.00 13.51 ? 111 VAL A C   1 
ATOM   712  O  O   . VAL A 1 93  ? 4.507   -9.856  -1.185  1.00 13.62 ? 111 VAL A O   1 
ATOM   713  C  CB  . VAL A 1 93  ? 2.029   -11.586 -1.330  1.00 12.98 ? 111 VAL A CB  1 
ATOM   714  C  CG1 . VAL A 1 93  ? 2.598   -13.021 -1.327  1.00 14.99 ? 111 VAL A CG1 1 
ATOM   715  C  CG2 . VAL A 1 93  ? 0.491   -11.579 -1.321  1.00 13.55 ? 111 VAL A CG2 1 
ATOM   716  N  N   . THR A 1 94  ? 4.851   -11.258 0.557   1.00 13.13 ? 112 THR A N   1 
ATOM   717  C  CA  . THR A 1 94  ? 6.311   -11.021 0.546   1.00 13.23 ? 112 THR A CA  1 
ATOM   718  C  C   . THR A 1 94  ? 7.113   -12.208 0.026   1.00 12.83 ? 112 THR A C   1 
ATOM   719  O  O   . THR A 1 94  ? 6.597   -13.332 -0.084  1.00 14.00 ? 112 THR A O   1 
ATOM   720  C  CB  . THR A 1 94  ? 6.867   -10.602 1.919   1.00 13.71 ? 112 THR A CB  1 
ATOM   721  O  OG1 . THR A 1 94  ? 7.158   -11.768 2.705   1.00 13.63 ? 112 THR A OG1 1 
ATOM   722  C  CG2 . THR A 1 94  ? 5.879   -9.699  2.662   1.00 12.31 ? 112 THR A CG2 1 
ATOM   723  N  N   . ASP A 1 95  ? 8.385   -11.948 -0.306  1.00 14.32 ? 113 ASP A N   1 
ATOM   724  C  CA  . ASP A 1 95  ? 9.248   -13.018 -0.806  1.00 16.06 ? 113 ASP A CA  1 
ATOM   725  C  C   . ASP A 1 95  ? 9.793   -13.926 0.300   1.00 17.16 ? 113 ASP A C   1 
ATOM   726  O  O   . ASP A 1 95  ? 10.596  -14.817 0.031   1.00 18.40 ? 113 ASP A O   1 
ATOM   727  C  CB  . ASP A 1 95  ? 10.373  -12.464 -1.694  1.00 16.58 ? 113 ASP A CB  1 
ATOM   728  C  CG  . ASP A 1 95  ? 11.294  -11.502 -0.988  1.00 18.73 ? 113 ASP A CG  1 
ATOM   729  O  OD1 . ASP A 1 95  ? 11.132  -11.186 0.210   1.00 19.92 ? 113 ASP A OD1 1 
ATOM   730  O  OD2 . ASP A 1 95  ? 12.257  -11.034 -1.667  1.00 25.09 ? 113 ASP A OD2 1 
ATOM   731  N  N   . LYS A 1 96  ? 9.372   -13.679 1.540   1.00 17.05 ? 114 LYS A N   1 
ATOM   732  C  CA  . LYS A 1 96  ? 9.672   -14.604 2.643   1.00 18.05 ? 114 LYS A CA  1 
ATOM   733  C  C   . LYS A 1 96  ? 8.423   -15.393 3.018   1.00 18.49 ? 114 LYS A C   1 
ATOM   734  O  O   . LYS A 1 96  ? 8.365   -16.039 4.084   1.00 18.44 ? 114 LYS A O   1 
ATOM   735  C  CB  . LYS A 1 96  ? 10.277  -13.863 3.834   1.00 18.46 ? 114 LYS A CB  1 
ATOM   736  C  CG  . LYS A 1 96  ? 11.471  -12.915 3.506   1.00 21.69 ? 114 LYS A CG  1 
ATOM   737  C  CD  . LYS A 1 96  ? 12.629  -13.553 2.684   1.00 24.54 ? 114 LYS A CD  1 
ATOM   738  C  CE  . LYS A 1 96  ? 13.932  -12.729 2.849   1.00 27.72 ? 114 LYS A CE  1 
ATOM   739  N  NZ  . LYS A 1 96  ? 14.104  -12.119 4.222   1.00 29.59 ? 114 LYS A NZ  1 
ATOM   740  N  N   . GLY A 1 97  ? 7.417   -15.291 2.160   1.00 17.28 ? 115 GLY A N   1 
ATOM   741  C  CA  . GLY A 1 97  ? 6.220   -16.106 2.240   1.00 17.99 ? 115 GLY A CA  1 
ATOM   742  C  C   . GLY A 1 97  ? 5.179   -15.578 3.219   1.00 18.58 ? 115 GLY A C   1 
ATOM   743  O  O   . GLY A 1 97  ? 4.290   -16.319 3.607   1.00 19.41 ? 115 GLY A O   1 
ATOM   744  N  N   . ARG A 1 98  ? 5.283   -14.307 3.611   1.00 17.23 ? 116 ARG A N   1 
ATOM   745  C  CA  . ARG A 1 98  ? 4.298   -13.735 4.535   1.00 17.24 ? 116 ARG A CA  1 
ATOM   746  C  C   . ARG A 1 98  ? 3.166   -13.062 3.800   1.00 17.82 ? 116 ARG A C   1 
ATOM   747  O  O   . ARG A 1 98  ? 3.328   -12.581 2.651   1.00 17.89 ? 116 ARG A O   1 
ATOM   748  C  CB  . ARG A 1 98  ? 4.959   -12.765 5.516   1.00 17.06 ? 116 ARG A CB  1 
ATOM   749  C  CG  . ARG A 1 98  ? 6.106   -13.375 6.300   1.00 17.76 ? 116 ARG A CG  1 
ATOM   750  C  CD  . ARG A 1 98  ? 6.339   -12.662 7.644   1.00 19.04 ? 116 ARG A CD  1 
ATOM   751  N  NE  . ARG A 1 98  ? 6.874   -11.304 7.475   1.00 17.48 ? 116 ARG A NE  1 
ATOM   752  C  CZ  . ARG A 1 98  ? 6.794   -10.324 8.376   1.00 16.63 ? 116 ARG A CZ  1 
ATOM   753  N  NH1 . ARG A 1 98  ? 6.174   -10.509 9.553   1.00 17.34 ? 116 ARG A NH1 1 
ATOM   754  N  NH2 . ARG A 1 98  ? 7.317   -9.142  8.098   1.00 15.77 ? 116 ARG A NH2 1 
ATOM   755  N  N   . TYR A 1 99  ? 2.003   -13.055 4.452   1.00 17.46 ? 117 TYR A N   1 
ATOM   756  C  CA  . TYR A 1 99  ? 0.811   -12.408 3.923   1.00 18.70 ? 117 TYR A CA  1 
ATOM   757  C  C   . TYR A 1 99  ? 0.391   -11.344 4.937   1.00 19.19 ? 117 TYR A C   1 
ATOM   758  O  O   . TYR A 1 99  ? -0.281  -11.638 5.937   1.00 20.06 ? 117 TYR A O   1 
ATOM   759  C  CB  . TYR A 1 99  ? -0.293  -13.452 3.681   1.00 19.80 ? 117 TYR A CB  1 
ATOM   760  C  CG  . TYR A 1 99  ? 0.071   -14.396 2.576   1.00 20.08 ? 117 TYR A CG  1 
ATOM   761  C  CD1 . TYR A 1 99  ? -0.446  -14.230 1.313   1.00 21.08 ? 117 TYR A CD1 1 
ATOM   762  C  CD2 . TYR A 1 99  ? 0.987   -15.428 2.786   1.00 23.96 ? 117 TYR A CD2 1 
ATOM   763  C  CE1 . TYR A 1 99  ? -0.088  -15.076 0.262   1.00 23.75 ? 117 TYR A CE1 1 
ATOM   764  C  CE2 . TYR A 1 99  ? 1.350   -16.280 1.744   1.00 24.11 ? 117 TYR A CE2 1 
ATOM   765  C  CZ  . TYR A 1 99  ? 0.803   -16.092 0.491   1.00 24.65 ? 117 TYR A CZ  1 
ATOM   766  O  OH  . TYR A 1 99  ? 1.159   -16.936 -0.543  1.00 28.88 ? 117 TYR A OH  1 
ATOM   767  N  N   . LEU A 1 100 ? 0.814   -10.108 4.694   1.00 17.11 ? 118 LEU A N   1 
ATOM   768  C  CA  . LEU A 1 100 ? 0.611   -9.026  5.665   1.00 17.35 ? 118 LEU A CA  1 
ATOM   769  C  C   . LEU A 1 100 ? -0.715  -8.384  5.354   1.00 17.62 ? 118 LEU A C   1 
ATOM   770  O  O   . LEU A 1 100 ? -0.846  -7.640  4.382   1.00 17.13 ? 118 LEU A O   1 
ATOM   771  C  CB  . LEU A 1 100 ? 1.775   -8.049  5.630   1.00 17.05 ? 118 LEU A CB  1 
ATOM   772  C  CG  . LEU A 1 100 ? 3.174   -8.693  5.664   1.00 18.62 ? 118 LEU A CG  1 
ATOM   773  C  CD1 . LEU A 1 100 ? 4.271   -7.651  5.536   1.00 19.91 ? 118 LEU A CD1 1 
ATOM   774  C  CD2 . LEU A 1 100 ? 3.333   -9.574  6.938   1.00 19.06 ? 118 LEU A CD2 1 
ATOM   775  N  N   . SER A 1 101 ? -1.716  -8.697  6.183   1.00 17.96 ? 119 SER A N   1 
ATOM   776  C  CA  . SER A 1 101 ? -3.103  -8.403  5.892   1.00 17.41 ? 119 SER A CA  1 
ATOM   777  C  C   . SER A 1 101 ? -3.648  -7.268  6.763   1.00 17.78 ? 119 SER A C   1 
ATOM   778  O  O   . SER A 1 101 ? -3.372  -7.208  7.967   1.00 18.31 ? 119 SER A O   1 
ATOM   779  C  CB  . SER A 1 101 ? -3.939  -9.660  6.141   1.00 19.05 ? 119 SER A CB  1 
ATOM   780  O  OG  . SER A 1 101 ? -5.238  -9.465  5.639   1.00 20.65 ? 119 SER A OG  1 
ATOM   781  N  N   . PHE A 1 102 ? -4.410  -6.375  6.152   1.00 15.93 ? 120 PHE A N   1 
ATOM   782  C  CA  . PHE A 1 102 ? -5.044  -5.279  6.881   1.00 16.31 ? 120 PHE A CA  1 
ATOM   783  C  C   . PHE A 1 102 ? -6.425  -5.036  6.373   1.00 16.66 ? 120 PHE A C   1 
ATOM   784  O  O   . PHE A 1 102 ? -6.664  -5.000  5.153   1.00 16.34 ? 120 PHE A O   1 
ATOM   785  C  CB  . PHE A 1 102 ? -4.282  -3.971  6.690   1.00 15.14 ? 120 PHE A CB  1 
ATOM   786  C  CG  . PHE A 1 102 ? -2.863  -4.023  7.086   1.00 15.60 ? 120 PHE A CG  1 
ATOM   787  C  CD1 . PHE A 1 102 ? -2.452  -3.586  8.341   1.00 13.42 ? 120 PHE A CD1 1 
ATOM   788  C  CD2 . PHE A 1 102 ? -1.900  -4.452  6.167   1.00 13.67 ? 120 PHE A CD2 1 
ATOM   789  C  CE1 . PHE A 1 102 ? -1.130  -3.604  8.696   1.00 14.93 ? 120 PHE A CE1 1 
ATOM   790  C  CE2 . PHE A 1 102 ? -0.583  -4.478  6.520   1.00 15.61 ? 120 PHE A CE2 1 
ATOM   791  C  CZ  . PHE A 1 102 ? -0.182  -4.051  7.784   1.00 15.86 ? 120 PHE A CZ  1 
ATOM   792  N  N   . GLY A 1 103 ? -7.371  -4.817  7.289   1.00 17.41 ? 121 GLY A N   1 
ATOM   793  C  CA  . GLY A 1 103 ? -8.688  -4.413  6.849   1.00 20.44 ? 121 GLY A CA  1 
ATOM   794  C  C   . GLY A 1 103 ? -9.720  -5.523  6.841   1.00 23.44 ? 121 GLY A C   1 
ATOM   795  O  O   . GLY A 1 103 ? -9.481  -6.611  7.337   1.00 24.42 ? 121 GLY A O   1 
ATOM   796  N  N   . LYS A 1 104 ? -10.859 -5.227  6.250   1.00 25.20 ? 122 LYS A N   1 
ATOM   797  C  CA  . LYS A 1 104 ? -12.021 -6.076  6.339   1.00 28.30 ? 122 LYS A CA  1 
ATOM   798  C  C   . LYS A 1 104 ? -12.233 -6.818  5.029   1.00 29.06 ? 122 LYS A C   1 
ATOM   799  O  O   . LYS A 1 104 ? -12.214 -6.230  3.956   1.00 28.42 ? 122 LYS A O   1 
ATOM   800  C  CB  . LYS A 1 104 ? -13.251 -5.231  6.699   1.00 28.67 ? 122 LYS A CB  1 
ATOM   801  C  CG  . LYS A 1 104 ? -13.243 -4.652  8.138   1.00 31.55 ? 122 LYS A CG  1 
ATOM   802  C  CD  . LYS A 1 104 ? -13.828 -5.635  9.147   1.00 32.78 ? 122 LYS A CD  1 
ATOM   803  C  CE  . LYS A 1 104 ? -13.958 -5.037  10.546  1.00 34.84 ? 122 LYS A CE  1 
ATOM   804  N  NZ  . LYS A 1 104 ? -12.657 -4.820  11.241  1.00 36.62 ? 122 LYS A NZ  1 
ATOM   805  N  N   . ASP A 1 105 ? -12.446 -8.122  5.159   1.00 30.92 ? 123 ASP A N   1 
ATOM   806  C  CA  . ASP A 1 105 ? -12.556 -9.035  4.029   1.00 32.01 ? 123 ASP A CA  1 
ATOM   807  C  C   . ASP A 1 105 ? -13.906 -8.891  3.322   1.00 31.42 ? 123 ASP A C   1 
ATOM   808  O  O   . ASP A 1 105 ? -14.717 -9.814  3.303   1.00 32.18 ? 123 ASP A O   1 
ATOM   809  C  CB  . ASP A 1 105 ? -12.324 -10.466 4.541   1.00 33.18 ? 123 ASP A CB  1 
ATOM   810  C  CG  . ASP A 1 105 ? -11.768 -11.393 3.474   1.00 35.88 ? 123 ASP A CG  1 
ATOM   811  O  OD1 . ASP A 1 105 ? -11.695 -10.980 2.298   1.00 37.27 ? 123 ASP A OD1 1 
ATOM   812  O  OD2 . ASP A 1 105 ? -11.412 -12.547 3.818   1.00 40.58 ? 123 ASP A OD2 1 
ATOM   813  N  N   . SER A 1 106 ? -14.128 -7.724  2.730   1.00 30.78 ? 124 SER A N   1 
ATOM   814  C  CA  . SER A 1 106 ? -15.367 -7.394  2.033   1.00 30.46 ? 124 SER A CA  1 
ATOM   815  C  C   . SER A 1 106 ? -15.107 -6.413  0.889   1.00 29.30 ? 124 SER A C   1 
ATOM   816  O  O   . SER A 1 106 ? -14.237 -5.550  0.996   1.00 29.17 ? 124 SER A O   1 
ATOM   817  C  CB  . SER A 1 106 ? -16.369 -6.782  3.038   1.00 30.97 ? 124 SER A CB  1 
ATOM   818  O  OG  . SER A 1 106 ? -17.294 -5.938  2.383   1.00 34.83 ? 124 SER A OG  1 
ATOM   819  N  N   . GLY A 1 107 ? -15.852 -6.550  -0.208  1.00 27.41 ? 125 GLY A N   1 
ATOM   820  C  CA  . GLY A 1 107 ? -15.800 -5.588  -1.310  1.00 26.31 ? 125 GLY A CA  1 
ATOM   821  C  C   . GLY A 1 107 ? -15.334 -6.172  -2.643  1.00 25.32 ? 125 GLY A C   1 
ATOM   822  O  O   . GLY A 1 107 ? -15.239 -7.394  -2.795  1.00 26.61 ? 125 GLY A O   1 
ATOM   823  N  N   . THR A 1 108 ? -15.049 -5.293  -3.597  1.00 23.91 ? 126 THR A N   1 
ATOM   824  C  CA  . THR A 1 108 ? -14.555 -5.686  -4.903  1.00 23.31 ? 126 THR A CA  1 
ATOM   825  C  C   . THR A 1 108 ? -13.096 -6.083  -4.751  1.00 22.21 ? 126 THR A C   1 
ATOM   826  O  O   . THR A 1 108 ? -12.318 -5.298  -4.203  1.00 22.31 ? 126 THR A O   1 
ATOM   827  C  CB  . THR A 1 108 ? -14.683 -4.511  -5.890  1.00 23.48 ? 126 THR A CB  1 
ATOM   828  O  OG1 . THR A 1 108 ? -16.071 -4.206  -6.071  1.00 24.72 ? 126 THR A OG1 1 
ATOM   829  C  CG2 . THR A 1 108 ? -14.083 -4.864  -7.247  1.00 24.26 ? 126 THR A CG2 1 
ATOM   830  N  N   . SER A 1 109 ? -12.742 -7.279  -5.250  1.00 20.98 ? 127 SER A N   1 
ATOM   831  C  CA  . SER A 1 109 ? -11.388 -7.820  -5.178  1.00 20.58 ? 127 SER A CA  1 
ATOM   832  C  C   . SER A 1 109 ? -10.439 -7.253  -6.258  1.00 19.14 ? 127 SER A C   1 
ATOM   833  O  O   . SER A 1 109 ? -10.860 -6.928  -7.365  1.00 19.83 ? 127 SER A O   1 
ATOM   834  C  CB  . SER A 1 109 ? -11.446 -9.347  -5.286  1.00 21.10 ? 127 SER A CB  1 
ATOM   835  O  OG  . SER A 1 109 ? -10.270 -9.910  -4.717  1.00 24.30 ? 127 SER A OG  1 
ATOM   836  N  N   . PHE A 1 110 ? -9.157  -7.085  -5.911  1.00 17.77 ? 128 PHE A N   1 
ATOM   837  C  CA  . PHE A 1 110 ? -8.089  -6.839  -6.928  1.00 17.76 ? 128 PHE A CA  1 
ATOM   838  C  C   . PHE A 1 110 ? -6.840  -7.588  -6.554  1.00 16.52 ? 128 PHE A C   1 
ATOM   839  O  O   . PHE A 1 110 ? -6.652  -8.002  -5.392  1.00 15.61 ? 128 PHE A O   1 
ATOM   840  C  CB  . PHE A 1 110 ? -7.772  -5.352  -7.135  1.00 17.38 ? 128 PHE A CB  1 
ATOM   841  C  CG  . PHE A 1 110 ? -6.975  -4.711  -6.001  1.00 18.71 ? 128 PHE A CG  1 
ATOM   842  C  CD1 . PHE A 1 110 ? -5.553  -4.760  -5.993  1.00 18.25 ? 128 PHE A CD1 1 
ATOM   843  C  CD2 . PHE A 1 110 ? -7.631  -4.060  -4.956  1.00 19.26 ? 128 PHE A CD2 1 
ATOM   844  C  CE1 . PHE A 1 110 ? -4.814  -4.187  -4.945  1.00 17.99 ? 128 PHE A CE1 1 
ATOM   845  C  CE2 . PHE A 1 110 ? -6.886  -3.472  -3.906  1.00 17.73 ? 128 PHE A CE2 1 
ATOM   846  C  CZ  . PHE A 1 110 ? -5.481  -3.544  -3.915  1.00 14.96 ? 128 PHE A CZ  1 
ATOM   847  N  N   . ASN A 1 111 ? -6.009  -7.831  -7.572  1.00 16.23 ? 129 ASN A N   1 
ATOM   848  C  CA  . ASN A 1 111 ? -4.847  -8.645  -7.409  1.00 15.46 ? 129 ASN A CA  1 
ATOM   849  C  C   . ASN A 1 111 ? -3.739  -8.121  -8.318  1.00 15.09 ? 129 ASN A C   1 
ATOM   850  O  O   . ASN A 1 111 ? -3.768  -8.301  -9.545  1.00 14.78 ? 129 ASN A O   1 
ATOM   851  C  CB  . ASN A 1 111 ? -5.179  -10.122 -7.697  1.00 16.16 ? 129 ASN A CB  1 
ATOM   852  C  CG  . ASN A 1 111 ? -4.099  -11.045 -7.237  1.00 17.23 ? 129 ASN A CG  1 
ATOM   853  O  OD1 . ASN A 1 111 ? -2.993  -11.012 -7.760  1.00 18.25 ? 129 ASN A OD1 1 
ATOM   854  N  ND2 . ASN A 1 111 ? -4.421  -11.921 -6.279  1.00 18.97 ? 129 ASN A ND2 1 
ATOM   855  N  N   . ALA A 1 112 ? -2.764  -7.452  -7.697  1.00 14.09 ? 130 ALA A N   1 
ATOM   856  C  CA  . ALA A 1 112 ? -1.726  -6.752  -8.431  1.00 12.70 ? 130 ALA A CA  1 
ATOM   857  C  C   . ALA A 1 112 ? -0.414  -7.519  -8.381  1.00 13.15 ? 130 ALA A C   1 
ATOM   858  O  O   . ALA A 1 112 ? 0.088   -7.888  -7.306  1.00 11.68 ? 130 ALA A O   1 
ATOM   859  C  CB  . ALA A 1 112 ? -1.542  -5.335  -7.867  1.00 13.72 ? 130 ALA A CB  1 
ATOM   860  N  N   . VAL A 1 113 ? 0.171   -7.756  -9.565  1.00 12.72 ? 131 VAL A N   1 
ATOM   861  C  CA  . VAL A 1 113 ? 1.472   -8.430  -9.660  1.00 13.31 ? 131 VAL A CA  1 
ATOM   862  C  C   . VAL A 1 113 ? 2.369   -7.637  -10.609 1.00 12.74 ? 131 VAL A C   1 
ATOM   863  O  O   . VAL A 1 113 ? 1.872   -6.921  -11.471 1.00 13.33 ? 131 VAL A O   1 
ATOM   864  C  CB  . VAL A 1 113 ? 1.394   -9.944  -10.082 1.00 13.56 ? 131 VAL A CB  1 
ATOM   865  C  CG1 . VAL A 1 113 ? 0.594   -10.737 -9.019  1.00 14.32 ? 131 VAL A CG1 1 
ATOM   866  C  CG2 . VAL A 1 113 ? 0.767   -10.121 -11.456 1.00 17.15 ? 131 VAL A CG2 1 
ATOM   867  N  N   . PRO A 1 114 ? 3.687   -7.716  -10.412 1.00 12.63 ? 132 PRO A N   1 
ATOM   868  C  CA  . PRO A 1 114 ? 4.506   -6.868  -11.280 1.00 11.90 ? 132 PRO A CA  1 
ATOM   869  C  C   . PRO A 1 114 ? 4.589   -7.388  -12.717 1.00 11.73 ? 132 PRO A C   1 
ATOM   870  O  O   . PRO A 1 114 ? 4.613   -8.588  -12.941 1.00 11.80 ? 132 PRO A O   1 
ATOM   871  C  CB  . PRO A 1 114 ? 5.891   -6.921  -10.627 1.00 11.98 ? 132 PRO A CB  1 
ATOM   872  C  CG  . PRO A 1 114 ? 5.897   -8.152  -9.764  1.00 12.27 ? 132 PRO A CG  1 
ATOM   873  C  CD  . PRO A 1 114 ? 4.465   -8.362  -9.328  1.00 11.74 ? 132 PRO A CD  1 
ATOM   874  N  N   . LEU A 1 115 ? 4.702   -6.486  -13.684 1.00 11.22 ? 133 LEU A N   1 
ATOM   875  C  CA  . LEU A 1 115 ? 4.806   -6.921  -15.086 1.00 12.91 ? 133 LEU A CA  1 
ATOM   876  C  C   . LEU A 1 115 ? 6.147   -7.617  -15.431 1.00 13.38 ? 133 LEU A C   1 
ATOM   877  O  O   . LEU A 1 115 ? 6.180   -8.621  -16.154 1.00 14.62 ? 133 LEU A O   1 
ATOM   878  C  CB  . LEU A 1 115 ? 4.610   -5.689  -15.986 1.00 13.92 ? 133 LEU A CB  1 
ATOM   879  C  CG  . LEU A 1 115 ? 3.223   -5.287  -16.475 1.00 20.31 ? 133 LEU A CG  1 
ATOM   880  C  CD1 . LEU A 1 115 ? 2.265   -5.035  -15.377 1.00 27.37 ? 133 LEU A CD1 1 
ATOM   881  C  CD2 . LEU A 1 115 ? 3.333   -4.044  -17.353 1.00 23.35 ? 133 LEU A CD2 1 
ATOM   882  N  N   . HIS A 1 116 ? 7.258   -7.061  -14.932 1.00 13.33 ? 134 HIS A N   1 
ATOM   883  C  CA  . HIS A 1 116 ? 8.610   -7.455  -15.396 1.00 13.77 ? 134 HIS A CA  1 
ATOM   884  C  C   . HIS A 1 116 ? 9.394   -8.335  -14.450 1.00 13.66 ? 134 HIS A C   1 
ATOM   885  O  O   . HIS A 1 116 ? 9.051   -8.450  -13.270 1.00 14.27 ? 134 HIS A O   1 
ATOM   886  C  CB  . HIS A 1 116 ? 9.404   -6.193  -15.736 1.00 14.96 ? 134 HIS A CB  1 
ATOM   887  C  CG  . HIS A 1 116 ? 8.749   -5.338  -16.768 1.00 17.29 ? 134 HIS A CG  1 
ATOM   888  N  ND1 . HIS A 1 116 ? 8.528   -5.768  -18.058 1.00 22.94 ? 134 HIS A ND1 1 
ATOM   889  C  CD2 . HIS A 1 116 ? 8.263   -4.072  -16.704 1.00 21.59 ? 134 HIS A CD2 1 
ATOM   890  C  CE1 . HIS A 1 116 ? 7.941   -4.804  -18.748 1.00 24.60 ? 134 HIS A CE1 1 
ATOM   891  N  NE2 . HIS A 1 116 ? 7.771   -3.764  -17.951 1.00 24.03 ? 134 HIS A NE2 1 
ATOM   892  N  N   . PRO A 1 117 ? 10.459  -9.014  -14.942 1.00 13.78 ? 135 PRO A N   1 
ATOM   893  C  CA  . PRO A 1 117 ? 11.199  -9.920  -14.099 1.00 14.02 ? 135 PRO A CA  1 
ATOM   894  C  C   . PRO A 1 117 ? 11.882  -9.289  -12.882 1.00 14.59 ? 135 PRO A C   1 
ATOM   895  O  O   . PRO A 1 117 ? 12.397  -8.191  -12.981 1.00 14.10 ? 135 PRO A O   1 
ATOM   896  C  CB  . PRO A 1 117 ? 12.283  -10.460 -15.037 1.00 13.62 ? 135 PRO A CB  1 
ATOM   897  C  CG  . PRO A 1 117 ? 11.691  -10.333 -16.348 1.00 13.40 ? 135 PRO A CG  1 
ATOM   898  C  CD  . PRO A 1 117 ? 10.919  -9.076  -16.339 1.00 14.68 ? 135 PRO A CD  1 
ATOM   899  N  N   . ASN A 1 118 ? 11.797  -10.021 -11.777 1.00 16.70 ? 136 ASN A N   1 
ATOM   900  C  CA  . ASN A 1 118 ? 12.465  -9.774  -10.509 1.00 19.22 ? 136 ASN A CA  1 
ATOM   901  C  C   . ASN A 1 118 ? 12.362  -8.308  -10.062 1.00 18.85 ? 136 ASN A C   1 
ATOM   902  O  O   . ASN A 1 118 ? 13.363  -7.608  -9.772  1.00 22.37 ? 136 ASN A O   1 
ATOM   903  C  CB  . ASN A 1 118 ? 13.902  -10.285 -10.549 1.00 20.34 ? 136 ASN A CB  1 
ATOM   904  C  CG  . ASN A 1 118 ? 14.025  -11.641 -11.240 1.00 23.55 ? 136 ASN A CG  1 
ATOM   905  O  OD1 . ASN A 1 118 ? 14.859  -11.799 -12.148 1.00 29.36 ? 136 ASN A OD1 1 
ATOM   906  N  ND2 . ASN A 1 118 ? 13.168  -12.615 -10.852 1.00 16.74 ? 136 ASN A ND2 1 
ATOM   907  N  N   . THR A 1 119 ? 11.131  -7.837  -10.114 1.00 16.07 ? 137 THR A N   1 
ATOM   908  C  CA  . THR A 1 119 ? 10.795  -6.530  -9.585  1.00 14.10 ? 137 THR A CA  1 
ATOM   909  C  C   . THR A 1 119 ? 9.990   -6.721  -8.293  1.00 13.85 ? 137 THR A C   1 
ATOM   910  O  O   . THR A 1 119 ? 9.402   -7.801  -8.052  1.00 13.71 ? 137 THR A O   1 
ATOM   911  C  CB  . THR A 1 119 ? 10.076  -5.652  -10.619 1.00 13.94 ? 137 THR A CB  1 
ATOM   912  O  OG1 . THR A 1 119 ? 8.903   -6.315  -11.103 1.00 16.41 ? 137 THR A OG1 1 
ATOM   913  C  CG2 . THR A 1 119 ? 11.013  -5.350  -11.805 1.00 14.71 ? 137 THR A CG2 1 
ATOM   914  N  N   . VAL A 1 120 ? 10.017  -5.694  -7.450  1.00 11.09 ? 138 VAL A N   1 
ATOM   915  C  CA  . VAL A 1 120 ? 9.341   -5.738  -6.132  1.00 10.95 ? 138 VAL A CA  1 
ATOM   916  C  C   . VAL A 1 120 ? 8.663   -4.393  -5.932  1.00 10.49 ? 138 VAL A C   1 
ATOM   917  O  O   . VAL A 1 120 ? 8.848   -3.457  -6.742  1.00 10.36 ? 138 VAL A O   1 
ATOM   918  C  CB  . VAL A 1 120 ? 10.315  -5.972  -4.965  1.00 12.17 ? 138 VAL A CB  1 
ATOM   919  C  CG1 . VAL A 1 120 ? 11.055  -7.321  -5.100  1.00 12.13 ? 138 VAL A CG1 1 
ATOM   920  C  CG2 . VAL A 1 120 ? 11.294  -4.807  -4.843  1.00 11.35 ? 138 VAL A CG2 1 
ATOM   921  N  N   . LEU A 1 121 ? 7.883   -4.266  -4.862  1.00 9.49  ? 139 LEU A N   1 
ATOM   922  C  CA  . LEU A 1 121 ? 7.138   -3.027  -4.632  1.00 9.80  ? 139 LEU A CA  1 
ATOM   923  C  C   . LEU A 1 121 ? 8.148   -1.978  -4.149  1.00 9.69  ? 139 LEU A C   1 
ATOM   924  O  O   . LEU A 1 121 ? 8.836   -2.185  -3.146  1.00 11.39 ? 139 LEU A O   1 
ATOM   925  C  CB  . LEU A 1 121 ? 6.057   -3.245  -3.557  1.00 9.49  ? 139 LEU A CB  1 
ATOM   926  C  CG  . LEU A 1 121 ? 5.193   -2.004  -3.324  1.00 9.82  ? 139 LEU A CG  1 
ATOM   927  C  CD1 . LEU A 1 121 ? 4.275   -1.639  -4.515  1.00 9.72  ? 139 LEU A CD1 1 
ATOM   928  C  CD2 . LEU A 1 121 ? 4.359   -2.293  -2.082  1.00 10.85 ? 139 LEU A CD2 1 
ATOM   929  N  N   . ARG A 1 122 ? 8.247   -0.874  -4.884  1.00 9.61  ? 140 ARG A N   1 
ATOM   930  C  CA  . ARG A 1 122 ? 9.184   0.188   -4.525  1.00 9.64  ? 140 ARG A CA  1 
ATOM   931  C  C   . ARG A 1 122 ? 8.494   1.387   -3.904  1.00 8.69  ? 140 ARG A C   1 
ATOM   932  O  O   . ARG A 1 122 ? 9.116   2.055   -3.076  1.00 10.17 ? 140 ARG A O   1 
ATOM   933  C  CB  . ARG A 1 122 ? 10.013  0.585   -5.755  1.00 10.35 ? 140 ARG A CB  1 
ATOM   934  C  CG  . ARG A 1 122 ? 11.082  -0.493  -6.078  1.00 10.03 ? 140 ARG A CG  1 
ATOM   935  C  CD  . ARG A 1 122 ? 12.012  -0.761  -4.864  1.00 14.84 ? 140 ARG A CD  1 
ATOM   936  N  NE  . ARG A 1 122 ? 13.118  -1.677  -5.221  1.00 15.98 ? 140 ARG A NE  1 
ATOM   937  C  CZ  . ARG A 1 122 ? 13.748  -2.498  -4.390  1.00 16.29 ? 140 ARG A CZ  1 
ATOM   938  N  NH1 . ARG A 1 122 ? 13.409  -2.588  -3.110  1.00 13.58 ? 140 ARG A NH1 1 
ATOM   939  N  NH2 . ARG A 1 122 ? 14.743  -3.251  -4.868  1.00 18.41 ? 140 ARG A NH2 1 
ATOM   940  N  N   . PHE A 1 123 ? 7.260   1.690   -4.311  1.00 8.47  ? 141 PHE A N   1 
ATOM   941  C  CA  . PHE A 1 123 ? 6.484   2.736   -3.651  1.00 9.15  ? 141 PHE A CA  1 
ATOM   942  C  C   . PHE A 1 123 ? 5.025   2.643   -3.956  1.00 10.56 ? 141 PHE A C   1 
ATOM   943  O  O   . PHE A 1 123 ? 4.624   1.880   -4.845  1.00 10.84 ? 141 PHE A O   1 
ATOM   944  C  CB  . PHE A 1 123 ? 7.057   4.163   -3.964  1.00 9.01  ? 141 PHE A CB  1 
ATOM   945  C  CG  . PHE A 1 123 ? 6.889   4.631   -5.392  1.00 9.06  ? 141 PHE A CG  1 
ATOM   946  C  CD1 . PHE A 1 123 ? 5.801   5.395   -5.759  1.00 11.68 ? 141 PHE A CD1 1 
ATOM   947  C  CD2 . PHE A 1 123 ? 7.884   4.351   -6.340  1.00 13.88 ? 141 PHE A CD2 1 
ATOM   948  C  CE1 . PHE A 1 123 ? 5.647   5.877   -7.090  1.00 12.30 ? 141 PHE A CE1 1 
ATOM   949  C  CE2 . PHE A 1 123 ? 7.756   4.779   -7.656  1.00 13.93 ? 141 PHE A CE2 1 
ATOM   950  C  CZ  . PHE A 1 123 ? 6.647   5.547   -8.033  1.00 14.39 ? 141 PHE A CZ  1 
ATOM   951  N  N   . ILE A 1 124 ? 4.205   3.384   -3.192  1.00 11.04 ? 142 ILE A N   1 
ATOM   952  C  CA  . ILE A 1 124 ? 2.754   3.436   -3.447  1.00 11.14 ? 142 ILE A CA  1 
ATOM   953  C  C   . ILE A 1 124 ? 2.303   4.858   -3.809  1.00 11.48 ? 142 ILE A C   1 
ATOM   954  O  O   . ILE A 1 124 ? 3.030   5.818   -3.584  1.00 12.12 ? 142 ILE A O   1 
ATOM   955  C  CB  . ILE A 1 124 ? 1.958   2.849   -2.236  1.00 11.43 ? 142 ILE A CB  1 
ATOM   956  C  CG1 . ILE A 1 124 ? 2.053   3.795   -1.049  1.00 11.79 ? 142 ILE A CG1 1 
ATOM   957  C  CG2 . ILE A 1 124 ? 2.474   1.433   -1.910  1.00 12.23 ? 142 ILE A CG2 1 
ATOM   958  C  CD1 . ILE A 1 124 ? 0.923   3.551   0.025   1.00 12.84 ? 142 ILE A CD1 1 
ATOM   959  N  N   . SER A 1 125 ? 1.140   4.969   -4.448  1.00 12.15 ? 143 SER A N   1 
ATOM   960  C  CA  . SER A 1 125 ? 0.516   6.245   -4.692  1.00 12.69 ? 143 SER A CA  1 
ATOM   961  C  C   . SER A 1 125 ? -0.965  5.966   -4.449  1.00 12.75 ? 143 SER A C   1 
ATOM   962  O  O   . SER A 1 125 ? -1.351  4.838   -4.092  1.00 12.34 ? 143 SER A O   1 
ATOM   963  C  CB  . SER A 1 125 ? 0.765   6.692   -6.142  1.00 13.74 ? 143 SER A CB  1 
ATOM   964  O  OG  . SER A 1 125 ? 0.315   5.684   -7.025  1.00 16.64 ? 143 SER A OG  1 
ATOM   965  N  N   . GLY A 1 126 ? -1.803  6.977   -4.595  1.00 12.64 ? 144 GLY A N   1 
ATOM   966  C  CA  . GLY A 1 126 ? -3.247  6.737   -4.466  1.00 12.56 ? 144 GLY A CA  1 
ATOM   967  C  C   . GLY A 1 126 ? -3.973  8.040   -4.270  1.00 14.60 ? 144 GLY A C   1 
ATOM   968  O  O   . GLY A 1 126 ? -3.516  9.096   -4.718  1.00 15.04 ? 144 GLY A O   1 
ATOM   969  N  N   . ARG A 1 127 ? -5.122  7.963   -3.611  1.00 14.54 ? 145 ARG A N   1 
ATOM   970  C  CA  . ARG A 1 127 ? -5.897  9.159   -3.316  1.00 15.88 ? 145 ARG A CA  1 
ATOM   971  C  C   . ARG A 1 127 ? -6.345  9.043   -1.886  1.00 14.97 ? 145 ARG A C   1 
ATOM   972  O  O   . ARG A 1 127 ? -6.699  7.932   -1.437  1.00 14.36 ? 145 ARG A O   1 
ATOM   973  C  CB  . ARG A 1 127 ? -7.149  9.248   -4.194  1.00 16.54 ? 145 ARG A CB  1 
ATOM   974  C  CG  . ARG A 1 127 ? -6.875  9.211   -5.712  1.00 18.08 ? 145 ARG A CG  1 
ATOM   975  C  CD  . ARG A 1 127 ? -8.145  9.565   -6.511  1.00 21.48 ? 145 ARG A CD  1 
ATOM   976  N  NE  . ARG A 1 127 ? -8.557  10.961  -6.304  1.00 22.49 ? 145 ARG A NE  1 
ATOM   977  C  CZ  . ARG A 1 127 ? -8.082  12.036  -6.951  1.00 27.89 ? 145 ARG A CZ  1 
ATOM   978  N  NH1 . ARG A 1 127 ? -7.141  11.935  -7.894  1.00 25.77 ? 145 ARG A NH1 1 
ATOM   979  N  NH2 . ARG A 1 127 ? -8.551  13.247  -6.641  1.00 26.79 ? 145 ARG A NH2 1 
ATOM   980  N  N   . SER A 1 128 ? -6.372  10.181  -1.189  1.00 15.10 ? 146 SER A N   1 
ATOM   981  C  CA  . SER A 1 128 ? -6.811  10.174  0.224   1.00 15.62 ? 146 SER A CA  1 
ATOM   982  C  C   . SER A 1 128 ? -7.546  11.441  0.630   1.00 15.64 ? 146 SER A C   1 
ATOM   983  O  O   . SER A 1 128 ? -7.334  12.531  0.051   1.00 16.82 ? 146 SER A O   1 
ATOM   984  C  CB  . SER A 1 128 ? -5.601  9.955   1.163   1.00 15.57 ? 146 SER A CB  1 
ATOM   985  O  OG  . SER A 1 128 ? -4.839  11.144  1.285   1.00 16.70 ? 146 SER A OG  1 
ATOM   986  N  N   . GLY A 1 129 ? -8.370  11.294  1.660   1.00 15.26 ? 147 GLY A N   1 
ATOM   987  C  CA  . GLY A 1 129 ? -9.038  12.413  2.320   1.00 15.35 ? 147 GLY A CA  1 
ATOM   988  C  C   . GLY A 1 129 ? -9.117  12.063  3.786   1.00 15.37 ? 147 GLY A C   1 
ATOM   989  O  O   . GLY A 1 129 ? -8.077  11.957  4.446   1.00 16.00 ? 147 GLY A O   1 
ATOM   990  N  N   . SER A 1 130 ? -10.337 11.863  4.280   1.00 15.01 ? 148 SER A N   1 
ATOM   991  C  CA  . SER A 1 130 ? -10.483 11.360  5.648   1.00 15.81 ? 148 SER A CA  1 
ATOM   992  C  C   . SER A 1 130 ? -10.365 9.835   5.599   1.00 15.16 ? 148 SER A C   1 
ATOM   993  O  O   . SER A 1 130 ? -10.310 9.181   6.655   1.00 15.21 ? 148 SER A O   1 
ATOM   994  C  CB  . SER A 1 130 ? -11.807 11.840  6.253   1.00 16.23 ? 148 SER A CB  1 
ATOM   995  O  OG  . SER A 1 130 ? -12.912 11.319  5.538   1.00 21.17 ? 148 SER A OG  1 
ATOM   996  N  N   . LEU A 1 131 ? -10.302 9.268   4.373   1.00 14.80 ? 149 LEU A N   1 
ATOM   997  C  CA  . LEU A 1 131 ? -10.094 7.817   4.192   1.00 14.13 ? 149 LEU A CA  1 
ATOM   998  C  C   . LEU A 1 131 ? -9.116  7.598   3.064   1.00 14.67 ? 149 LEU A C   1 
ATOM   999  O  O   . LEU A 1 131 ? -8.654  8.578   2.452   1.00 13.84 ? 149 LEU A O   1 
ATOM   1000 C  CB  . LEU A 1 131 ? -11.418 7.104   3.847   1.00 14.42 ? 149 LEU A CB  1 
ATOM   1001 C  CG  . LEU A 1 131 ? -12.521 7.228   4.886   1.00 13.82 ? 149 LEU A CG  1 
ATOM   1002 C  CD1 . LEU A 1 131 ? -13.784 6.633   4.266   1.00 18.34 ? 149 LEU A CD1 1 
ATOM   1003 C  CD2 . LEU A 1 131 ? -12.122 6.477   6.178   1.00 14.64 ? 149 LEU A CD2 1 
ATOM   1004 N  N   . ILE A 1 132 ? -8.810  6.331   2.774   1.00 14.33 ? 150 ILE A N   1 
ATOM   1005 C  CA  . ILE A 1 132 ? -8.042  6.019   1.555   1.00 14.23 ? 150 ILE A CA  1 
ATOM   1006 C  C   . ILE A 1 132 ? -9.013  5.737   0.421   1.00 14.42 ? 150 ILE A C   1 
ATOM   1007 O  O   . ILE A 1 132 ? -9.725  4.733   0.442   1.00 15.16 ? 150 ILE A O   1 
ATOM   1008 C  CB  . ILE A 1 132 ? -7.045  4.826   1.716   1.00 13.42 ? 150 ILE A CB  1 
ATOM   1009 C  CG1 . ILE A 1 132 ? -6.009  5.117   2.819   1.00 13.54 ? 150 ILE A CG1 1 
ATOM   1010 C  CG2 . ILE A 1 132 ? -6.269  4.550   0.368   1.00 13.69 ? 150 ILE A CG2 1 
ATOM   1011 C  CD1 . ILE A 1 132 ? -5.255  6.479   2.644   1.00 14.44 ? 150 ILE A CD1 1 
ATOM   1012 N  N   . ASP A 1 133 ? -9.062  6.662   -0.526  1.00 15.15 ? 151 ASP A N   1 
ATOM   1013 C  CA  . ASP A 1 133 ? -9.994  6.547   -1.663  1.00 15.82 ? 151 ASP A CA  1 
ATOM   1014 C  C   . ASP A 1 133 ? -9.522  5.547   -2.709  1.00 16.09 ? 151 ASP A C   1 
ATOM   1015 O  O   . ASP A 1 133 ? -10.322 4.855   -3.352  1.00 16.53 ? 151 ASP A O   1 
ATOM   1016 C  CB  . ASP A 1 133 ? -10.207 7.931   -2.289  1.00 16.21 ? 151 ASP A CB  1 
ATOM   1017 C  CG  . ASP A 1 133 ? -10.882 8.895   -1.335  1.00 18.45 ? 151 ASP A CG  1 
ATOM   1018 O  OD1 . ASP A 1 133 ? -12.134 9.050   -1.417  1.00 20.80 ? 151 ASP A OD1 1 
ATOM   1019 O  OD2 . ASP A 1 133 ? -10.174 9.467   -0.485  1.00 20.23 ? 151 ASP A OD2 1 
ATOM   1020 N  N   . ALA A 1 134 ? -8.210  5.420   -2.842  1.00 15.52 ? 152 ALA A N   1 
ATOM   1021 C  CA  . ALA A 1 134 ? -7.693  4.645   -3.958  1.00 15.12 ? 152 ALA A CA  1 
ATOM   1022 C  C   . ALA A 1 134 ? -6.236  4.364   -3.696  1.00 14.97 ? 152 ALA A C   1 
ATOM   1023 O  O   . ALA A 1 134 ? -5.566  5.141   -2.997  1.00 15.30 ? 152 ALA A O   1 
ATOM   1024 C  CB  . ALA A 1 134 ? -7.837  5.442   -5.268  1.00 16.76 ? 152 ALA A CB  1 
ATOM   1025 N  N   . ILE A 1 135 ? -5.749  3.277   -4.299  1.00 14.48 ? 153 ILE A N   1 
ATOM   1026 C  CA  . ILE A 1 135 ? -4.346  2.922   -4.195  1.00 14.16 ? 153 ILE A CA  1 
ATOM   1027 C  C   . ILE A 1 135 ? -3.750  2.441   -5.525  1.00 12.79 ? 153 ILE A C   1 
ATOM   1028 O  O   . ILE A 1 135 ? -4.433  1.807   -6.324  1.00 13.26 ? 153 ILE A O   1 
ATOM   1029 C  CB  . ILE A 1 135 ? -4.112  1.897   -3.042  1.00 12.86 ? 153 ILE A CB  1 
ATOM   1030 C  CG1 . ILE A 1 135 ? -2.631  1.910   -2.607  1.00 14.87 ? 153 ILE A CG1 1 
ATOM   1031 C  CG2 . ILE A 1 135 ? -4.662  0.521   -3.390  1.00 15.42 ? 153 ILE A CG2 1 
ATOM   1032 C  CD1 . ILE A 1 135 ? -2.319  1.062   -1.383  1.00 17.74 ? 153 ILE A CD1 1 
ATOM   1033 N  N   . GLY A 1 136 ? -2.461  2.740   -5.703  1.00 12.51 ? 154 GLY A N   1 
ATOM   1034 C  CA  . GLY A 1 136 ? -1.663  2.276   -6.857  1.00 12.28 ? 154 GLY A CA  1 
ATOM   1035 C  C   . GLY A 1 136 ? -0.308  1.757   -6.372  1.00 11.55 ? 154 GLY A C   1 
ATOM   1036 O  O   . GLY A 1 136 ? 0.248   2.225   -5.335  1.00 12.03 ? 154 GLY A O   1 
ATOM   1037 N  N   . LEU A 1 137 ? 0.226   0.771   -7.101  1.00 11.42 ? 155 LEU A N   1 
ATOM   1038 C  CA  . LEU A 1 137 ? 1.425   0.073   -6.663  1.00 11.04 ? 155 LEU A CA  1 
ATOM   1039 C  C   . LEU A 1 137 ? 2.453   0.257   -7.752  1.00 10.93 ? 155 LEU A C   1 
ATOM   1040 O  O   . LEU A 1 137 ? 2.135   0.094   -8.944  1.00 11.84 ? 155 LEU A O   1 
ATOM   1041 C  CB  . LEU A 1 137 ? 1.154   -1.443  -6.442  1.00 11.51 ? 155 LEU A CB  1 
ATOM   1042 C  CG  . LEU A 1 137 ? 0.178   -1.957  -5.373  1.00 13.23 ? 155 LEU A CG  1 
ATOM   1043 C  CD1 . LEU A 1 137 ? 0.312   -1.155  -4.071  1.00 12.91 ? 155 LEU A CD1 1 
ATOM   1044 C  CD2 . LEU A 1 137 ? -1.245  -1.937  -5.831  1.00 16.35 ? 155 LEU A CD2 1 
ATOM   1045 N  N   . HIS A 1 138 ? 3.670   0.607   -7.350  1.00 9.46  ? 156 HIS A N   1 
ATOM   1046 C  CA  . HIS A 1 138 ? 4.759   0.859   -8.304  1.00 10.24 ? 156 HIS A CA  1 
ATOM   1047 C  C   . HIS A 1 138 ? 5.881   -0.137  -8.063  1.00 10.31 ? 156 HIS A C   1 
ATOM   1048 O  O   . HIS A 1 138 ? 6.492   -0.189  -6.981  1.00 9.65  ? 156 HIS A O   1 
ATOM   1049 C  CB  . HIS A 1 138 ? 5.249   2.307   -8.176  1.00 10.30 ? 156 HIS A CB  1 
ATOM   1050 C  CG  . HIS A 1 138 ? 4.185   3.318   -8.437  1.00 12.23 ? 156 HIS A CG  1 
ATOM   1051 N  ND1 . HIS A 1 138 ? 4.143   4.074   -9.598  1.00 13.63 ? 156 HIS A ND1 1 
ATOM   1052 C  CD2 . HIS A 1 138 ? 3.125   3.718   -7.688  1.00 14.05 ? 156 HIS A CD2 1 
ATOM   1053 C  CE1 . HIS A 1 138 ? 3.107   4.897   -9.541  1.00 14.51 ? 156 HIS A CE1 1 
ATOM   1054 N  NE2 . HIS A 1 138 ? 2.489   4.720   -8.385  1.00 14.63 ? 156 HIS A NE2 1 
ATOM   1055 N  N   . TRP A 1 139 ? 6.135   -0.924  -9.096  1.00 9.56  ? 157 TRP A N   1 
ATOM   1056 C  CA  . TRP A 1 139 ? 7.076   -1.994  -9.085  1.00 9.32  ? 157 TRP A CA  1 
ATOM   1057 C  C   . TRP A 1 139 ? 8.359   -1.606  -9.808  1.00 9.92  ? 157 TRP A C   1 
ATOM   1058 O  O   . TRP A 1 139 ? 8.314   -0.919  -10.828 1.00 11.35 ? 157 TRP A O   1 
ATOM   1059 C  CB  . TRP A 1 139 ? 6.493   -3.179  -9.854  1.00 9.65  ? 157 TRP A CB  1 
ATOM   1060 C  CG  . TRP A 1 139 ? 5.103   -3.583  -9.431  1.00 9.91  ? 157 TRP A CG  1 
ATOM   1061 C  CD1 . TRP A 1 139 ? 3.932   -3.303  -10.074 1.00 11.61 ? 157 TRP A CD1 1 
ATOM   1062 C  CD2 . TRP A 1 139 ? 4.753   -4.364  -8.270  1.00 11.73 ? 157 TRP A CD2 1 
ATOM   1063 N  NE1 . TRP A 1 139 ? 2.865   -3.867  -9.392  1.00 11.99 ? 157 TRP A NE1 1 
ATOM   1064 C  CE2 . TRP A 1 139 ? 3.341   -4.518  -8.280  1.00 9.88  ? 157 TRP A CE2 1 
ATOM   1065 C  CE3 . TRP A 1 139 ? 5.494   -4.960  -7.239  1.00 13.18 ? 157 TRP A CE3 1 
ATOM   1066 C  CZ2 . TRP A 1 139 ? 2.649   -5.204  -7.280  1.00 10.97 ? 157 TRP A CZ2 1 
ATOM   1067 C  CZ3 . TRP A 1 139 ? 4.792   -5.681  -6.221  1.00 11.69 ? 157 TRP A CZ3 1 
ATOM   1068 C  CH2 . TRP A 1 139 ? 3.379   -5.791  -6.273  1.00 11.42 ? 157 TRP A CH2 1 
ATOM   1069 N  N   . ASP A 1 140 ? 9.478   -2.062  -9.279  1.00 9.93  ? 158 ASP A N   1 
ATOM   1070 C  CA  . ASP A 1 140 ? 10.771  -1.839  -9.966  1.00 11.87 ? 158 ASP A CA  1 
ATOM   1071 C  C   . ASP A 1 140 ? 11.834  -2.774  -9.420  1.00 13.44 ? 158 ASP A C   1 
ATOM   1072 O  O   . ASP A 1 140 ? 11.619  -3.497  -8.407  1.00 12.74 ? 158 ASP A O   1 
ATOM   1073 C  CB  . ASP A 1 140 ? 11.181  -0.376  -9.829  1.00 11.60 ? 158 ASP A CB  1 
ATOM   1074 C  CG  . ASP A 1 140 ? 11.942  0.144   -11.046 1.00 14.03 ? 158 ASP A CG  1 
ATOM   1075 O  OD1 . ASP A 1 140 ? 12.468  -0.661  -11.833 1.00 14.84 ? 158 ASP A OD1 1 
ATOM   1076 O  OD2 . ASP A 1 140 ? 12.001  1.401   -11.191 1.00 18.08 ? 158 ASP A OD2 1 
ATOM   1077 N  N   . VAL A 1 141 ? 13.009  -2.757  -10.063 1.00 14.40 ? 159 VAL A N   1 
ATOM   1078 C  CA  . VAL A 1 141 ? 14.147  -3.521  -9.554  1.00 17.79 ? 159 VAL A CA  1 
ATOM   1079 C  C   . VAL A 1 141 ? 14.613  -3.000  -8.177  1.00 19.65 ? 159 VAL A C   1 
ATOM   1080 O  O   . VAL A 1 141 ? 14.281  -1.884  -7.751  1.00 20.48 ? 159 VAL A O   1 
ATOM   1081 C  CB  . VAL A 1 141 ? 15.344  -3.507  -10.535 1.00 18.11 ? 159 VAL A CB  1 
ATOM   1082 C  CG1 . VAL A 1 141 ? 14.948  -4.210  -11.822 1.00 20.22 ? 159 VAL A CG1 1 
ATOM   1083 C  CG2 . VAL A 1 141 ? 15.799  -2.063  -10.830 1.00 20.09 ? 159 VAL A CG2 1 
ATOM   1084 O  OXT . VAL A 1 141 ? 15.322  -3.705  -7.460  1.00 22.30 ? 159 VAL A OXT 1 
HETATM 1085 C  C1  . GOL B 2 .   ? -12.640 10.151  2.026   1.00 23.08 ? 1   GOL A C1  1 
HETATM 1086 O  O1  . GOL B 2 .   ? -11.253 10.155  1.811   1.00 18.47 ? 1   GOL A O1  1 
HETATM 1087 C  C2  . GOL B 2 .   ? -13.203 11.546  1.762   1.00 23.35 ? 1   GOL A C2  1 
HETATM 1088 O  O2  . GOL B 2 .   ? -12.649 12.449  2.696   1.00 24.05 ? 1   GOL A O2  1 
HETATM 1089 C  C3  . GOL B 2 .   ? -12.749 12.000  0.367   1.00 23.32 ? 1   GOL A C3  1 
HETATM 1090 O  O3  . GOL B 2 .   ? -13.403 11.248  -0.641  1.00 25.93 ? 1   GOL A O3  1 
HETATM 1091 CL CL  . CL  C 3 .   ? 10.916  8.396   10.650  1.00 18.72 ? 160 CL  A CL  1 
HETATM 1092 O  O   . HOH D 4 .   ? 5.954   3.301   -11.644 1.00 21.55 ? 2   HOH A O   1 
HETATM 1093 O  O   . HOH D 4 .   ? 7.828   1.818   -10.431 1.00 16.84 ? 3   HOH A O   1 
HETATM 1094 O  O   . HOH D 4 .   ? 10.354  3.077   -9.665  1.00 27.04 ? 4   HOH A O   1 
HETATM 1095 O  O   . HOH D 4 .   ? 14.323  0.763   -8.351  1.00 28.48 ? 5   HOH A O   1 
HETATM 1096 O  O   . HOH D 4 .   ? 2.885   -0.491  -16.150 1.00 18.60 ? 6   HOH A O   1 
HETATM 1097 O  O   . HOH D 4 .   ? 2.326   -3.934  -12.946 1.00 23.41 ? 7   HOH A O   1 
HETATM 1098 O  O   . HOH D 4 .   ? 4.067   5.798   -12.523 1.00 23.57 ? 8   HOH A O   1 
HETATM 1099 O  O   . HOH D 4 .   ? 2.689   3.672   -15.856 1.00 23.54 ? 9   HOH A O   1 
HETATM 1100 O  O   . HOH D 4 .   ? 1.642   6.232   -14.555 1.00 22.86 ? 10  HOH A O   1 
HETATM 1101 O  O   . HOH D 4 .   ? -3.512  -2.288  -13.340 1.00 29.24 ? 11  HOH A O   1 
HETATM 1102 O  O   . HOH D 4 .   ? -4.751  -5.729  -11.545 1.00 22.55 ? 12  HOH A O   1 
HETATM 1103 O  O   . HOH D 4 .   ? -2.263  5.648   -8.023  1.00 19.81 ? 13  HOH A O   1 
HETATM 1104 O  O   . HOH D 4 .   ? -9.660  4.013   -10.448 1.00 33.93 ? 14  HOH A O   1 
HETATM 1105 O  O   . HOH D 4 .   ? -15.371 7.777   -8.515  1.00 32.41 ? 15  HOH A O   1 
HETATM 1106 O  O   . HOH D 4 .   ? -13.592 8.084   -3.361  1.00 28.64 ? 16  HOH A O   1 
HETATM 1107 O  O   . HOH D 4 .   ? -8.872  6.115   -8.717  1.00 30.47 ? 17  HOH A O   1 
HETATM 1108 O  O   . HOH D 4 .   ? -16.081 10.690  -0.687  1.00 27.88 ? 18  HOH A O   1 
HETATM 1109 O  O   . HOH D 4 .   ? 7.759   -4.575  -13.187 1.00 12.61 ? 161 HOH A O   1 
HETATM 1110 O  O   . HOH D 4 .   ? -15.969 9.871   5.268   1.00 43.94 ? 162 HOH A O   1 
HETATM 1111 O  O   . HOH D 4 .   ? -10.496 15.467  0.180   1.00 47.15 ? 163 HOH A O   1 
HETATM 1112 O  O   . HOH D 4 .   ? -5.596  15.788  -6.124  1.00 25.72 ? 164 HOH A O   1 
HETATM 1113 O  O   . HOH D 4 .   ? -5.735  12.552  3.354   1.00 17.19 ? 165 HOH A O   1 
HETATM 1114 O  O   . HOH D 4 .   ? 0.058   11.937  -8.259  1.00 31.11 ? 166 HOH A O   1 
HETATM 1115 O  O   . HOH D 4 .   ? 0.992   13.854  -5.873  1.00 36.33 ? 167 HOH A O   1 
HETATM 1116 O  O   . HOH D 4 .   ? 2.230   13.096  -2.370  1.00 25.78 ? 168 HOH A O   1 
HETATM 1117 O  O   . HOH D 4 .   ? 1.739   12.948  0.586   1.00 28.93 ? 169 HOH A O   1 
HETATM 1118 O  O   . HOH D 4 .   ? -1.364  14.181  0.303   1.00 31.07 ? 170 HOH A O   1 
HETATM 1119 O  O   . HOH D 4 .   ? 2.941   10.775  1.575   1.00 25.48 ? 171 HOH A O   1 
HETATM 1120 O  O   . HOH D 4 .   ? 3.315   8.515   -8.620  1.00 22.35 ? 172 HOH A O   1 
HETATM 1121 O  O   . HOH D 4 .   ? 6.421   12.169  -4.325  1.00 36.16 ? 173 HOH A O   1 
HETATM 1122 O  O   . HOH D 4 .   ? 5.636   11.168  1.558   1.00 20.22 ? 174 HOH A O   1 
HETATM 1123 O  O   . HOH D 4 .   ? 5.256   7.757   -10.624 1.00 17.80 ? 175 HOH A O   1 
HETATM 1124 O  O   . HOH D 4 .   ? 6.801   12.450  -10.132 1.00 22.74 ? 176 HOH A O   1 
HETATM 1125 O  O   . HOH D 4 .   ? 10.427  8.121   3.359   1.00 18.60 ? 177 HOH A O   1 
HETATM 1126 O  O   . HOH D 4 .   ? 17.463  8.947   3.667   1.00 38.98 ? 178 HOH A O   1 
HETATM 1127 O  O   . HOH D 4 .   ? 10.705  12.598  0.513   1.00 49.84 ? 179 HOH A O   1 
HETATM 1128 O  O   . HOH D 4 .   ? 16.744  5.592   5.456   1.00 25.52 ? 180 HOH A O   1 
HETATM 1129 O  O   . HOH D 4 .   ? 19.017  4.426   3.191   1.00 39.90 ? 181 HOH A O   1 
HETATM 1130 O  O   . HOH D 4 .   ? 19.003  1.927   1.752   1.00 20.71 ? 182 HOH A O   1 
HETATM 1131 O  O   . HOH D 4 .   ? 11.547  1.500   -2.055  1.00 17.45 ? 183 HOH A O   1 
HETATM 1132 O  O   . HOH D 4 .   ? 11.062  -1.436  -1.651  1.00 10.94 ? 184 HOH A O   1 
HETATM 1133 O  O   . HOH D 4 .   ? 9.001   -4.329  -1.234  1.00 13.12 ? 185 HOH A O   1 
HETATM 1134 O  O   . HOH D 4 .   ? 11.049  -3.952  0.590   1.00 17.27 ? 186 HOH A O   1 
HETATM 1135 O  O   . HOH D 4 .   ? 13.260  -4.682  -0.856  1.00 19.73 ? 187 HOH A O   1 
HETATM 1136 O  O   . HOH D 4 .   ? 12.552  -4.815  3.863   1.00 19.45 ? 188 HOH A O   1 
HETATM 1137 O  O   . HOH D 4 .   ? 12.922  -4.372  6.525   1.00 18.84 ? 189 HOH A O   1 
HETATM 1138 O  O   . HOH D 4 .   ? 16.709  -3.019  5.507   1.00 35.44 ? 190 HOH A O   1 
HETATM 1139 O  O   . HOH D 4 .   ? 11.832  -0.853  9.517   1.00 31.06 ? 191 HOH A O   1 
HETATM 1140 O  O   . HOH D 4 .   ? 16.212  -0.395  8.028   1.00 41.23 ? 192 HOH A O   1 
HETATM 1141 O  O   . HOH D 4 .   ? 7.076   2.514   14.909  1.00 28.63 ? 193 HOH A O   1 
HETATM 1142 O  O   . HOH D 4 .   ? 9.413   2.906   13.726  1.00 26.01 ? 194 HOH A O   1 
HETATM 1143 O  O   . HOH D 4 .   ? 11.647  5.447   11.810  1.00 21.82 ? 195 HOH A O   1 
HETATM 1144 O  O   . HOH D 4 .   ? -1.436  -6.393  -11.887 1.00 34.40 ? 196 HOH A O   1 
HETATM 1145 O  O   . HOH D 4 .   ? -6.207  8.909   15.251  1.00 15.78 ? 197 HOH A O   1 
HETATM 1146 O  O   . HOH D 4 .   ? -2.465  9.588   12.052  1.00 21.96 ? 198 HOH A O   1 
HETATM 1147 O  O   . HOH D 4 .   ? -5.674  11.601  15.528  1.00 21.22 ? 199 HOH A O   1 
HETATM 1148 O  O   . HOH D 4 .   ? -3.382  11.708  13.807  1.00 19.63 ? 200 HOH A O   1 
HETATM 1149 O  O   . HOH D 4 .   ? -3.217  12.551  11.096  1.00 18.41 ? 201 HOH A O   1 
HETATM 1150 O  O   . HOH D 4 .   ? -4.884  13.137  9.134   1.00 20.31 ? 202 HOH A O   1 
HETATM 1151 O  O   . HOH D 4 .   ? -7.771  16.472  11.055  1.00 34.92 ? 203 HOH A O   1 
HETATM 1152 O  O   . HOH D 4 .   ? -10.085 12.510  9.970   1.00 27.08 ? 204 HOH A O   1 
HETATM 1153 O  O   . HOH D 4 .   ? -11.211 9.434   9.278   1.00 18.63 ? 205 HOH A O   1 
HETATM 1154 O  O   . HOH D 4 .   ? -14.164 8.224   9.118   1.00 29.44 ? 206 HOH A O   1 
HETATM 1155 O  O   . HOH D 4 .   ? -6.739  -5.061  9.966   1.00 19.32 ? 207 HOH A O   1 
HETATM 1156 O  O   . HOH D 4 .   ? -17.851 -4.015  9.715   1.00 33.83 ? 208 HOH A O   1 
HETATM 1157 O  O   . HOH D 4 .   ? -16.825 -5.032  6.087   1.00 27.76 ? 209 HOH A O   1 
HETATM 1158 O  O   . HOH D 4 .   ? -11.862 2.051   14.743  1.00 33.64 ? 210 HOH A O   1 
HETATM 1159 O  O   . HOH D 4 .   ? 1.840   7.977   3.656   1.00 18.95 ? 211 HOH A O   1 
HETATM 1160 O  O   . HOH D 4 .   ? -10.750 -4.445  -8.965  1.00 43.53 ? 212 HOH A O   1 
HETATM 1161 O  O   . HOH D 4 .   ? -17.102 7.043   13.831  1.00 29.95 ? 213 HOH A O   1 
HETATM 1162 O  O   . HOH D 4 .   ? -4.655  -1.122  16.463  1.00 39.93 ? 214 HOH A O   1 
HETATM 1163 O  O   . HOH D 4 .   ? -5.824  -0.582  18.880  1.00 36.42 ? 215 HOH A O   1 
HETATM 1164 O  O   . HOH D 4 .   ? 0.183   -0.322  16.090  1.00 30.03 ? 216 HOH A O   1 
HETATM 1165 O  O   . HOH D 4 .   ? -0.400  -3.578  15.021  1.00 28.20 ? 217 HOH A O   1 
HETATM 1166 O  O   . HOH D 4 .   ? 6.159   -5.966  13.219  1.00 25.17 ? 218 HOH A O   1 
HETATM 1167 O  O   . HOH D 4 .   ? 11.967  -3.344  9.831   1.00 40.55 ? 219 HOH A O   1 
HETATM 1168 O  O   . HOH D 4 .   ? 12.535  -8.448  11.552  1.00 41.71 ? 220 HOH A O   1 
HETATM 1169 O  O   . HOH D 4 .   ? 13.977  -9.242  -1.125  1.00 20.03 ? 221 HOH A O   1 
HETATM 1170 O  O   . HOH D 4 .   ? -7.263  -9.417  -0.534  1.00 25.00 ? 222 HOH A O   1 
HETATM 1171 O  O   . HOH D 4 .   ? -17.148 -6.859  -7.563  1.00 42.56 ? 223 HOH A O   1 
HETATM 1172 O  O   . HOH D 4 .   ? -1.346  -10.618 8.470   1.00 26.82 ? 224 HOH A O   1 
HETATM 1173 O  O   . HOH D 4 .   ? -14.893 -8.920  -6.540  1.00 25.60 ? 225 HOH A O   1 
HETATM 1174 O  O   . HOH D 4 .   ? -12.886 -8.369  -8.641  1.00 23.51 ? 226 HOH A O   1 
HETATM 1175 O  O   . HOH D 4 .   ? 5.667   3.060   -13.999 1.00 43.45 ? 227 HOH A O   1 
HETATM 1176 O  O   . HOH D 4 .   ? -3.133  9.171   -7.653  1.00 28.64 ? 228 HOH A O   1 
HETATM 1177 O  O   . HOH D 4 .   ? -1.586  5.801   -14.907 1.00 41.37 ? 229 HOH A O   1 
HETATM 1178 O  O   . HOH D 4 .   ? -5.957  4.613   -13.390 1.00 37.88 ? 230 HOH A O   1 
HETATM 1179 O  O   . HOH D 4 .   ? -16.124 9.119   -3.733  1.00 32.32 ? 231 HOH A O   1 
HETATM 1180 O  O   . HOH D 4 .   ? -7.177  14.790  -9.005  1.00 34.14 ? 232 HOH A O   1 
HETATM 1181 O  O   . HOH D 4 .   ? 4.976   12.233  -8.020  1.00 36.97 ? 233 HOH A O   1 
HETATM 1182 O  O   . HOH D 4 .   ? 8.324   14.424  -6.885  1.00 35.57 ? 234 HOH A O   1 
HETATM 1183 O  O   . HOH D 4 .   ? -10.389 15.243  3.824   1.00 43.65 ? 235 HOH A O   1 
HETATM 1184 O  O   . HOH D 4 .   ? -20.091 -3.695  11.390  1.00 34.38 ? 236 HOH A O   1 
HETATM 1185 O  O   . HOH D 4 .   ? -21.304 -1.064  12.397  1.00 34.86 ? 237 HOH A O   1 
HETATM 1186 O  O   . HOH D 4 .   ? -10.045 -1.290  13.857  1.00 41.86 ? 238 HOH A O   1 
HETATM 1187 O  O   . HOH D 4 .   ? 14.600  -5.971  11.875  1.00 42.74 ? 239 HOH A O   1 
HETATM 1188 O  O   . HOH D 4 .   ? -18.327 -4.233  -3.907  1.00 37.82 ? 240 HOH A O   1 
HETATM 1189 O  O   . HOH D 4 .   ? -8.937  -9.899  -2.226  1.00 26.39 ? 241 HOH A O   1 
HETATM 1190 O  O   . HOH D 4 .   ? -8.108  -12.054 -3.141  1.00 41.13 ? 242 HOH A O   1 
HETATM 1191 O  O   . HOH D 4 .   ? -7.447  -12.498 -5.715  1.00 21.02 ? 243 HOH A O   1 
HETATM 1192 O  O   . HOH D 4 .   ? 12.165  -5.971  -17.869 1.00 39.03 ? 244 HOH A O   1 
HETATM 1193 O  O   . HOH D 4 .   ? 13.771  -6.647  -14.568 1.00 26.03 ? 245 HOH A O   1 
HETATM 1194 O  O   . HOH D 4 .   ? 13.714  -0.086  -14.259 1.00 33.49 ? 246 HOH A O   1 
HETATM 1195 O  O   . HOH D 4 .   ? -11.586 -2.374  6.151   1.00 33.85 ? 247 HOH A O   1 
HETATM 1196 O  O   . HOH D 4 .   ? -10.910 -2.272  8.864   1.00 44.21 ? 248 HOH A O   1 
HETATM 1197 O  O   . HOH D 4 .   ? -5.990  9.588   -9.210  1.00 35.21 ? 249 HOH A O   1 
HETATM 1198 O  O   . HOH D 4 .   ? 15.140  -4.610  3.902   1.00 25.19 ? 250 HOH A O   1 
HETATM 1199 O  O   . HOH D 4 .   ? -4.157  -13.442 3.870   1.00 35.51 ? 251 HOH A O   1 
HETATM 1200 O  O   . HOH D 4 .   ? -6.292  -11.993 4.980   1.00 33.88 ? 252 HOH A O   1 
HETATM 1201 O  O   . HOH D 4 .   ? -13.499 14.027  -2.261  1.00 29.80 ? 253 HOH A O   1 
HETATM 1202 O  O   . HOH D 4 .   ? -3.584  12.542  -0.474  1.00 20.75 ? 254 HOH A O   1 
HETATM 1203 O  O   . HOH D 4 .   ? 10.255  5.903   -10.333 1.00 39.70 ? 255 HOH A O   1 
HETATM 1204 O  O   . HOH D 4 .   ? -7.037  -8.469  7.523   1.00 33.99 ? 256 HOH A O   1 
HETATM 1205 O  O   . HOH D 4 .   ? -7.363  -7.259  -10.503 1.00 7.69  ? 257 HOH A O   1 
HETATM 1206 O  O   . HOH D 4 .   ? 15.756  -5.044  0.188   1.00 29.56 ? 258 HOH A O   1 
HETATM 1207 O  O   . HOH D 4 .   ? 16.016  -4.687  -2.136  1.00 42.41 ? 259 HOH A O   1 
HETATM 1208 O  O   . HOH D 4 .   ? -10.905 0.683   -9.402  1.00 32.62 ? 260 HOH A O   1 
HETATM 1209 O  O   . HOH D 4 .   ? -12.069 2.695   -9.892  1.00 26.02 ? 261 HOH A O   1 
HETATM 1210 O  O   . HOH D 4 .   ? -14.072 -1.275  -10.003 1.00 38.02 ? 262 HOH A O   1 
HETATM 1211 O  O   . HOH D 4 .   ? 9.325   11.764  -8.348  1.00 31.63 ? 263 HOH A O   1 
HETATM 1212 O  O   . HOH D 4 .   ? -3.167  -12.450 -1.420  1.00 34.84 ? 264 HOH A O   1 
HETATM 1213 O  O   . HOH D 4 .   ? 11.600  1.315   14.306  1.00 33.21 ? 265 HOH A O   1 
HETATM 1214 O  O   . HOH D 4 .   ? -12.541 -9.347  8.039   1.00 35.19 ? 266 HOH A O   1 
HETATM 1215 O  O   . HOH D 4 .   ? 12.362  3.508   -19.941 1.00 36.60 ? 267 HOH A O   1 
# 
loop_
_pdbx_poly_seq_scheme.asym_id 
_pdbx_poly_seq_scheme.entity_id 
_pdbx_poly_seq_scheme.seq_id 
_pdbx_poly_seq_scheme.mon_id 
_pdbx_poly_seq_scheme.ndb_seq_num 
_pdbx_poly_seq_scheme.pdb_seq_num 
_pdbx_poly_seq_scheme.auth_seq_num 
_pdbx_poly_seq_scheme.pdb_mon_id 
_pdbx_poly_seq_scheme.auth_mon_id 
_pdbx_poly_seq_scheme.pdb_strand_id 
_pdbx_poly_seq_scheme.pdb_ins_code 
_pdbx_poly_seq_scheme.hetero 
A 1 1   GLY 1   19  ?   ?   ?   A . n 
A 1 2   SER 2   20  ?   ?   ?   A . n 
A 1 3   ALA 3   21  ?   ?   ?   A . n 
A 1 4   ARG 4   22  22  ARG ARG A . n 
A 1 5   SER 5   23  23  SER SER A . n 
A 1 6   SER 6   24  24  SER SER A . n 
A 1 7   SER 7   25  25  SER SER A . n 
A 1 8   TYR 8   26  26  TYR TYR A . n 
A 1 9   SER 9   27  27  SER SER A . n 
A 1 10  GLY 10  28  28  GLY GLY A . n 
A 1 11  GLU 11  29  29  GLU GLU A . n 
A 1 12  TYR 12  30  30  TYR TYR A . n 
A 1 13  GLY 13  31  31  GLY GLY A . n 
A 1 14  SER 14  32  32  SER SER A . n 
A 1 15  GLY 15  33  33  GLY GLY A . n 
A 1 16  GLY 16  34  34  GLY GLY A . n 
A 1 17  GLY 17  35  35  GLY GLY A . n 
A 1 18  LYS 18  36  36  LYS LYS A . n 
A 1 19  ARG 19  37  37  ARG ARG A . n 
A 1 20  PHE 20  38  38  PHE PHE A . n 
A 1 21  SER 21  39  39  SER SER A . n 
A 1 22  HIS 22  40  40  HIS HIS A . n 
A 1 23  SER 23  41  41  SER SER A . n 
A 1 24  GLY 24  42  42  GLY GLY A . n 
A 1 25  ASN 25  43  43  ASN ASN A . n 
A 1 26  GLN 26  44  44  GLN GLN A . n 
A 1 27  LEU 27  45  45  LEU LEU A . n 
A 1 28  ASP 28  46  46  ASP ASP A . n 
A 1 29  GLY 29  47  47  GLY GLY A . n 
A 1 30  PRO 30  48  48  PRO PRO A . n 
A 1 31  ILE 31  49  49  ILE ILE A . n 
A 1 32  THR 32  50  50  THR THR A . n 
A 1 33  ALA 33  51  51  ALA ALA A . n 
A 1 34  LEU 34  52  52  LEU LEU A . n 
A 1 35  ARG 35  53  53  ARG ARG A . n 
A 1 36  VAL 36  54  54  VAL VAL A . n 
A 1 37  ARG 37  55  55  ARG ARG A . n 
A 1 38  VAL 38  56  56  VAL VAL A . n 
A 1 39  ASN 39  57  57  ASN ASN A . n 
A 1 40  THR 40  58  58  THR THR A . n 
A 1 41  TYR 41  59  59  TYR TYR A . n 
A 1 42  TYR 42  60  60  TYR TYR A . n 
A 1 43  ILE 43  61  61  ILE ILE A . n 
A 1 44  VAL 44  62  62  VAL VAL A . n 
A 1 45  GLY 45  63  63  GLY GLY A . n 
A 1 46  LEU 46  64  64  LEU LEU A . n 
A 1 47  GLN 47  65  65  GLN GLN A . n 
A 1 48  VAL 48  66  66  VAL VAL A . n 
A 1 49  ARG 49  67  67  ARG ARG A . n 
A 1 50  TYR 50  68  68  TYR TYR A . n 
A 1 51  GLY 51  69  69  GLY GLY A . n 
A 1 52  LYS 52  70  70  LYS LYS A . n 
A 1 53  VAL 53  71  71  VAL VAL A . n 
A 1 54  TRP 54  72  72  TRP TRP A . n 
A 1 55  SER 55  73  73  SER SER A . n 
A 1 56  ASP 56  74  74  ASP ASP A . n 
A 1 57  TYR 57  75  75  TYR TYR A . n 
A 1 58  VAL 58  76  76  VAL VAL A . n 
A 1 59  GLY 59  77  77  GLY GLY A . n 
A 1 60  GLY 60  78  78  GLY GLY A . n 
A 1 61  ARG 61  79  79  ARG ARG A . n 
A 1 62  ASN 62  80  80  ASN ASN A . n 
A 1 63  GLY 63  81  81  GLY GLY A . n 
A 1 64  ASP 64  82  82  ASP ASP A . n 
A 1 65  LEU 65  83  83  LEU LEU A . n 
A 1 66  GLU 66  84  84  GLU GLU A . n 
A 1 67  GLU 67  85  85  GLU GLU A . n 
A 1 68  ILE 68  86  86  ILE ILE A . n 
A 1 69  PHE 69  87  87  PHE PHE A . n 
A 1 70  LEU 70  88  88  LEU LEU A . n 
A 1 71  HIS 71  89  89  HIS HIS A . n 
A 1 72  PRO 72  90  90  PRO PRO A . n 
A 1 73  GLY 73  91  91  GLY GLY A . n 
A 1 74  GLU 74  92  92  GLU GLU A . n 
A 1 75  SER 75  93  93  SER SER A . n 
A 1 76  VAL 76  94  94  VAL VAL A . n 
A 1 77  ILE 77  95  95  ILE ILE A . n 
A 1 78  GLN 78  96  96  GLN GLN A . n 
A 1 79  VAL 79  97  97  VAL VAL A . n 
A 1 80  SER 80  98  98  SER SER A . n 
A 1 81  GLY 81  99  99  GLY GLY A . n 
A 1 82  LYS 82  100 100 LYS LYS A . n 
A 1 83  TYR 83  101 101 TYR TYR A . n 
A 1 84  LYS 84  102 102 LYS LYS A . n 
A 1 85  TRP 85  103 103 TRP TRP A . n 
A 1 86  TYR 86  104 104 TYR TYR A . n 
A 1 87  LEU 87  105 105 LEU LEU A . n 
A 1 88  LYS 88  106 106 LYS LYS A . n 
A 1 89  LYS 89  107 107 LYS LYS A . n 
A 1 90  LEU 90  108 108 LEU LEU A . n 
A 1 91  VAL 91  109 109 VAL VAL A . n 
A 1 92  PHE 92  110 110 PHE PHE A . n 
A 1 93  VAL 93  111 111 VAL VAL A . n 
A 1 94  THR 94  112 112 THR THR A . n 
A 1 95  ASP 95  113 113 ASP ASP A . n 
A 1 96  LYS 96  114 114 LYS LYS A . n 
A 1 97  GLY 97  115 115 GLY GLY A . n 
A 1 98  ARG 98  116 116 ARG ARG A . n 
A 1 99  TYR 99  117 117 TYR TYR A . n 
A 1 100 LEU 100 118 118 LEU LEU A . n 
A 1 101 SER 101 119 119 SER SER A . n 
A 1 102 PHE 102 120 120 PHE PHE A . n 
A 1 103 GLY 103 121 121 GLY GLY A . n 
A 1 104 LYS 104 122 122 LYS LYS A . n 
A 1 105 ASP 105 123 123 ASP ASP A . n 
A 1 106 SER 106 124 124 SER SER A . n 
A 1 107 GLY 107 125 125 GLY GLY A . n 
A 1 108 THR 108 126 126 THR THR A . n 
A 1 109 SER 109 127 127 SER SER A . n 
A 1 110 PHE 110 128 128 PHE PHE A . n 
A 1 111 ASN 111 129 129 ASN ASN A . n 
A 1 112 ALA 112 130 130 ALA ALA A . n 
A 1 113 VAL 113 131 131 VAL VAL A . n 
A 1 114 PRO 114 132 132 PRO PRO A . n 
A 1 115 LEU 115 133 133 LEU LEU A . n 
A 1 116 HIS 116 134 134 HIS HIS A . n 
A 1 117 PRO 117 135 135 PRO PRO A . n 
A 1 118 ASN 118 136 136 ASN ASN A . n 
A 1 119 THR 119 137 137 THR THR A . n 
A 1 120 VAL 120 138 138 VAL VAL A . n 
A 1 121 LEU 121 139 139 LEU LEU A . n 
A 1 122 ARG 122 140 140 ARG ARG A . n 
A 1 123 PHE 123 141 141 PHE PHE A . n 
A 1 124 ILE 124 142 142 ILE ILE A . n 
A 1 125 SER 125 143 143 SER SER A . n 
A 1 126 GLY 126 144 144 GLY GLY A . n 
A 1 127 ARG 127 145 145 ARG ARG A . n 
A 1 128 SER 128 146 146 SER SER A . n 
A 1 129 GLY 129 147 147 GLY GLY A . n 
A 1 130 SER 130 148 148 SER SER A . n 
A 1 131 LEU 131 149 149 LEU LEU A . n 
A 1 132 ILE 132 150 150 ILE ILE A . n 
A 1 133 ASP 133 151 151 ASP ASP A . n 
A 1 134 ALA 134 152 152 ALA ALA A . n 
A 1 135 ILE 135 153 153 ILE ILE A . n 
A 1 136 GLY 136 154 154 GLY GLY A . n 
A 1 137 LEU 137 155 155 LEU LEU A . n 
A 1 138 HIS 138 156 156 HIS HIS A . n 
A 1 139 TRP 139 157 157 TRP TRP A . n 
A 1 140 ASP 140 158 158 ASP ASP A . n 
A 1 141 VAL 141 159 159 VAL VAL A . n 
# 
loop_
_pdbx_nonpoly_scheme.asym_id 
_pdbx_nonpoly_scheme.entity_id 
_pdbx_nonpoly_scheme.mon_id 
_pdbx_nonpoly_scheme.ndb_seq_num 
_pdbx_nonpoly_scheme.pdb_seq_num 
_pdbx_nonpoly_scheme.auth_seq_num 
_pdbx_nonpoly_scheme.pdb_mon_id 
_pdbx_nonpoly_scheme.auth_mon_id 
_pdbx_nonpoly_scheme.pdb_strand_id 
_pdbx_nonpoly_scheme.pdb_ins_code 
B 2 GOL 1   1   1   GOL GOL A . 
C 3 CL  1   160 1   CL  CL  A . 
D 4 HOH 1   2   2   HOH HOH A . 
D 4 HOH 2   3   3   HOH HOH A . 
D 4 HOH 3   4   4   HOH HOH A . 
D 4 HOH 4   5   5   HOH HOH A . 
D 4 HOH 5   6   6   HOH HOH A . 
D 4 HOH 6   7   7   HOH HOH A . 
D 4 HOH 7   8   8   HOH HOH A . 
D 4 HOH 8   9   9   HOH HOH A . 
D 4 HOH 9   10  10  HOH HOH A . 
D 4 HOH 10  11  11  HOH HOH A . 
D 4 HOH 11  12  12  HOH HOH A . 
D 4 HOH 12  13  13  HOH HOH A . 
D 4 HOH 13  14  14  HOH HOH A . 
D 4 HOH 14  15  15  HOH HOH A . 
D 4 HOH 15  16  16  HOH HOH A . 
D 4 HOH 16  17  17  HOH HOH A . 
D 4 HOH 17  18  18  HOH HOH A . 
D 4 HOH 18  161 1   HOH HOH A . 
D 4 HOH 19  162 19  HOH HOH A . 
D 4 HOH 20  163 20  HOH HOH A . 
D 4 HOH 21  164 21  HOH HOH A . 
D 4 HOH 22  165 22  HOH HOH A . 
D 4 HOH 23  166 23  HOH HOH A . 
D 4 HOH 24  167 24  HOH HOH A . 
D 4 HOH 25  168 25  HOH HOH A . 
D 4 HOH 26  169 26  HOH HOH A . 
D 4 HOH 27  170 27  HOH HOH A . 
D 4 HOH 28  171 28  HOH HOH A . 
D 4 HOH 29  172 29  HOH HOH A . 
D 4 HOH 30  173 30  HOH HOH A . 
D 4 HOH 31  174 31  HOH HOH A . 
D 4 HOH 32  175 32  HOH HOH A . 
D 4 HOH 33  176 33  HOH HOH A . 
D 4 HOH 34  177 34  HOH HOH A . 
D 4 HOH 35  178 35  HOH HOH A . 
D 4 HOH 36  179 36  HOH HOH A . 
D 4 HOH 37  180 37  HOH HOH A . 
D 4 HOH 38  181 38  HOH HOH A . 
D 4 HOH 39  182 39  HOH HOH A . 
D 4 HOH 40  183 40  HOH HOH A . 
D 4 HOH 41  184 41  HOH HOH A . 
D 4 HOH 42  185 42  HOH HOH A . 
D 4 HOH 43  186 43  HOH HOH A . 
D 4 HOH 44  187 44  HOH HOH A . 
D 4 HOH 45  188 45  HOH HOH A . 
D 4 HOH 46  189 46  HOH HOH A . 
D 4 HOH 47  190 47  HOH HOH A . 
D 4 HOH 48  191 48  HOH HOH A . 
D 4 HOH 49  192 49  HOH HOH A . 
D 4 HOH 50  193 50  HOH HOH A . 
D 4 HOH 51  194 51  HOH HOH A . 
D 4 HOH 52  195 52  HOH HOH A . 
D 4 HOH 53  196 53  HOH HOH A . 
D 4 HOH 54  197 54  HOH HOH A . 
D 4 HOH 55  198 55  HOH HOH A . 
D 4 HOH 56  199 56  HOH HOH A . 
D 4 HOH 57  200 57  HOH HOH A . 
D 4 HOH 58  201 58  HOH HOH A . 
D 4 HOH 59  202 59  HOH HOH A . 
D 4 HOH 60  203 60  HOH HOH A . 
D 4 HOH 61  204 61  HOH HOH A . 
D 4 HOH 62  205 62  HOH HOH A . 
D 4 HOH 63  206 63  HOH HOH A . 
D 4 HOH 64  207 64  HOH HOH A . 
D 4 HOH 65  208 65  HOH HOH A . 
D 4 HOH 66  209 66  HOH HOH A . 
D 4 HOH 67  210 67  HOH HOH A . 
D 4 HOH 68  211 68  HOH HOH A . 
D 4 HOH 69  212 69  HOH HOH A . 
D 4 HOH 70  213 70  HOH HOH A . 
D 4 HOH 71  214 71  HOH HOH A . 
D 4 HOH 72  215 72  HOH HOH A . 
D 4 HOH 73  216 73  HOH HOH A . 
D 4 HOH 74  217 74  HOH HOH A . 
D 4 HOH 75  218 75  HOH HOH A . 
D 4 HOH 76  219 76  HOH HOH A . 
D 4 HOH 77  220 77  HOH HOH A . 
D 4 HOH 78  221 78  HOH HOH A . 
D 4 HOH 79  222 79  HOH HOH A . 
D 4 HOH 80  223 80  HOH HOH A . 
D 4 HOH 81  224 81  HOH HOH A . 
D 4 HOH 82  225 82  HOH HOH A . 
D 4 HOH 83  226 83  HOH HOH A . 
D 4 HOH 84  227 84  HOH HOH A . 
D 4 HOH 85  228 85  HOH HOH A . 
D 4 HOH 86  229 86  HOH HOH A . 
D 4 HOH 87  230 87  HOH HOH A . 
D 4 HOH 88  231 88  HOH HOH A . 
D 4 HOH 89  232 89  HOH HOH A . 
D 4 HOH 90  233 90  HOH HOH A . 
D 4 HOH 91  234 91  HOH HOH A . 
D 4 HOH 92  235 92  HOH HOH A . 
D 4 HOH 93  236 93  HOH HOH A . 
D 4 HOH 94  237 94  HOH HOH A . 
D 4 HOH 95  238 95  HOH HOH A . 
D 4 HOH 96  239 96  HOH HOH A . 
D 4 HOH 97  240 97  HOH HOH A . 
D 4 HOH 98  241 98  HOH HOH A . 
D 4 HOH 99  242 99  HOH HOH A . 
D 4 HOH 100 243 100 HOH HOH A . 
D 4 HOH 101 244 101 HOH HOH A . 
D 4 HOH 102 245 102 HOH HOH A . 
D 4 HOH 103 246 103 HOH HOH A . 
D 4 HOH 104 247 104 HOH HOH A . 
D 4 HOH 105 248 105 HOH HOH A . 
D 4 HOH 106 249 106 HOH HOH A . 
D 4 HOH 107 250 107 HOH HOH A . 
D 4 HOH 108 251 108 HOH HOH A . 
D 4 HOH 109 252 109 HOH HOH A . 
D 4 HOH 110 253 110 HOH HOH A . 
D 4 HOH 111 254 111 HOH HOH A . 
D 4 HOH 112 255 112 HOH HOH A . 
D 4 HOH 113 256 113 HOH HOH A . 
D 4 HOH 114 257 114 HOH HOH A . 
D 4 HOH 115 258 115 HOH HOH A . 
D 4 HOH 116 259 116 HOH HOH A . 
D 4 HOH 117 260 117 HOH HOH A . 
D 4 HOH 118 261 118 HOH HOH A . 
D 4 HOH 119 262 119 HOH HOH A . 
D 4 HOH 120 263 120 HOH HOH A . 
D 4 HOH 121 264 121 HOH HOH A . 
D 4 HOH 122 265 122 HOH HOH A . 
D 4 HOH 123 266 123 HOH HOH A . 
D 4 HOH 124 267 124 HOH HOH A . 
# 
_pdbx_struct_assembly.id                   1 
_pdbx_struct_assembly.details              author_and_software_defined_assembly 
_pdbx_struct_assembly.method_details       PISA 
_pdbx_struct_assembly.oligomeric_details   monomeric 
_pdbx_struct_assembly.oligomeric_count     1 
# 
_pdbx_struct_assembly_gen.assembly_id       1 
_pdbx_struct_assembly_gen.oper_expression   1 
_pdbx_struct_assembly_gen.asym_id_list      A,B,C,D 
# 
_pdbx_struct_oper_list.id                   1 
_pdbx_struct_oper_list.type                 'identity operation' 
_pdbx_struct_oper_list.name                 1_555 
_pdbx_struct_oper_list.symmetry_operation   x,y,z 
_pdbx_struct_oper_list.matrix[1][1]         1.0000000000 
_pdbx_struct_oper_list.matrix[1][2]         0.0000000000 
_pdbx_struct_oper_list.matrix[1][3]         0.0000000000 
_pdbx_struct_oper_list.vector[1]            0.0000000000 
_pdbx_struct_oper_list.matrix[2][1]         0.0000000000 
_pdbx_struct_oper_list.matrix[2][2]         1.0000000000 
_pdbx_struct_oper_list.matrix[2][3]         0.0000000000 
_pdbx_struct_oper_list.vector[2]            0.0000000000 
_pdbx_struct_oper_list.matrix[3][1]         0.0000000000 
_pdbx_struct_oper_list.matrix[3][2]         0.0000000000 
_pdbx_struct_oper_list.matrix[3][3]         1.0000000000 
_pdbx_struct_oper_list.vector[3]            0.0000000000 
# 
loop_
_pdbx_audit_revision_history.ordinal 
_pdbx_audit_revision_history.data_content_type 
_pdbx_audit_revision_history.major_revision 
_pdbx_audit_revision_history.minor_revision 
_pdbx_audit_revision_history.revision_date 
1 'Structure model' 1 0 2010-12-08 
2 'Structure model' 1 1 2011-07-13 
3 'Structure model' 1 2 2023-11-01 
# 
_pdbx_audit_revision_details.ordinal             1 
_pdbx_audit_revision_details.revision_ordinal    1 
_pdbx_audit_revision_details.data_content_type   'Structure model' 
_pdbx_audit_revision_details.provider            repository 
_pdbx_audit_revision_details.type                'Initial release' 
_pdbx_audit_revision_details.description         ? 
_pdbx_audit_revision_details.details             ? 
# 
loop_
_pdbx_audit_revision_group.ordinal 
_pdbx_audit_revision_group.revision_ordinal 
_pdbx_audit_revision_group.data_content_type 
_pdbx_audit_revision_group.group 
1 2 'Structure model' 'Version format compliance' 
2 3 'Structure model' 'Data collection'           
3 3 'Structure model' 'Database references'       
4 3 'Structure model' 'Derived calculations'      
5 3 'Structure model' 'Refinement description'    
# 
loop_
_pdbx_audit_revision_category.ordinal 
_pdbx_audit_revision_category.revision_ordinal 
_pdbx_audit_revision_category.data_content_type 
_pdbx_audit_revision_category.category 
1 3 'Structure model' chem_comp_atom                
2 3 'Structure model' chem_comp_bond                
3 3 'Structure model' database_2                    
4 3 'Structure model' pdbx_initial_refinement_model 
5 3 'Structure model' struct_ref_seq_dif            
6 3 'Structure model' struct_site                   
# 
loop_
_pdbx_audit_revision_item.ordinal 
_pdbx_audit_revision_item.revision_ordinal 
_pdbx_audit_revision_item.data_content_type 
_pdbx_audit_revision_item.item 
1 3 'Structure model' '_database_2.pdbx_DOI'                
2 3 'Structure model' '_database_2.pdbx_database_accession' 
3 3 'Structure model' '_struct_ref_seq_dif.details'         
4 3 'Structure model' '_struct_site.pdbx_auth_asym_id'      
5 3 'Structure model' '_struct_site.pdbx_auth_comp_id'      
6 3 'Structure model' '_struct_site.pdbx_auth_seq_id'       
# 
loop_
_software.name 
_software.classification 
_software.version 
_software.citation_id 
_software.pdbx_ordinal 
HKL-2000  'data collection' .        ? 1 
MOLREP    phasing           .        ? 2 
REFMAC    refinement        5.5.0102 ? 3 
DENZO     'data reduction'  .        ? 4 
SCALEPACK 'data scaling'    .        ? 5 
# 
loop_
_pdbx_validate_torsion.id 
_pdbx_validate_torsion.PDB_model_num 
_pdbx_validate_torsion.auth_comp_id 
_pdbx_validate_torsion.auth_asym_id 
_pdbx_validate_torsion.auth_seq_id 
_pdbx_validate_torsion.PDB_ins_code 
_pdbx_validate_torsion.label_alt_id 
_pdbx_validate_torsion.phi 
_pdbx_validate_torsion.psi 
1 1 ASN A 57  ? ? -119.55 -156.72 
2 1 LYS A 102 ? ? -128.08 -111.89 
# 
loop_
_pdbx_unobs_or_zero_occ_residues.id 
_pdbx_unobs_or_zero_occ_residues.PDB_model_num 
_pdbx_unobs_or_zero_occ_residues.polymer_flag 
_pdbx_unobs_or_zero_occ_residues.occupancy_flag 
_pdbx_unobs_or_zero_occ_residues.auth_asym_id 
_pdbx_unobs_or_zero_occ_residues.auth_comp_id 
_pdbx_unobs_or_zero_occ_residues.auth_seq_id 
_pdbx_unobs_or_zero_occ_residues.PDB_ins_code 
_pdbx_unobs_or_zero_occ_residues.label_asym_id 
_pdbx_unobs_or_zero_occ_residues.label_comp_id 
_pdbx_unobs_or_zero_occ_residues.label_seq_id 
1 1 Y 1 A GLY 19 ? A GLY 1 
2 1 Y 1 A SER 20 ? A SER 2 
3 1 Y 1 A ALA 21 ? A ALA 3 
# 
loop_
_chem_comp_atom.comp_id 
_chem_comp_atom.atom_id 
_chem_comp_atom.type_symbol 
_chem_comp_atom.pdbx_aromatic_flag 
_chem_comp_atom.pdbx_stereo_config 
_chem_comp_atom.pdbx_ordinal 
ALA N    N  N N 1   
ALA CA   C  N S 2   
ALA C    C  N N 3   
ALA O    O  N N 4   
ALA CB   C  N N 5   
ALA OXT  O  N N 6   
ALA H    H  N N 7   
ALA H2   H  N N 8   
ALA HA   H  N N 9   
ALA HB1  H  N N 10  
ALA HB2  H  N N 11  
ALA HB3  H  N N 12  
ALA HXT  H  N N 13  
ARG N    N  N N 14  
ARG CA   C  N S 15  
ARG C    C  N N 16  
ARG O    O  N N 17  
ARG CB   C  N N 18  
ARG CG   C  N N 19  
ARG CD   C  N N 20  
ARG NE   N  N N 21  
ARG CZ   C  N N 22  
ARG NH1  N  N N 23  
ARG NH2  N  N N 24  
ARG OXT  O  N N 25  
ARG H    H  N N 26  
ARG H2   H  N N 27  
ARG HA   H  N N 28  
ARG HB2  H  N N 29  
ARG HB3  H  N N 30  
ARG HG2  H  N N 31  
ARG HG3  H  N N 32  
ARG HD2  H  N N 33  
ARG HD3  H  N N 34  
ARG HE   H  N N 35  
ARG HH11 H  N N 36  
ARG HH12 H  N N 37  
ARG HH21 H  N N 38  
ARG HH22 H  N N 39  
ARG HXT  H  N N 40  
ASN N    N  N N 41  
ASN CA   C  N S 42  
ASN C    C  N N 43  
ASN O    O  N N 44  
ASN CB   C  N N 45  
ASN CG   C  N N 46  
ASN OD1  O  N N 47  
ASN ND2  N  N N 48  
ASN OXT  O  N N 49  
ASN H    H  N N 50  
ASN H2   H  N N 51  
ASN HA   H  N N 52  
ASN HB2  H  N N 53  
ASN HB3  H  N N 54  
ASN HD21 H  N N 55  
ASN HD22 H  N N 56  
ASN HXT  H  N N 57  
ASP N    N  N N 58  
ASP CA   C  N S 59  
ASP C    C  N N 60  
ASP O    O  N N 61  
ASP CB   C  N N 62  
ASP CG   C  N N 63  
ASP OD1  O  N N 64  
ASP OD2  O  N N 65  
ASP OXT  O  N N 66  
ASP H    H  N N 67  
ASP H2   H  N N 68  
ASP HA   H  N N 69  
ASP HB2  H  N N 70  
ASP HB3  H  N N 71  
ASP HD2  H  N N 72  
ASP HXT  H  N N 73  
CL  CL   CL N N 74  
GLN N    N  N N 75  
GLN CA   C  N S 76  
GLN C    C  N N 77  
GLN O    O  N N 78  
GLN CB   C  N N 79  
GLN CG   C  N N 80  
GLN CD   C  N N 81  
GLN OE1  O  N N 82  
GLN NE2  N  N N 83  
GLN OXT  O  N N 84  
GLN H    H  N N 85  
GLN H2   H  N N 86  
GLN HA   H  N N 87  
GLN HB2  H  N N 88  
GLN HB3  H  N N 89  
GLN HG2  H  N N 90  
GLN HG3  H  N N 91  
GLN HE21 H  N N 92  
GLN HE22 H  N N 93  
GLN HXT  H  N N 94  
GLU N    N  N N 95  
GLU CA   C  N S 96  
GLU C    C  N N 97  
GLU O    O  N N 98  
GLU CB   C  N N 99  
GLU CG   C  N N 100 
GLU CD   C  N N 101 
GLU OE1  O  N N 102 
GLU OE2  O  N N 103 
GLU OXT  O  N N 104 
GLU H    H  N N 105 
GLU H2   H  N N 106 
GLU HA   H  N N 107 
GLU HB2  H  N N 108 
GLU HB3  H  N N 109 
GLU HG2  H  N N 110 
GLU HG3  H  N N 111 
GLU HE2  H  N N 112 
GLU HXT  H  N N 113 
GLY N    N  N N 114 
GLY CA   C  N N 115 
GLY C    C  N N 116 
GLY O    O  N N 117 
GLY OXT  O  N N 118 
GLY H    H  N N 119 
GLY H2   H  N N 120 
GLY HA2  H  N N 121 
GLY HA3  H  N N 122 
GLY HXT  H  N N 123 
GOL C1   C  N N 124 
GOL O1   O  N N 125 
GOL C2   C  N N 126 
GOL O2   O  N N 127 
GOL C3   C  N N 128 
GOL O3   O  N N 129 
GOL H11  H  N N 130 
GOL H12  H  N N 131 
GOL HO1  H  N N 132 
GOL H2   H  N N 133 
GOL HO2  H  N N 134 
GOL H31  H  N N 135 
GOL H32  H  N N 136 
GOL HO3  H  N N 137 
HIS N    N  N N 138 
HIS CA   C  N S 139 
HIS C    C  N N 140 
HIS O    O  N N 141 
HIS CB   C  N N 142 
HIS CG   C  Y N 143 
HIS ND1  N  Y N 144 
HIS CD2  C  Y N 145 
HIS CE1  C  Y N 146 
HIS NE2  N  Y N 147 
HIS OXT  O  N N 148 
HIS H    H  N N 149 
HIS H2   H  N N 150 
HIS HA   H  N N 151 
HIS HB2  H  N N 152 
HIS HB3  H  N N 153 
HIS HD1  H  N N 154 
HIS HD2  H  N N 155 
HIS HE1  H  N N 156 
HIS HE2  H  N N 157 
HIS HXT  H  N N 158 
HOH O    O  N N 159 
HOH H1   H  N N 160 
HOH H2   H  N N 161 
ILE N    N  N N 162 
ILE CA   C  N S 163 
ILE C    C  N N 164 
ILE O    O  N N 165 
ILE CB   C  N S 166 
ILE CG1  C  N N 167 
ILE CG2  C  N N 168 
ILE CD1  C  N N 169 
ILE OXT  O  N N 170 
ILE H    H  N N 171 
ILE H2   H  N N 172 
ILE HA   H  N N 173 
ILE HB   H  N N 174 
ILE HG12 H  N N 175 
ILE HG13 H  N N 176 
ILE HG21 H  N N 177 
ILE HG22 H  N N 178 
ILE HG23 H  N N 179 
ILE HD11 H  N N 180 
ILE HD12 H  N N 181 
ILE HD13 H  N N 182 
ILE HXT  H  N N 183 
LEU N    N  N N 184 
LEU CA   C  N S 185 
LEU C    C  N N 186 
LEU O    O  N N 187 
LEU CB   C  N N 188 
LEU CG   C  N N 189 
LEU CD1  C  N N 190 
LEU CD2  C  N N 191 
LEU OXT  O  N N 192 
LEU H    H  N N 193 
LEU H2   H  N N 194 
LEU HA   H  N N 195 
LEU HB2  H  N N 196 
LEU HB3  H  N N 197 
LEU HG   H  N N 198 
LEU HD11 H  N N 199 
LEU HD12 H  N N 200 
LEU HD13 H  N N 201 
LEU HD21 H  N N 202 
LEU HD22 H  N N 203 
LEU HD23 H  N N 204 
LEU HXT  H  N N 205 
LYS N    N  N N 206 
LYS CA   C  N S 207 
LYS C    C  N N 208 
LYS O    O  N N 209 
LYS CB   C  N N 210 
LYS CG   C  N N 211 
LYS CD   C  N N 212 
LYS CE   C  N N 213 
LYS NZ   N  N N 214 
LYS OXT  O  N N 215 
LYS H    H  N N 216 
LYS H2   H  N N 217 
LYS HA   H  N N 218 
LYS HB2  H  N N 219 
LYS HB3  H  N N 220 
LYS HG2  H  N N 221 
LYS HG3  H  N N 222 
LYS HD2  H  N N 223 
LYS HD3  H  N N 224 
LYS HE2  H  N N 225 
LYS HE3  H  N N 226 
LYS HZ1  H  N N 227 
LYS HZ2  H  N N 228 
LYS HZ3  H  N N 229 
LYS HXT  H  N N 230 
PHE N    N  N N 231 
PHE CA   C  N S 232 
PHE C    C  N N 233 
PHE O    O  N N 234 
PHE CB   C  N N 235 
PHE CG   C  Y N 236 
PHE CD1  C  Y N 237 
PHE CD2  C  Y N 238 
PHE CE1  C  Y N 239 
PHE CE2  C  Y N 240 
PHE CZ   C  Y N 241 
PHE OXT  O  N N 242 
PHE H    H  N N 243 
PHE H2   H  N N 244 
PHE HA   H  N N 245 
PHE HB2  H  N N 246 
PHE HB3  H  N N 247 
PHE HD1  H  N N 248 
PHE HD2  H  N N 249 
PHE HE1  H  N N 250 
PHE HE2  H  N N 251 
PHE HZ   H  N N 252 
PHE HXT  H  N N 253 
PRO N    N  N N 254 
PRO CA   C  N S 255 
PRO C    C  N N 256 
PRO O    O  N N 257 
PRO CB   C  N N 258 
PRO CG   C  N N 259 
PRO CD   C  N N 260 
PRO OXT  O  N N 261 
PRO H    H  N N 262 
PRO HA   H  N N 263 
PRO HB2  H  N N 264 
PRO HB3  H  N N 265 
PRO HG2  H  N N 266 
PRO HG3  H  N N 267 
PRO HD2  H  N N 268 
PRO HD3  H  N N 269 
PRO HXT  H  N N 270 
SER N    N  N N 271 
SER CA   C  N S 272 
SER C    C  N N 273 
SER O    O  N N 274 
SER CB   C  N N 275 
SER OG   O  N N 276 
SER OXT  O  N N 277 
SER H    H  N N 278 
SER H2   H  N N 279 
SER HA   H  N N 280 
SER HB2  H  N N 281 
SER HB3  H  N N 282 
SER HG   H  N N 283 
SER HXT  H  N N 284 
THR N    N  N N 285 
THR CA   C  N S 286 
THR C    C  N N 287 
THR O    O  N N 288 
THR CB   C  N R 289 
THR OG1  O  N N 290 
THR CG2  C  N N 291 
THR OXT  O  N N 292 
THR H    H  N N 293 
THR H2   H  N N 294 
THR HA   H  N N 295 
THR HB   H  N N 296 
THR HG1  H  N N 297 
THR HG21 H  N N 298 
THR HG22 H  N N 299 
THR HG23 H  N N 300 
THR HXT  H  N N 301 
TRP N    N  N N 302 
TRP CA   C  N S 303 
TRP C    C  N N 304 
TRP O    O  N N 305 
TRP CB   C  N N 306 
TRP CG   C  Y N 307 
TRP CD1  C  Y N 308 
TRP CD2  C  Y N 309 
TRP NE1  N  Y N 310 
TRP CE2  C  Y N 311 
TRP CE3  C  Y N 312 
TRP CZ2  C  Y N 313 
TRP CZ3  C  Y N 314 
TRP CH2  C  Y N 315 
TRP OXT  O  N N 316 
TRP H    H  N N 317 
TRP H2   H  N N 318 
TRP HA   H  N N 319 
TRP HB2  H  N N 320 
TRP HB3  H  N N 321 
TRP HD1  H  N N 322 
TRP HE1  H  N N 323 
TRP HE3  H  N N 324 
TRP HZ2  H  N N 325 
TRP HZ3  H  N N 326 
TRP HH2  H  N N 327 
TRP HXT  H  N N 328 
TYR N    N  N N 329 
TYR CA   C  N S 330 
TYR C    C  N N 331 
TYR O    O  N N 332 
TYR CB   C  N N 333 
TYR CG   C  Y N 334 
TYR CD1  C  Y N 335 
TYR CD2  C  Y N 336 
TYR CE1  C  Y N 337 
TYR CE2  C  Y N 338 
TYR CZ   C  Y N 339 
TYR OH   O  N N 340 
TYR OXT  O  N N 341 
TYR H    H  N N 342 
TYR H2   H  N N 343 
TYR HA   H  N N 344 
TYR HB2  H  N N 345 
TYR HB3  H  N N 346 
TYR HD1  H  N N 347 
TYR HD2  H  N N 348 
TYR HE1  H  N N 349 
TYR HE2  H  N N 350 
TYR HH   H  N N 351 
TYR HXT  H  N N 352 
VAL N    N  N N 353 
VAL CA   C  N S 354 
VAL C    C  N N 355 
VAL O    O  N N 356 
VAL CB   C  N N 357 
VAL CG1  C  N N 358 
VAL CG2  C  N N 359 
VAL OXT  O  N N 360 
VAL H    H  N N 361 
VAL H2   H  N N 362 
VAL HA   H  N N 363 
VAL HB   H  N N 364 
VAL HG11 H  N N 365 
VAL HG12 H  N N 366 
VAL HG13 H  N N 367 
VAL HG21 H  N N 368 
VAL HG22 H  N N 369 
VAL HG23 H  N N 370 
VAL HXT  H  N N 371 
# 
loop_
_chem_comp_bond.comp_id 
_chem_comp_bond.atom_id_1 
_chem_comp_bond.atom_id_2 
_chem_comp_bond.value_order 
_chem_comp_bond.pdbx_aromatic_flag 
_chem_comp_bond.pdbx_stereo_config 
_chem_comp_bond.pdbx_ordinal 
ALA N   CA   sing N N 1   
ALA N   H    sing N N 2   
ALA N   H2   sing N N 3   
ALA CA  C    sing N N 4   
ALA CA  CB   sing N N 5   
ALA CA  HA   sing N N 6   
ALA C   O    doub N N 7   
ALA C   OXT  sing N N 8   
ALA CB  HB1  sing N N 9   
ALA CB  HB2  sing N N 10  
ALA CB  HB3  sing N N 11  
ALA OXT HXT  sing N N 12  
ARG N   CA   sing N N 13  
ARG N   H    sing N N 14  
ARG N   H2   sing N N 15  
ARG CA  C    sing N N 16  
ARG CA  CB   sing N N 17  
ARG CA  HA   sing N N 18  
ARG C   O    doub N N 19  
ARG C   OXT  sing N N 20  
ARG CB  CG   sing N N 21  
ARG CB  HB2  sing N N 22  
ARG CB  HB3  sing N N 23  
ARG CG  CD   sing N N 24  
ARG CG  HG2  sing N N 25  
ARG CG  HG3  sing N N 26  
ARG CD  NE   sing N N 27  
ARG CD  HD2  sing N N 28  
ARG CD  HD3  sing N N 29  
ARG NE  CZ   sing N N 30  
ARG NE  HE   sing N N 31  
ARG CZ  NH1  sing N N 32  
ARG CZ  NH2  doub N N 33  
ARG NH1 HH11 sing N N 34  
ARG NH1 HH12 sing N N 35  
ARG NH2 HH21 sing N N 36  
ARG NH2 HH22 sing N N 37  
ARG OXT HXT  sing N N 38  
ASN N   CA   sing N N 39  
ASN N   H    sing N N 40  
ASN N   H2   sing N N 41  
ASN CA  C    sing N N 42  
ASN CA  CB   sing N N 43  
ASN CA  HA   sing N N 44  
ASN C   O    doub N N 45  
ASN C   OXT  sing N N 46  
ASN CB  CG   sing N N 47  
ASN CB  HB2  sing N N 48  
ASN CB  HB3  sing N N 49  
ASN CG  OD1  doub N N 50  
ASN CG  ND2  sing N N 51  
ASN ND2 HD21 sing N N 52  
ASN ND2 HD22 sing N N 53  
ASN OXT HXT  sing N N 54  
ASP N   CA   sing N N 55  
ASP N   H    sing N N 56  
ASP N   H2   sing N N 57  
ASP CA  C    sing N N 58  
ASP CA  CB   sing N N 59  
ASP CA  HA   sing N N 60  
ASP C   O    doub N N 61  
ASP C   OXT  sing N N 62  
ASP CB  CG   sing N N 63  
ASP CB  HB2  sing N N 64  
ASP CB  HB3  sing N N 65  
ASP CG  OD1  doub N N 66  
ASP CG  OD2  sing N N 67  
ASP OD2 HD2  sing N N 68  
ASP OXT HXT  sing N N 69  
GLN N   CA   sing N N 70  
GLN N   H    sing N N 71  
GLN N   H2   sing N N 72  
GLN CA  C    sing N N 73  
GLN CA  CB   sing N N 74  
GLN CA  HA   sing N N 75  
GLN C   O    doub N N 76  
GLN C   OXT  sing N N 77  
GLN CB  CG   sing N N 78  
GLN CB  HB2  sing N N 79  
GLN CB  HB3  sing N N 80  
GLN CG  CD   sing N N 81  
GLN CG  HG2  sing N N 82  
GLN CG  HG3  sing N N 83  
GLN CD  OE1  doub N N 84  
GLN CD  NE2  sing N N 85  
GLN NE2 HE21 sing N N 86  
GLN NE2 HE22 sing N N 87  
GLN OXT HXT  sing N N 88  
GLU N   CA   sing N N 89  
GLU N   H    sing N N 90  
GLU N   H2   sing N N 91  
GLU CA  C    sing N N 92  
GLU CA  CB   sing N N 93  
GLU CA  HA   sing N N 94  
GLU C   O    doub N N 95  
GLU C   OXT  sing N N 96  
GLU CB  CG   sing N N 97  
GLU CB  HB2  sing N N 98  
GLU CB  HB3  sing N N 99  
GLU CG  CD   sing N N 100 
GLU CG  HG2  sing N N 101 
GLU CG  HG3  sing N N 102 
GLU CD  OE1  doub N N 103 
GLU CD  OE2  sing N N 104 
GLU OE2 HE2  sing N N 105 
GLU OXT HXT  sing N N 106 
GLY N   CA   sing N N 107 
GLY N   H    sing N N 108 
GLY N   H2   sing N N 109 
GLY CA  C    sing N N 110 
GLY CA  HA2  sing N N 111 
GLY CA  HA3  sing N N 112 
GLY C   O    doub N N 113 
GLY C   OXT  sing N N 114 
GLY OXT HXT  sing N N 115 
GOL C1  O1   sing N N 116 
GOL C1  C2   sing N N 117 
GOL C1  H11  sing N N 118 
GOL C1  H12  sing N N 119 
GOL O1  HO1  sing N N 120 
GOL C2  O2   sing N N 121 
GOL C2  C3   sing N N 122 
GOL C2  H2   sing N N 123 
GOL O2  HO2  sing N N 124 
GOL C3  O3   sing N N 125 
GOL C3  H31  sing N N 126 
GOL C3  H32  sing N N 127 
GOL O3  HO3  sing N N 128 
HIS N   CA   sing N N 129 
HIS N   H    sing N N 130 
HIS N   H2   sing N N 131 
HIS CA  C    sing N N 132 
HIS CA  CB   sing N N 133 
HIS CA  HA   sing N N 134 
HIS C   O    doub N N 135 
HIS C   OXT  sing N N 136 
HIS CB  CG   sing N N 137 
HIS CB  HB2  sing N N 138 
HIS CB  HB3  sing N N 139 
HIS CG  ND1  sing Y N 140 
HIS CG  CD2  doub Y N 141 
HIS ND1 CE1  doub Y N 142 
HIS ND1 HD1  sing N N 143 
HIS CD2 NE2  sing Y N 144 
HIS CD2 HD2  sing N N 145 
HIS CE1 NE2  sing Y N 146 
HIS CE1 HE1  sing N N 147 
HIS NE2 HE2  sing N N 148 
HIS OXT HXT  sing N N 149 
HOH O   H1   sing N N 150 
HOH O   H2   sing N N 151 
ILE N   CA   sing N N 152 
ILE N   H    sing N N 153 
ILE N   H2   sing N N 154 
ILE CA  C    sing N N 155 
ILE CA  CB   sing N N 156 
ILE CA  HA   sing N N 157 
ILE C   O    doub N N 158 
ILE C   OXT  sing N N 159 
ILE CB  CG1  sing N N 160 
ILE CB  CG2  sing N N 161 
ILE CB  HB   sing N N 162 
ILE CG1 CD1  sing N N 163 
ILE CG1 HG12 sing N N 164 
ILE CG1 HG13 sing N N 165 
ILE CG2 HG21 sing N N 166 
ILE CG2 HG22 sing N N 167 
ILE CG2 HG23 sing N N 168 
ILE CD1 HD11 sing N N 169 
ILE CD1 HD12 sing N N 170 
ILE CD1 HD13 sing N N 171 
ILE OXT HXT  sing N N 172 
LEU N   CA   sing N N 173 
LEU N   H    sing N N 174 
LEU N   H2   sing N N 175 
LEU CA  C    sing N N 176 
LEU CA  CB   sing N N 177 
LEU CA  HA   sing N N 178 
LEU C   O    doub N N 179 
LEU C   OXT  sing N N 180 
LEU CB  CG   sing N N 181 
LEU CB  HB2  sing N N 182 
LEU CB  HB3  sing N N 183 
LEU CG  CD1  sing N N 184 
LEU CG  CD2  sing N N 185 
LEU CG  HG   sing N N 186 
LEU CD1 HD11 sing N N 187 
LEU CD1 HD12 sing N N 188 
LEU CD1 HD13 sing N N 189 
LEU CD2 HD21 sing N N 190 
LEU CD2 HD22 sing N N 191 
LEU CD2 HD23 sing N N 192 
LEU OXT HXT  sing N N 193 
LYS N   CA   sing N N 194 
LYS N   H    sing N N 195 
LYS N   H2   sing N N 196 
LYS CA  C    sing N N 197 
LYS CA  CB   sing N N 198 
LYS CA  HA   sing N N 199 
LYS C   O    doub N N 200 
LYS C   OXT  sing N N 201 
LYS CB  CG   sing N N 202 
LYS CB  HB2  sing N N 203 
LYS CB  HB3  sing N N 204 
LYS CG  CD   sing N N 205 
LYS CG  HG2  sing N N 206 
LYS CG  HG3  sing N N 207 
LYS CD  CE   sing N N 208 
LYS CD  HD2  sing N N 209 
LYS CD  HD3  sing N N 210 
LYS CE  NZ   sing N N 211 
LYS CE  HE2  sing N N 212 
LYS CE  HE3  sing N N 213 
LYS NZ  HZ1  sing N N 214 
LYS NZ  HZ2  sing N N 215 
LYS NZ  HZ3  sing N N 216 
LYS OXT HXT  sing N N 217 
PHE N   CA   sing N N 218 
PHE N   H    sing N N 219 
PHE N   H2   sing N N 220 
PHE CA  C    sing N N 221 
PHE CA  CB   sing N N 222 
PHE CA  HA   sing N N 223 
PHE C   O    doub N N 224 
PHE C   OXT  sing N N 225 
PHE CB  CG   sing N N 226 
PHE CB  HB2  sing N N 227 
PHE CB  HB3  sing N N 228 
PHE CG  CD1  doub Y N 229 
PHE CG  CD2  sing Y N 230 
PHE CD1 CE1  sing Y N 231 
PHE CD1 HD1  sing N N 232 
PHE CD2 CE2  doub Y N 233 
PHE CD2 HD2  sing N N 234 
PHE CE1 CZ   doub Y N 235 
PHE CE1 HE1  sing N N 236 
PHE CE2 CZ   sing Y N 237 
PHE CE2 HE2  sing N N 238 
PHE CZ  HZ   sing N N 239 
PHE OXT HXT  sing N N 240 
PRO N   CA   sing N N 241 
PRO N   CD   sing N N 242 
PRO N   H    sing N N 243 
PRO CA  C    sing N N 244 
PRO CA  CB   sing N N 245 
PRO CA  HA   sing N N 246 
PRO C   O    doub N N 247 
PRO C   OXT  sing N N 248 
PRO CB  CG   sing N N 249 
PRO CB  HB2  sing N N 250 
PRO CB  HB3  sing N N 251 
PRO CG  CD   sing N N 252 
PRO CG  HG2  sing N N 253 
PRO CG  HG3  sing N N 254 
PRO CD  HD2  sing N N 255 
PRO CD  HD3  sing N N 256 
PRO OXT HXT  sing N N 257 
SER N   CA   sing N N 258 
SER N   H    sing N N 259 
SER N   H2   sing N N 260 
SER CA  C    sing N N 261 
SER CA  CB   sing N N 262 
SER CA  HA   sing N N 263 
SER C   O    doub N N 264 
SER C   OXT  sing N N 265 
SER CB  OG   sing N N 266 
SER CB  HB2  sing N N 267 
SER CB  HB3  sing N N 268 
SER OG  HG   sing N N 269 
SER OXT HXT  sing N N 270 
THR N   CA   sing N N 271 
THR N   H    sing N N 272 
THR N   H2   sing N N 273 
THR CA  C    sing N N 274 
THR CA  CB   sing N N 275 
THR CA  HA   sing N N 276 
THR C   O    doub N N 277 
THR C   OXT  sing N N 278 
THR CB  OG1  sing N N 279 
THR CB  CG2  sing N N 280 
THR CB  HB   sing N N 281 
THR OG1 HG1  sing N N 282 
THR CG2 HG21 sing N N 283 
THR CG2 HG22 sing N N 284 
THR CG2 HG23 sing N N 285 
THR OXT HXT  sing N N 286 
TRP N   CA   sing N N 287 
TRP N   H    sing N N 288 
TRP N   H2   sing N N 289 
TRP CA  C    sing N N 290 
TRP CA  CB   sing N N 291 
TRP CA  HA   sing N N 292 
TRP C   O    doub N N 293 
TRP C   OXT  sing N N 294 
TRP CB  CG   sing N N 295 
TRP CB  HB2  sing N N 296 
TRP CB  HB3  sing N N 297 
TRP CG  CD1  doub Y N 298 
TRP CG  CD2  sing Y N 299 
TRP CD1 NE1  sing Y N 300 
TRP CD1 HD1  sing N N 301 
TRP CD2 CE2  doub Y N 302 
TRP CD2 CE3  sing Y N 303 
TRP NE1 CE2  sing Y N 304 
TRP NE1 HE1  sing N N 305 
TRP CE2 CZ2  sing Y N 306 
TRP CE3 CZ3  doub Y N 307 
TRP CE3 HE3  sing N N 308 
TRP CZ2 CH2  doub Y N 309 
TRP CZ2 HZ2  sing N N 310 
TRP CZ3 CH2  sing Y N 311 
TRP CZ3 HZ3  sing N N 312 
TRP CH2 HH2  sing N N 313 
TRP OXT HXT  sing N N 314 
TYR N   CA   sing N N 315 
TYR N   H    sing N N 316 
TYR N   H2   sing N N 317 
TYR CA  C    sing N N 318 
TYR CA  CB   sing N N 319 
TYR CA  HA   sing N N 320 
TYR C   O    doub N N 321 
TYR C   OXT  sing N N 322 
TYR CB  CG   sing N N 323 
TYR CB  HB2  sing N N 324 
TYR CB  HB3  sing N N 325 
TYR CG  CD1  doub Y N 326 
TYR CG  CD2  sing Y N 327 
TYR CD1 CE1  sing Y N 328 
TYR CD1 HD1  sing N N 329 
TYR CD2 CE2  doub Y N 330 
TYR CD2 HD2  sing N N 331 
TYR CE1 CZ   doub Y N 332 
TYR CE1 HE1  sing N N 333 
TYR CE2 CZ   sing Y N 334 
TYR CE2 HE2  sing N N 335 
TYR CZ  OH   sing N N 336 
TYR OH  HH   sing N N 337 
TYR OXT HXT  sing N N 338 
VAL N   CA   sing N N 339 
VAL N   H    sing N N 340 
VAL N   H2   sing N N 341 
VAL CA  C    sing N N 342 
VAL CA  CB   sing N N 343 
VAL CA  HA   sing N N 344 
VAL C   O    doub N N 345 
VAL C   OXT  sing N N 346 
VAL CB  CG1  sing N N 347 
VAL CB  CG2  sing N N 348 
VAL CB  HB   sing N N 349 
VAL CG1 HG11 sing N N 350 
VAL CG1 HG12 sing N N 351 
VAL CG1 HG13 sing N N 352 
VAL CG2 HG21 sing N N 353 
VAL CG2 HG22 sing N N 354 
VAL CG2 HG23 sing N N 355 
VAL OXT HXT  sing N N 356 
# 
loop_
_pdbx_entity_nonpoly.entity_id 
_pdbx_entity_nonpoly.name 
_pdbx_entity_nonpoly.comp_id 
2 GLYCEROL       GOL 
3 'CHLORIDE ION' CL  
4 water          HOH 
# 
_pdbx_initial_refinement_model.id               1 
_pdbx_initial_refinement_model.entity_id_list   ? 
_pdbx_initial_refinement_model.type             'experimental model' 
_pdbx_initial_refinement_model.source_name      PDB 
_pdbx_initial_refinement_model.accession_code   1C3K 
_pdbx_initial_refinement_model.details          'PDB ENTRY 1C3K' 
# 
